data_4NJP
# 
_entry.id   4NJP 
# 
_audit_conform.dict_name       mmcif_pdbx.dic 
_audit_conform.dict_version    5.379 
_audit_conform.dict_location   http://mmcif.pdb.org/dictionaries/ascii/mmcif_pdbx.dic 
# 
loop_
_database_2.database_id 
_database_2.database_code 
_database_2.pdbx_database_accession 
_database_2.pdbx_DOI 
PDB   4NJP         pdb_00004njp 10.2210/pdb4njp/pdb 
RCSB  RCSB083288   ?            ?                   
WWPDB D_1000083288 ?            ?                   
# 
loop_
_pdbx_database_related.db_name 
_pdbx_database_related.db_id 
_pdbx_database_related.details 
_pdbx_database_related.content_type 
PDB 2IC8 'The same protein crystallized at different pH' unspecified 
PDB 4NJN .                                               unspecified 
# 
_pdbx_database_status.status_code                     REL 
_pdbx_database_status.entry_id                        4NJP 
_pdbx_database_status.recvd_initial_deposition_date   2013-11-11 
_pdbx_database_status.deposit_site                    RCSB 
_pdbx_database_status.process_site                    RCSB 
_pdbx_database_status.status_code_sf                  REL 
_pdbx_database_status.status_code_mr                  ? 
_pdbx_database_status.SG_entry                        ? 
_pdbx_database_status.status_code_cs                  ? 
_pdbx_database_status.methods_development_category    ? 
_pdbx_database_status.pdb_format_compatible           Y 
_pdbx_database_status.status_code_nmr_data            ? 
# 
loop_
_audit_author.name 
_audit_author.pdbx_ordinal 
'Dickey, S.W.' 1 
'Baker, R.P.'  2 
'Cho, S.'      3 
'Urban, S.'    4 
# 
_citation.id                        primary 
_citation.title                     'Proteolysis inside the Membrane Is a Rate-Governed Reaction Not Driven by Substrate Affinity.' 
_citation.journal_abbrev            'Cell(Cambridge,Mass.)' 
_citation.journal_volume            155 
_citation.page_first                1270 
_citation.page_last                 1281 
_citation.year                      2013 
_citation.journal_id_ASTM           CELLB5 
_citation.country                   US 
_citation.journal_id_ISSN           0092-8674 
_citation.journal_id_CSD            0998 
_citation.book_publisher            ? 
_citation.pdbx_database_id_PubMed   24315097 
_citation.pdbx_database_id_DOI      10.1016/j.cell.2013.10.053 
# 
loop_
_citation_author.citation_id 
_citation_author.name 
_citation_author.ordinal 
_citation_author.identifier_ORCID 
primary 'Dickey, S.W.' 1 ? 
primary 'Baker, R.P.'  2 ? 
primary 'Cho, S.'      3 ? 
primary 'Urban, S.'    4 ? 
# 
_cell.entry_id           4NJP 
_cell.length_a           110.620 
_cell.length_b           110.620 
_cell.length_c           127.730 
_cell.angle_alpha        90.00 
_cell.angle_beta         90.00 
_cell.angle_gamma        120.00 
_cell.Z_PDB              18 
_cell.pdbx_unique_axis   ? 
_cell.length_a_esd       ? 
_cell.length_b_esd       ? 
_cell.length_c_esd       ? 
_cell.angle_alpha_esd    ? 
_cell.angle_beta_esd     ? 
_cell.angle_gamma_esd    ? 
# 
_symmetry.entry_id                         4NJP 
_symmetry.space_group_name_H-M             'H 3 2' 
_symmetry.pdbx_full_space_group_name_H-M   ? 
_symmetry.cell_setting                     ? 
_symmetry.Int_Tables_number                155 
_symmetry.space_group_name_Hall            ? 
# 
loop_
_entity.id 
_entity.type 
_entity.src_method 
_entity.pdbx_description 
_entity.formula_weight 
_entity.pdbx_number_of_molecules 
_entity.pdbx_ec 
_entity.pdbx_mutation 
_entity.pdbx_fragment 
_entity.details 
1 polymer man 'Rhomboid protease GlpG' 23816.133 1  3.4.21.105 ? 'UNP RESIDUES 87-276' ? 
2 water   nat water                    18.015    50 ?          ? ?                     ? 
# 
_entity_name_com.entity_id   1 
_entity_name_com.name        'Intramembrane serine protease' 
# 
_entity_poly.entity_id                      1 
_entity_poly.type                           'polypeptide(L)' 
_entity_poly.nstd_linkage                   no 
_entity_poly.nstd_monomer                   no 
_entity_poly.pdbx_seq_one_letter_code       
;MGSSHHHHHHSSGLVPRGSHMAALRERAGPVTWVMMIACVVVFIAMQILGDQEVMLWLAWPFDPTLKFEFWRYFTHALMH
FSLMHILFNLLWWWYLGGAVEKRLGSGKLIVITLISALLSGYVQQKFSGPWFGGLSGVVYALMGYVWLRGERDPQSGIYL
QRGLIIFALIWIVAGWFDLFGMSMANGAHIAGLAVGLAMAFVDSLNARKRK
;
_entity_poly.pdbx_seq_one_letter_code_can   
;MGSSHHHHHHSSGLVPRGSHMAALRERAGPVTWVMMIACVVVFIAMQILGDQEVMLWLAWPFDPTLKFEFWRYFTHALMH
FSLMHILFNLLWWWYLGGAVEKRLGSGKLIVITLISALLSGYVQQKFSGPWFGGLSGVVYALMGYVWLRGERDPQSGIYL
QRGLIIFALIWIVAGWFDLFGMSMANGAHIAGLAVGLAMAFVDSLNARKRK
;
_entity_poly.pdbx_strand_id                 A 
_entity_poly.pdbx_target_identifier         ? 
# 
loop_
_entity_poly_seq.entity_id 
_entity_poly_seq.num 
_entity_poly_seq.mon_id 
_entity_poly_seq.hetero 
1 1   MET n 
1 2   GLY n 
1 3   SER n 
1 4   SER n 
1 5   HIS n 
1 6   HIS n 
1 7   HIS n 
1 8   HIS n 
1 9   HIS n 
1 10  HIS n 
1 11  SER n 
1 12  SER n 
1 13  GLY n 
1 14  LEU n 
1 15  VAL n 
1 16  PRO n 
1 17  ARG n 
1 18  GLY n 
1 19  SER n 
1 20  HIS n 
1 21  MET n 
1 22  ALA n 
1 23  ALA n 
1 24  LEU n 
1 25  ARG n 
1 26  GLU n 
1 27  ARG n 
1 28  ALA n 
1 29  GLY n 
1 30  PRO n 
1 31  VAL n 
1 32  THR n 
1 33  TRP n 
1 34  VAL n 
1 35  MET n 
1 36  MET n 
1 37  ILE n 
1 38  ALA n 
1 39  CYS n 
1 40  VAL n 
1 41  VAL n 
1 42  VAL n 
1 43  PHE n 
1 44  ILE n 
1 45  ALA n 
1 46  MET n 
1 47  GLN n 
1 48  ILE n 
1 49  LEU n 
1 50  GLY n 
1 51  ASP n 
1 52  GLN n 
1 53  GLU n 
1 54  VAL n 
1 55  MET n 
1 56  LEU n 
1 57  TRP n 
1 58  LEU n 
1 59  ALA n 
1 60  TRP n 
1 61  PRO n 
1 62  PHE n 
1 63  ASP n 
1 64  PRO n 
1 65  THR n 
1 66  LEU n 
1 67  LYS n 
1 68  PHE n 
1 69  GLU n 
1 70  PHE n 
1 71  TRP n 
1 72  ARG n 
1 73  TYR n 
1 74  PHE n 
1 75  THR n 
1 76  HIS n 
1 77  ALA n 
1 78  LEU n 
1 79  MET n 
1 80  HIS n 
1 81  PHE n 
1 82  SER n 
1 83  LEU n 
1 84  MET n 
1 85  HIS n 
1 86  ILE n 
1 87  LEU n 
1 88  PHE n 
1 89  ASN n 
1 90  LEU n 
1 91  LEU n 
1 92  TRP n 
1 93  TRP n 
1 94  TRP n 
1 95  TYR n 
1 96  LEU n 
1 97  GLY n 
1 98  GLY n 
1 99  ALA n 
1 100 VAL n 
1 101 GLU n 
1 102 LYS n 
1 103 ARG n 
1 104 LEU n 
1 105 GLY n 
1 106 SER n 
1 107 GLY n 
1 108 LYS n 
1 109 LEU n 
1 110 ILE n 
1 111 VAL n 
1 112 ILE n 
1 113 THR n 
1 114 LEU n 
1 115 ILE n 
1 116 SER n 
1 117 ALA n 
1 118 LEU n 
1 119 LEU n 
1 120 SER n 
1 121 GLY n 
1 122 TYR n 
1 123 VAL n 
1 124 GLN n 
1 125 GLN n 
1 126 LYS n 
1 127 PHE n 
1 128 SER n 
1 129 GLY n 
1 130 PRO n 
1 131 TRP n 
1 132 PHE n 
1 133 GLY n 
1 134 GLY n 
1 135 LEU n 
1 136 SER n 
1 137 GLY n 
1 138 VAL n 
1 139 VAL n 
1 140 TYR n 
1 141 ALA n 
1 142 LEU n 
1 143 MET n 
1 144 GLY n 
1 145 TYR n 
1 146 VAL n 
1 147 TRP n 
1 148 LEU n 
1 149 ARG n 
1 150 GLY n 
1 151 GLU n 
1 152 ARG n 
1 153 ASP n 
1 154 PRO n 
1 155 GLN n 
1 156 SER n 
1 157 GLY n 
1 158 ILE n 
1 159 TYR n 
1 160 LEU n 
1 161 GLN n 
1 162 ARG n 
1 163 GLY n 
1 164 LEU n 
1 165 ILE n 
1 166 ILE n 
1 167 PHE n 
1 168 ALA n 
1 169 LEU n 
1 170 ILE n 
1 171 TRP n 
1 172 ILE n 
1 173 VAL n 
1 174 ALA n 
1 175 GLY n 
1 176 TRP n 
1 177 PHE n 
1 178 ASP n 
1 179 LEU n 
1 180 PHE n 
1 181 GLY n 
1 182 MET n 
1 183 SER n 
1 184 MET n 
1 185 ALA n 
1 186 ASN n 
1 187 GLY n 
1 188 ALA n 
1 189 HIS n 
1 190 ILE n 
1 191 ALA n 
1 192 GLY n 
1 193 LEU n 
1 194 ALA n 
1 195 VAL n 
1 196 GLY n 
1 197 LEU n 
1 198 ALA n 
1 199 MET n 
1 200 ALA n 
1 201 PHE n 
1 202 VAL n 
1 203 ASP n 
1 204 SER n 
1 205 LEU n 
1 206 ASN n 
1 207 ALA n 
1 208 ARG n 
1 209 LYS n 
1 210 ARG n 
1 211 LYS n 
# 
_entity_src_gen.entity_id                          1 
_entity_src_gen.pdbx_src_id                        1 
_entity_src_gen.pdbx_alt_source_flag               sample 
_entity_src_gen.pdbx_seq_type                      ? 
_entity_src_gen.pdbx_beg_seq_num                   ? 
_entity_src_gen.pdbx_end_seq_num                   ? 
_entity_src_gen.gene_src_common_name               ? 
_entity_src_gen.gene_src_genus                     ? 
_entity_src_gen.pdbx_gene_src_gene                 'glpG, b3424, JW5687' 
_entity_src_gen.gene_src_species                   ? 
_entity_src_gen.gene_src_strain                    ? 
_entity_src_gen.gene_src_tissue                    ? 
_entity_src_gen.gene_src_tissue_fraction           ? 
_entity_src_gen.gene_src_details                   ? 
_entity_src_gen.pdbx_gene_src_fragment             ? 
_entity_src_gen.pdbx_gene_src_scientific_name      'Escherichia coli' 
_entity_src_gen.pdbx_gene_src_ncbi_taxonomy_id     562 
_entity_src_gen.pdbx_gene_src_variant              ? 
_entity_src_gen.pdbx_gene_src_cell_line            ? 
_entity_src_gen.pdbx_gene_src_atcc                 ? 
_entity_src_gen.pdbx_gene_src_organ                ? 
_entity_src_gen.pdbx_gene_src_organelle            ? 
_entity_src_gen.pdbx_gene_src_cell                 ? 
_entity_src_gen.pdbx_gene_src_cellular_location    ? 
_entity_src_gen.host_org_common_name               ? 
_entity_src_gen.pdbx_host_org_scientific_name      'Escherichia coli' 
_entity_src_gen.pdbx_host_org_ncbi_taxonomy_id     562 
_entity_src_gen.host_org_genus                     ? 
_entity_src_gen.pdbx_host_org_gene                 ? 
_entity_src_gen.pdbx_host_org_organ                ? 
_entity_src_gen.host_org_species                   ? 
_entity_src_gen.pdbx_host_org_tissue               ? 
_entity_src_gen.pdbx_host_org_tissue_fraction      ? 
_entity_src_gen.pdbx_host_org_strain               ? 
_entity_src_gen.pdbx_host_org_variant              ? 
_entity_src_gen.pdbx_host_org_cell_line            ? 
_entity_src_gen.pdbx_host_org_atcc                 ? 
_entity_src_gen.pdbx_host_org_culture_collection   ? 
_entity_src_gen.pdbx_host_org_cell                 ? 
_entity_src_gen.pdbx_host_org_organelle            ? 
_entity_src_gen.pdbx_host_org_cellular_location    ? 
_entity_src_gen.pdbx_host_org_vector_type          ? 
_entity_src_gen.pdbx_host_org_vector               ? 
_entity_src_gen.host_org_details                   ? 
_entity_src_gen.expression_system_id               ? 
_entity_src_gen.plasmid_name                       ? 
_entity_src_gen.plasmid_details                    ? 
_entity_src_gen.pdbx_description                   ? 
# 
_struct_ref.id                         1 
_struct_ref.db_name                    UNP 
_struct_ref.db_code                    GLPG_ECOLI 
_struct_ref.pdbx_db_accession          P09391 
_struct_ref.entity_id                  1 
_struct_ref.pdbx_seq_one_letter_code   
;AALRERAGPVTWVMMIACVVVFIAMQILGDQEVMLWLAWPFDPTLKFEFWRYFTHALMHFSLMHILFNLLWWWYLGGAVE
KRLGSGKLIVITLISALLSGYVQQKFSGPWFGGLSGVVYALMGYVWLRGERDPQSGIYLQRGLIIFALIWIVAGWFDLFG
MSMANGAHIAGLAVGLAMAFVDSLNARKRK
;
_struct_ref.pdbx_align_begin           87 
_struct_ref.pdbx_db_isoform            ? 
# 
_struct_ref_seq.align_id                      1 
_struct_ref_seq.ref_id                        1 
_struct_ref_seq.pdbx_PDB_id_code              4NJP 
_struct_ref_seq.pdbx_strand_id                A 
_struct_ref_seq.seq_align_beg                 22 
_struct_ref_seq.pdbx_seq_align_beg_ins_code   ? 
_struct_ref_seq.seq_align_end                 211 
_struct_ref_seq.pdbx_seq_align_end_ins_code   ? 
_struct_ref_seq.pdbx_db_accession             P09391 
_struct_ref_seq.db_align_beg                  87 
_struct_ref_seq.pdbx_db_align_beg_ins_code    ? 
_struct_ref_seq.db_align_end                  276 
_struct_ref_seq.pdbx_db_align_end_ins_code    ? 
_struct_ref_seq.pdbx_auth_seq_align_beg       87 
_struct_ref_seq.pdbx_auth_seq_align_end       276 
# 
loop_
_struct_ref_seq_dif.align_id 
_struct_ref_seq_dif.pdbx_pdb_id_code 
_struct_ref_seq_dif.mon_id 
_struct_ref_seq_dif.pdbx_pdb_strand_id 
_struct_ref_seq_dif.seq_num 
_struct_ref_seq_dif.pdbx_pdb_ins_code 
_struct_ref_seq_dif.pdbx_seq_db_name 
_struct_ref_seq_dif.pdbx_seq_db_accession_code 
_struct_ref_seq_dif.db_mon_id 
_struct_ref_seq_dif.pdbx_seq_db_seq_num 
_struct_ref_seq_dif.details 
_struct_ref_seq_dif.pdbx_auth_seq_num 
_struct_ref_seq_dif.pdbx_ordinal 
1 4NJP MET A 1  ? UNP P09391 ? ? 'expression tag' 66 1  
1 4NJP GLY A 2  ? UNP P09391 ? ? 'expression tag' 67 2  
1 4NJP SER A 3  ? UNP P09391 ? ? 'expression tag' 68 3  
1 4NJP SER A 4  ? UNP P09391 ? ? 'expression tag' 69 4  
1 4NJP HIS A 5  ? UNP P09391 ? ? 'expression tag' 70 5  
1 4NJP HIS A 6  ? UNP P09391 ? ? 'expression tag' 71 6  
1 4NJP HIS A 7  ? UNP P09391 ? ? 'expression tag' 72 7  
1 4NJP HIS A 8  ? UNP P09391 ? ? 'expression tag' 73 8  
1 4NJP HIS A 9  ? UNP P09391 ? ? 'expression tag' 74 9  
1 4NJP HIS A 10 ? UNP P09391 ? ? 'expression tag' 75 10 
1 4NJP SER A 11 ? UNP P09391 ? ? 'expression tag' 76 11 
1 4NJP SER A 12 ? UNP P09391 ? ? 'expression tag' 77 12 
1 4NJP GLY A 13 ? UNP P09391 ? ? 'expression tag' 78 13 
1 4NJP LEU A 14 ? UNP P09391 ? ? 'expression tag' 79 14 
1 4NJP VAL A 15 ? UNP P09391 ? ? 'expression tag' 80 15 
1 4NJP PRO A 16 ? UNP P09391 ? ? 'expression tag' 81 16 
1 4NJP ARG A 17 ? UNP P09391 ? ? 'expression tag' 82 17 
1 4NJP GLY A 18 ? UNP P09391 ? ? 'expression tag' 83 18 
1 4NJP SER A 19 ? UNP P09391 ? ? 'expression tag' 84 19 
1 4NJP HIS A 20 ? UNP P09391 ? ? 'expression tag' 85 20 
1 4NJP MET A 21 ? UNP P09391 ? ? 'expression tag' 86 21 
# 
loop_
_chem_comp.id 
_chem_comp.type 
_chem_comp.mon_nstd_flag 
_chem_comp.name 
_chem_comp.pdbx_synonyms 
_chem_comp.formula 
_chem_comp.formula_weight 
ALA 'L-peptide linking' y ALANINE         ? 'C3 H7 N O2'     89.093  
ARG 'L-peptide linking' y ARGININE        ? 'C6 H15 N4 O2 1' 175.209 
ASN 'L-peptide linking' y ASPARAGINE      ? 'C4 H8 N2 O3'    132.118 
ASP 'L-peptide linking' y 'ASPARTIC ACID' ? 'C4 H7 N O4'     133.103 
CYS 'L-peptide linking' y CYSTEINE        ? 'C3 H7 N O2 S'   121.158 
GLN 'L-peptide linking' y GLUTAMINE       ? 'C5 H10 N2 O3'   146.144 
GLU 'L-peptide linking' y 'GLUTAMIC ACID' ? 'C5 H9 N O4'     147.129 
GLY 'peptide linking'   y GLYCINE         ? 'C2 H5 N O2'     75.067  
HIS 'L-peptide linking' y HISTIDINE       ? 'C6 H10 N3 O2 1' 156.162 
HOH non-polymer         . WATER           ? 'H2 O'           18.015  
ILE 'L-peptide linking' y ISOLEUCINE      ? 'C6 H13 N O2'    131.173 
LEU 'L-peptide linking' y LEUCINE         ? 'C6 H13 N O2'    131.173 
LYS 'L-peptide linking' y LYSINE          ? 'C6 H15 N2 O2 1' 147.195 
MET 'L-peptide linking' y METHIONINE      ? 'C5 H11 N O2 S'  149.211 
PHE 'L-peptide linking' y PHENYLALANINE   ? 'C9 H11 N O2'    165.189 
PRO 'L-peptide linking' y PROLINE         ? 'C5 H9 N O2'     115.130 
SER 'L-peptide linking' y SERINE          ? 'C3 H7 N O3'     105.093 
THR 'L-peptide linking' y THREONINE       ? 'C4 H9 N O3'     119.119 
TRP 'L-peptide linking' y TRYPTOPHAN      ? 'C11 H12 N2 O2'  204.225 
TYR 'L-peptide linking' y TYROSINE        ? 'C9 H11 N O3'    181.189 
VAL 'L-peptide linking' y VALINE          ? 'C5 H11 N O2'    117.146 
# 
_exptl.entry_id          4NJP 
_exptl.method            'X-RAY DIFFRACTION' 
_exptl.crystals_number   1 
# 
_exptl_crystal.id                    1 
_exptl_crystal.density_meas          ? 
_exptl_crystal.density_Matthews      3.16 
_exptl_crystal.density_percent_sol   61.05 
_exptl_crystal.description           ? 
_exptl_crystal.F_000                 ? 
_exptl_crystal.preparation           ? 
# 
_exptl_crystal_grow.crystal_id      1 
_exptl_crystal_grow.method          'VAPOR DIFFUSION, HANGING DROP' 
_exptl_crystal_grow.temp            298 
_exptl_crystal_grow.temp_details    ? 
_exptl_crystal_grow.pH              7.5 
_exptl_crystal_grow.pdbx_details    '0.1M HEPES pH7.5, 3M NaCl, 10% Glycerol , VAPOR DIFFUSION, HANGING DROP, temperature 298K' 
_exptl_crystal_grow.pdbx_pH_range   ? 
# 
_diffrn.id                     1 
_diffrn.ambient_temp           200 
_diffrn.ambient_temp_details   ? 
_diffrn.crystal_id             1 
# 
_diffrn_detector.diffrn_id              1 
_diffrn_detector.detector               CCD 
_diffrn_detector.type                   'ADSC QUANTUM 270' 
_diffrn_detector.pdbx_collection_date   2012-07-02 
_diffrn_detector.details                ? 
# 
_diffrn_radiation.diffrn_id                        1 
_diffrn_radiation.wavelength_id                    1 
_diffrn_radiation.pdbx_monochromatic_or_laue_m_l   M 
_diffrn_radiation.monochromator                    ? 
_diffrn_radiation.pdbx_diffrn_protocol             'SINGLE WAVELENGTH' 
_diffrn_radiation.pdbx_scattering_type             x-ray 
# 
_diffrn_radiation_wavelength.id           1 
_diffrn_radiation_wavelength.wavelength   1.54180 
_diffrn_radiation_wavelength.wt           1.0 
# 
_diffrn_source.diffrn_id                   1 
_diffrn_source.source                      SYNCHROTRON 
_diffrn_source.type                        'CHESS BEAMLINE F1' 
_diffrn_source.pdbx_synchrotron_site       CHESS 
_diffrn_source.pdbx_synchrotron_beamline   F1 
_diffrn_source.pdbx_wavelength             ? 
_diffrn_source.pdbx_wavelength_list        1.54180 
# 
_reflns.entry_id                     4NJP 
_reflns.observed_criterion_sigma_I   2 
_reflns.observed_criterion_sigma_F   ? 
_reflns.d_resolution_low             44.89 
_reflns.d_resolution_high            2.17 
_reflns.number_obs                   10817 
_reflns.number_all                   ? 
_reflns.percent_possible_obs         99.5 
_reflns.pdbx_Rmerge_I_obs            ? 
_reflns.pdbx_Rsym_value              ? 
_reflns.pdbx_netI_over_sigmaI        ? 
_reflns.B_iso_Wilson_estimate        ? 
_reflns.pdbx_redundancy              ? 
_reflns.R_free_details               ? 
_reflns.limit_h_max                  ? 
_reflns.limit_h_min                  ? 
_reflns.limit_k_max                  ? 
_reflns.limit_k_min                  ? 
_reflns.limit_l_max                  ? 
_reflns.limit_l_min                  ? 
_reflns.observed_criterion_F_max     ? 
_reflns.observed_criterion_F_min     ? 
_reflns.pdbx_chi_squared             ? 
_reflns.pdbx_scaling_rejects         ? 
_reflns.pdbx_ordinal                 1 
_reflns.pdbx_diffrn_id               1 
# 
_reflns_shell.d_res_high             2.17 
_reflns_shell.d_res_low              2.21 
_reflns_shell.percent_possible_all   99.5 
_reflns_shell.Rmerge_I_obs           ? 
_reflns_shell.pdbx_Rsym_value        ? 
_reflns_shell.meanI_over_sigI_obs    ? 
_reflns_shell.pdbx_redundancy        ? 
_reflns_shell.percent_possible_obs   ? 
_reflns_shell.number_unique_all      ? 
_reflns_shell.number_measured_all    ? 
_reflns_shell.number_measured_obs    ? 
_reflns_shell.number_unique_obs      ? 
_reflns_shell.pdbx_chi_squared       ? 
_reflns_shell.pdbx_ordinal           1 
_reflns_shell.pdbx_diffrn_id         1 
# 
_refine.entry_id                                 4NJP 
_refine.ls_number_reflns_obs                     9925 
_refine.ls_number_reflns_all                     ? 
_refine.pdbx_ls_sigma_I                          ? 
_refine.pdbx_ls_sigma_F                          . 
_refine.pdbx_data_cutoff_high_absF               ? 
_refine.pdbx_data_cutoff_low_absF                ? 
_refine.pdbx_data_cutoff_high_rms_absF           ? 
_refine.ls_d_res_low                             44.89 
_refine.ls_d_res_high                            2.40 
_refine.ls_percent_reflns_obs                    87.20 
_refine.ls_R_factor_obs                          0.18955 
_refine.ls_R_factor_all                          ? 
_refine.ls_R_factor_R_work                       0.18688 
_refine.ls_R_factor_R_free                       0.24383 
_refine.ls_R_factor_R_free_error                 ? 
_refine.ls_R_factor_R_free_error_details         ? 
_refine.ls_percent_reflns_R_free                 4.9 
_refine.ls_number_reflns_R_free                  509 
_refine.ls_number_parameters                     ? 
_refine.ls_number_restraints                     ? 
_refine.occupancy_min                            ? 
_refine.occupancy_max                            ? 
_refine.correlation_coeff_Fo_to_Fc               0.944 
_refine.correlation_coeff_Fo_to_Fc_free          0.924 
_refine.B_iso_mean                               43.187 
_refine.aniso_B[1][1]                            -0.04 
_refine.aniso_B[2][2]                            -0.04 
_refine.aniso_B[3][3]                            0.12 
_refine.aniso_B[1][2]                            -0.04 
_refine.aniso_B[1][3]                            -0.00 
_refine.aniso_B[2][3]                            0.00 
_refine.solvent_model_details                    MASK 
_refine.solvent_model_param_ksol                 ? 
_refine.solvent_model_param_bsol                 ? 
_refine.pdbx_solvent_vdw_probe_radii             1.20 
_refine.pdbx_solvent_ion_probe_radii             0.80 
_refine.pdbx_solvent_shrinkage_radii             0.80 
_refine.pdbx_ls_cross_valid_method               THROUGHOUT 
_refine.details                                  'HYDROGENS HAVE BEEN ADDED IN THE RIDING POSITIONS' 
_refine.pdbx_starting_model                      'PDB ENTRY 2IC8' 
_refine.pdbx_method_to_determine_struct          'MOLECULAR REPLACEMENT' 
_refine.pdbx_isotropic_thermal_model             ? 
_refine.pdbx_stereochemistry_target_values       'MAXIMUM LIKELIHOOD' 
_refine.pdbx_stereochem_target_val_spec_case     ? 
_refine.pdbx_R_Free_selection_details            RANDOM 
_refine.pdbx_overall_ESU_R                       0.296 
_refine.pdbx_overall_ESU_R_Free                  0.242 
_refine.overall_SU_ML                            0.147 
_refine.pdbx_overall_phase_error                 ? 
_refine.overall_SU_B                             6.180 
_refine.overall_SU_R_Cruickshank_DPI             ? 
_refine.ls_redundancy_reflns_obs                 ? 
_refine.B_iso_min                                ? 
_refine.B_iso_max                                ? 
_refine.overall_SU_R_free                        ? 
_refine.ls_wR_factor_R_free                      ? 
_refine.ls_wR_factor_R_work                      ? 
_refine.overall_FOM_free_R_set                   ? 
_refine.overall_FOM_work_R_set                   ? 
_refine.pdbx_diffrn_id                           1 
_refine.pdbx_refine_id                           'X-RAY DIFFRACTION' 
_refine.pdbx_TLS_residual_ADP_flag               ? 
_refine.pdbx_overall_SU_R_free_Cruickshank_DPI   ? 
_refine.pdbx_overall_SU_R_Blow_DPI               ? 
_refine.pdbx_overall_SU_R_free_Blow_DPI          ? 
# 
_refine_hist.pdbx_refine_id                   'X-RAY DIFFRACTION' 
_refine_hist.cycle_id                         LAST 
_refine_hist.pdbx_number_atoms_protein        1451 
_refine_hist.pdbx_number_atoms_nucleic_acid   0 
_refine_hist.pdbx_number_atoms_ligand         0 
_refine_hist.number_atoms_solvent             50 
_refine_hist.number_atoms_total               1501 
_refine_hist.d_res_high                       2.40 
_refine_hist.d_res_low                        44.89 
# 
loop_
_refine_ls_restr.type 
_refine_ls_restr.dev_ideal 
_refine_ls_restr.dev_ideal_target 
_refine_ls_restr.weight 
_refine_ls_restr.number 
_refine_ls_restr.pdbx_restraint_function 
_refine_ls_restr.pdbx_refine_id 
r_bond_refined_d             0.017  0.019  ? 1501 ? 'X-RAY DIFFRACTION' 
r_bond_other_d               0.001  0.020  ? 1442 ? 'X-RAY DIFFRACTION' 
r_angle_refined_deg          1.752  1.924  ? 2043 ? 'X-RAY DIFFRACTION' 
r_angle_other_deg            0.860  3.000  ? 3283 ? 'X-RAY DIFFRACTION' 
r_dihedral_angle_1_deg       6.838  5.000  ? 181  ? 'X-RAY DIFFRACTION' 
r_dihedral_angle_2_deg       31.528 22.203 ? 59   ? 'X-RAY DIFFRACTION' 
r_dihedral_angle_3_deg       19.570 15.000 ? 233  ? 'X-RAY DIFFRACTION' 
r_dihedral_angle_4_deg       17.194 15.000 ? 6    ? 'X-RAY DIFFRACTION' 
r_chiral_restr               0.102  0.200  ? 219  ? 'X-RAY DIFFRACTION' 
r_gen_planes_refined         0.008  0.020  ? 1673 ? 'X-RAY DIFFRACTION' 
r_gen_planes_other           0.001  0.020  ? 389  ? 'X-RAY DIFFRACTION' 
r_nbd_refined                ?      ?      ? ?    ? 'X-RAY DIFFRACTION' 
r_nbd_other                  ?      ?      ? ?    ? 'X-RAY DIFFRACTION' 
r_nbtor_refined              ?      ?      ? ?    ? 'X-RAY DIFFRACTION' 
r_nbtor_other                ?      ?      ? ?    ? 'X-RAY DIFFRACTION' 
r_xyhbond_nbd_refined        ?      ?      ? ?    ? 'X-RAY DIFFRACTION' 
r_xyhbond_nbd_other          ?      ?      ? ?    ? 'X-RAY DIFFRACTION' 
r_metal_ion_refined          ?      ?      ? ?    ? 'X-RAY DIFFRACTION' 
r_metal_ion_other            ?      ?      ? ?    ? 'X-RAY DIFFRACTION' 
r_symmetry_vdw_refined       ?      ?      ? ?    ? 'X-RAY DIFFRACTION' 
r_symmetry_vdw_other         ?      ?      ? ?    ? 'X-RAY DIFFRACTION' 
r_symmetry_hbond_refined     ?      ?      ? ?    ? 'X-RAY DIFFRACTION' 
r_symmetry_hbond_other       ?      ?      ? ?    ? 'X-RAY DIFFRACTION' 
r_symmetry_metal_ion_refined ?      ?      ? ?    ? 'X-RAY DIFFRACTION' 
r_symmetry_metal_ion_other   ?      ?      ? ?    ? 'X-RAY DIFFRACTION' 
r_mcbond_it                  ?      ?      ? ?    ? 'X-RAY DIFFRACTION' 
r_mcbond_other               ?      ?      ? ?    ? 'X-RAY DIFFRACTION' 
r_mcangle_it                 ?      ?      ? ?    ? 'X-RAY DIFFRACTION' 
r_mcangle_other              ?      ?      ? ?    ? 'X-RAY DIFFRACTION' 
r_scbond_it                  ?      ?      ? ?    ? 'X-RAY DIFFRACTION' 
r_scbond_other               ?      ?      ? ?    ? 'X-RAY DIFFRACTION' 
r_scangle_it                 ?      ?      ? ?    ? 'X-RAY DIFFRACTION' 
r_scangle_other              ?      ?      ? ?    ? 'X-RAY DIFFRACTION' 
r_long_range_B_refined       ?      ?      ? ?    ? 'X-RAY DIFFRACTION' 
r_long_range_B_other         ?      ?      ? ?    ? 'X-RAY DIFFRACTION' 
r_rigid_bond_restr           ?      ?      ? ?    ? 'X-RAY DIFFRACTION' 
r_sphericity_free            ?      ?      ? ?    ? 'X-RAY DIFFRACTION' 
r_sphericity_bonded          ?      ?      ? ?    ? 'X-RAY DIFFRACTION' 
# 
_refine_ls_shell.pdbx_total_number_of_bins_used   20 
_refine_ls_shell.d_res_high                       2.400 
_refine_ls_shell.d_res_low                        2.462 
_refine_ls_shell.number_reflns_R_work             324 
_refine_ls_shell.R_factor_R_work                  0.179 
_refine_ls_shell.percent_reflns_obs               39.35 
_refine_ls_shell.R_factor_R_free                  0.282 
_refine_ls_shell.R_factor_R_free_error            ? 
_refine_ls_shell.percent_reflns_R_free            ? 
_refine_ls_shell.number_reflns_R_free             14 
_refine_ls_shell.number_reflns_all                ? 
_refine_ls_shell.R_factor_all                     ? 
_refine_ls_shell.number_reflns_obs                ? 
_refine_ls_shell.redundancy_reflns_obs            ? 
_refine_ls_shell.pdbx_refine_id                   'X-RAY DIFFRACTION' 
# 
_struct.entry_id                  4NJP 
_struct.title                     'Proteolysis inside the membrane is a rate-governed reaction not Driven by substrate affinity' 
_struct.pdbx_model_details        ? 
_struct.pdbx_CASP_flag            ? 
_struct.pdbx_model_type_details   ? 
# 
_struct_keywords.entry_id        4NJP 
_struct_keywords.pdbx_keywords   'HYDROLASE/MEMBRANE PROTEIN' 
_struct_keywords.text            'INTRAMEMBRANE PROTEase, RHOMBOID PROTEASE, HYDROLASE-MEMBRANE PROTEIN complex' 
# 
loop_
_struct_asym.id 
_struct_asym.pdbx_blank_PDB_chainid_flag 
_struct_asym.pdbx_modified 
_struct_asym.entity_id 
_struct_asym.details 
A N N 1 ? 
B N N 2 ? 
# 
_struct_biol.id        1 
_struct_biol.details   ? 
# 
loop_
_struct_conf.conf_type_id 
_struct_conf.id 
_struct_conf.pdbx_PDB_helix_id 
_struct_conf.beg_label_comp_id 
_struct_conf.beg_label_asym_id 
_struct_conf.beg_label_seq_id 
_struct_conf.pdbx_beg_PDB_ins_code 
_struct_conf.end_label_comp_id 
_struct_conf.end_label_asym_id 
_struct_conf.end_label_seq_id 
_struct_conf.pdbx_end_PDB_ins_code 
_struct_conf.beg_auth_comp_id 
_struct_conf.beg_auth_asym_id 
_struct_conf.beg_auth_seq_id 
_struct_conf.end_auth_comp_id 
_struct_conf.end_auth_asym_id 
_struct_conf.end_auth_seq_id 
_struct_conf.pdbx_PDB_helix_class 
_struct_conf.details 
_struct_conf.pdbx_PDB_helix_length 
HELX_P HELX_P1  1  GLY A 29  ? GLY A 50  ? GLY A 94  GLY A 115 1 ? 22 
HELX_P HELX_P2  2  GLY A 50  ? ALA A 59  ? GLY A 115 ALA A 124 1 ? 10 
HELX_P HELX_P3  3  ASP A 63  ? LYS A 67  ? ASP A 128 LYS A 132 5 ? 5  
HELX_P HELX_P4  4  TRP A 71  ? HIS A 76  ? TRP A 136 HIS A 141 1 ? 6  
HELX_P HELX_P5  5  ALA A 77  ? MET A 79  ? ALA A 142 MET A 144 5 ? 3  
HELX_P HELX_P6  6  SER A 82  ? LEU A 104 ? SER A 147 LEU A 169 1 ? 23 
HELX_P HELX_P7  7  GLY A 105 ? GLY A 129 ? GLY A 170 GLY A 194 1 ? 25 
HELX_P HELX_P8  8  LEU A 135 ? ASP A 153 ? LEU A 200 ASP A 218 1 ? 19 
HELX_P HELX_P9  9  PRO A 154 ? GLY A 157 ? PRO A 219 GLY A 222 5 ? 4  
HELX_P HELX_P10 10 GLN A 161 ? PHE A 177 ? GLN A 226 PHE A 242 1 ? 17 
HELX_P HELX_P11 11 ALA A 185 ? LEU A 205 ? ALA A 250 LEU A 270 1 ? 21 
# 
_struct_conf_type.id          HELX_P 
_struct_conf_type.criteria    ? 
_struct_conf_type.reference   ? 
# 
_atom_sites.entry_id                    4NJP 
_atom_sites.fract_transf_matrix[1][1]   0.00013711 
_atom_sites.fract_transf_matrix[1][2]   0.00060075 
_atom_sites.fract_transf_matrix[1][3]   0.01042017 
_atom_sites.fract_transf_matrix[2][1]   -0.00660168 
_atom_sites.fract_transf_matrix[2][2]   -0.00578500 
_atom_sites.fract_transf_matrix[2][3]   0.00564832 
_atom_sites.fract_transf_matrix[3][1]   0.00528301 
_atom_sites.fract_transf_matrix[3][2]   -0.00577180 
_atom_sites.fract_transf_matrix[3][3]   0.00026325 
_atom_sites.fract_transf_vector[1]      0.121273 
_atom_sites.fract_transf_vector[2]      0.203271 
_atom_sites.fract_transf_vector[3]      0.347142 
# 
loop_
_atom_type.symbol 
C 
N 
O 
S 
# 
loop_
_atom_site.group_PDB 
_atom_site.id 
_atom_site.type_symbol 
_atom_site.label_atom_id 
_atom_site.label_alt_id 
_atom_site.label_comp_id 
_atom_site.label_asym_id 
_atom_site.label_entity_id 
_atom_site.label_seq_id 
_atom_site.pdbx_PDB_ins_code 
_atom_site.Cartn_x 
_atom_site.Cartn_y 
_atom_site.Cartn_z 
_atom_site.occupancy 
_atom_site.B_iso_or_equiv 
_atom_site.pdbx_formal_charge 
_atom_site.auth_seq_id 
_atom_site.auth_comp_id 
_atom_site.auth_asym_id 
_atom_site.auth_atom_id 
_atom_site.pdbx_PDB_model_num 
ATOM   1    N N   . GLU A 1 26  ? -3.747  23.694  -0.768  1.00 117.04 ? 91  GLU A N   1 
ATOM   2    C CA  . GLU A 1 26  ? -3.785  22.377  -1.466  1.00 116.44 ? 91  GLU A CA  1 
ATOM   3    C C   . GLU A 1 26  ? -2.412  21.675  -1.437  1.00 114.95 ? 91  GLU A C   1 
ATOM   4    O O   . GLU A 1 26  ? -1.536  21.956  -2.260  1.00 115.31 ? 91  GLU A O   1 
ATOM   5    C CB  . GLU A 1 26  ? -4.272  22.565  -2.903  1.00 122.00 ? 91  GLU A CB  1 
ATOM   6    C CG  . GLU A 1 26  ? -4.796  21.284  -3.535  1.00 125.68 ? 91  GLU A CG  1 
ATOM   7    C CD  . GLU A 1 26  ? -5.177  21.453  -4.998  1.00 128.56 ? 91  GLU A CD  1 
ATOM   8    O OE1 . GLU A 1 26  ? -6.111  22.236  -5.287  1.00 129.63 ? 91  GLU A OE1 1 
ATOM   9    O OE2 . GLU A 1 26  ? -4.546  20.793  -5.857  1.00 122.89 ? 91  GLU A OE2 1 
ATOM   10   N N   . ARG A 1 27  ? -2.251  20.769  -0.468  1.00 106.88 ? 92  ARG A N   1 
ATOM   11   C CA  . ARG A 1 27  ? -1.012  20.021  -0.223  1.00 98.12  ? 92  ARG A CA  1 
ATOM   12   C C   . ARG A 1 27  ? -1.402  18.554  0.101   1.00 99.21  ? 92  ARG A C   1 
ATOM   13   O O   . ARG A 1 27  ? -2.480  18.105  -0.285  1.00 106.72 ? 92  ARG A O   1 
ATOM   14   C CB  . ARG A 1 27  ? -0.270  20.648  0.959   1.00 89.30  ? 92  ARG A CB  1 
ATOM   15   C CG  . ARG A 1 27  ? -0.931  20.299  2.287   1.00 92.07  ? 92  ARG A CG  1 
ATOM   16   C CD  . ARG A 1 27  ? -1.062  21.454  3.257   1.00 91.89  ? 92  ARG A CD  1 
ATOM   17   N NE  . ARG A 1 27  ? -0.109  21.381  4.357   1.00 90.01  ? 92  ARG A NE  1 
ATOM   18   C CZ  . ARG A 1 27  ? -0.230  22.065  5.494   1.00 99.88  ? 92  ARG A CZ  1 
ATOM   19   N NH1 . ARG A 1 27  ? -1.266  22.880  5.695   1.00 100.79 ? 92  ARG A NH1 1 
ATOM   20   N NH2 . ARG A 1 27  ? 0.689   21.935  6.445   1.00 101.07 ? 92  ARG A NH2 1 
ATOM   21   N N   . ALA A 1 28  ? -0.535  17.818  0.801   1.00 85.59  ? 93  ALA A N   1 
ATOM   22   C CA  . ALA A 1 28  ? -0.849  16.456  1.267   1.00 68.17  ? 93  ALA A CA  1 
ATOM   23   C C   . ALA A 1 28  ? -1.404  16.489  2.699   1.00 58.54  ? 93  ALA A C   1 
ATOM   24   O O   . ALA A 1 28  ? -0.713  16.940  3.609   1.00 54.06  ? 93  ALA A O   1 
ATOM   25   C CB  . ALA A 1 28  ? 0.407   15.579  1.228   1.00 64.79  ? 93  ALA A CB  1 
ATOM   26   N N   . GLY A 1 29  ? -2.617  15.968  2.893   1.00 49.45  ? 94  GLY A N   1 
ATOM   27   C CA  . GLY A 1 29  ? -3.250  15.879  4.211   1.00 42.56  ? 94  GLY A CA  1 
ATOM   28   C C   . GLY A 1 29  ? -2.530  15.042  5.258   1.00 38.36  ? 94  GLY A C   1 
ATOM   29   O O   . GLY A 1 29  ? -1.493  14.421  4.983   1.00 41.05  ? 94  GLY A O   1 
ATOM   30   N N   . PRO A 1 30  ? -3.078  15.016  6.476   1.00 32.08  ? 95  PRO A N   1 
ATOM   31   C CA  . PRO A 1 30  ? -2.390  14.427  7.616   1.00 29.70  ? 95  PRO A CA  1 
ATOM   32   C C   . PRO A 1 30  ? -2.133  12.908  7.529   1.00 31.93  ? 95  PRO A C   1 
ATOM   33   O O   . PRO A 1 30  ? -1.071  12.430  8.030   1.00 33.17  ? 95  PRO A O   1 
ATOM   34   C CB  . PRO A 1 30  ? -3.320  14.741  8.792   1.00 28.76  ? 95  PRO A CB  1 
ATOM   35   C CG  . PRO A 1 30  ? -4.680  14.896  8.187   1.00 29.53  ? 95  PRO A CG  1 
ATOM   36   C CD  . PRO A 1 30  ? -4.437  15.495  6.818   1.00 32.10  ? 95  PRO A CD  1 
ATOM   37   N N   . VAL A 1 31  ? -3.049  12.159  6.918   1.00 27.43  ? 96  VAL A N   1 
ATOM   38   C CA  . VAL A 1 31  ? -2.835  10.710  6.808   1.00 29.17  ? 96  VAL A CA  1 
ATOM   39   C C   . VAL A 1 31  ? -1.765  10.476  5.765   1.00 28.04  ? 96  VAL A C   1 
ATOM   40   O O   . VAL A 1 31  ? -0.802  9.734   5.989   1.00 25.52  ? 96  VAL A O   1 
ATOM   41   C CB  . VAL A 1 31  ? -4.117  9.905   6.481   1.00 27.45  ? 96  VAL A CB  1 
ATOM   42   C CG1 . VAL A 1 31  ? -3.812  8.397   6.340   1.00 27.83  ? 96  VAL A CG1 1 
ATOM   43   C CG2 . VAL A 1 31  ? -5.189  10.124  7.560   1.00 26.67  ? 96  VAL A CG2 1 
ATOM   44   N N   . THR A 1 32  ? -1.943  11.137  4.632   1.00 28.48  ? 97  THR A N   1 
ATOM   45   C CA  . THR A 1 32  ? -0.958  11.094  3.542   1.00 31.64  ? 97  THR A CA  1 
ATOM   46   C C   . THR A 1 32  ? 0.471   11.437  4.020   1.00 34.24  ? 97  THR A C   1 
ATOM   47   O O   . THR A 1 32  ? 1.422   10.664  3.837   1.00 31.74  ? 97  THR A O   1 
ATOM   48   C CB  . THR A 1 32  ? -1.345  12.085  2.453   1.00 30.52  ? 97  THR A CB  1 
ATOM   49   O OG1 . THR A 1 32  ? -2.640  11.736  1.931   1.00 31.35  ? 97  THR A OG1 1 
ATOM   50   C CG2 . THR A 1 32  ? -0.362  12.002  1.362   1.00 33.89  ? 97  THR A CG2 1 
ATOM   51   N N   . TRP A 1 33  ? 0.584   12.580  4.676   1.00 32.40  ? 98  TRP A N   1 
ATOM   52   C CA  . TRP A 1 33  ? 1.840   13.044  5.211   1.00 34.70  ? 98  TRP A CA  1 
ATOM   53   C C   . TRP A 1 33  ? 2.419   12.175  6.345   1.00 34.28  ? 98  TRP A C   1 
ATOM   54   O O   . TRP A 1 33  ? 3.596   11.835  6.335   1.00 35.38  ? 98  TRP A O   1 
ATOM   55   C CB  . TRP A 1 33  ? 1.632   14.482  5.639   1.00 36.48  ? 98  TRP A CB  1 
ATOM   56   C CG  . TRP A 1 33  ? 2.683   15.085  6.453   1.00 45.93  ? 98  TRP A CG  1 
ATOM   57   C CD1 . TRP A 1 33  ? 2.551   15.530  7.740   1.00 51.28  ? 98  TRP A CD1 1 
ATOM   58   C CD2 . TRP A 1 33  ? 4.023   15.405  6.054   1.00 49.53  ? 98  TRP A CD2 1 
ATOM   59   N NE1 . TRP A 1 33  ? 3.721   16.083  8.167   1.00 53.18  ? 98  TRP A NE1 1 
ATOM   60   C CE2 . TRP A 1 33  ? 4.644   16.030  7.153   1.00 52.75  ? 98  TRP A CE2 1 
ATOM   61   C CE3 . TRP A 1 33  ? 4.748   15.248  4.874   1.00 51.84  ? 98  TRP A CE3 1 
ATOM   62   C CZ2 . TRP A 1 33  ? 5.976   16.473  7.116   1.00 50.38  ? 98  TRP A CZ2 1 
ATOM   63   C CZ3 . TRP A 1 33  ? 6.076   15.688  4.843   1.00 53.67  ? 98  TRP A CZ3 1 
ATOM   64   C CH2 . TRP A 1 33  ? 6.671   16.286  5.959   1.00 51.46  ? 98  TRP A CH2 1 
ATOM   65   N N   . VAL A 1 34  ? 1.616   11.756  7.308   1.00 34.84  ? 99  VAL A N   1 
ATOM   66   C CA  . VAL A 1 34  ? 2.188   10.918  8.362   1.00 31.71  ? 99  VAL A CA  1 
ATOM   67   C C   . VAL A 1 34  ? 2.725   9.594   7.870   1.00 29.53  ? 99  VAL A C   1 
ATOM   68   O O   . VAL A 1 34  ? 3.800   9.152   8.285   1.00 32.91  ? 99  VAL A O   1 
ATOM   69   C CB  . VAL A 1 34  ? 1.243   10.727  9.551   1.00 34.21  ? 99  VAL A CB  1 
ATOM   70   C CG1 . VAL A 1 34  ? 1.849   9.753   10.553  1.00 35.36  ? 99  VAL A CG1 1 
ATOM   71   C CG2 . VAL A 1 34  ? 1.044   12.082  10.242  1.00 35.36  ? 99  VAL A CG2 1 
ATOM   72   N N   . MET A 1 35  ? 2.014   8.948   6.983   1.00 28.96  ? 100 MET A N   1 
ATOM   73   C CA  . MET A 1 35  ? 2.495   7.673   6.501   1.00 31.11  ? 100 MET A CA  1 
ATOM   74   C C   . MET A 1 35  ? 3.901   7.839   5.842   1.00 32.28  ? 100 MET A C   1 
ATOM   75   O O   . MET A 1 35  ? 4.826   7.016   6.048   1.00 33.27  ? 100 MET A O   1 
ATOM   76   C CB  . MET A 1 35  ? 1.520   7.144   5.503   1.00 32.99  ? 100 MET A CB  1 
ATOM   77   C CG  . MET A 1 35  ? 2.062   5.931   4.762   1.00 42.06  ? 100 MET A CG  1 
ATOM   78   S SD  . MET A 1 35  ? 2.069   4.430   5.803   1.00 47.95  ? 100 MET A SD  1 
ATOM   79   C CE  . MET A 1 35  ? 0.383   3.875   5.514   1.00 47.11  ? 100 MET A CE  1 
ATOM   80   N N   . MET A 1 36  ? 4.048   8.905   5.057   1.00 29.18  ? 101 MET A N   1 
ATOM   81   C CA  . MET A 1 36  ? 5.259   9.152   4.321   1.00 29.93  ? 101 MET A CA  1 
ATOM   82   C C   . MET A 1 36  ? 6.400   9.358   5.276   1.00 26.54  ? 101 MET A C   1 
ATOM   83   O O   . MET A 1 36  ? 7.429   8.692   5.148   1.00 21.75  ? 101 MET A O   1 
ATOM   84   C CB  . MET A 1 36  ? 5.108   10.370  3.416   1.00 36.44  ? 101 MET A CB  1 
ATOM   85   C CG  . MET A 1 36  ? 4.279   10.060  2.147   1.00 40.87  ? 101 MET A CG  1 
ATOM   86   S SD  . MET A 1 36  ? 4.142   11.407  0.917   1.00 41.70  ? 101 MET A SD  1 
ATOM   87   C CE  . MET A 1 36  ? 3.574   12.721  1.971   1.00 44.80  ? 101 MET A CE  1 
ATOM   88   N N   . ILE A 1 37  ? 6.170   10.203  6.279   1.00 25.30  ? 102 ILE A N   1 
ATOM   89   C CA  . ILE A 1 37  ? 7.116   10.391  7.343   1.00 26.88  ? 102 ILE A CA  1 
ATOM   90   C C   . ILE A 1 37  ? 7.487   9.091   8.022   1.00 29.12  ? 102 ILE A C   1 
ATOM   91   O O   . ILE A 1 37  ? 8.666   8.797   8.191   1.00 30.05  ? 102 ILE A O   1 
ATOM   92   C CB  . ILE A 1 37  ? 6.542   11.267  8.399   1.00 31.64  ? 102 ILE A CB  1 
ATOM   93   C CG1 . ILE A 1 37  ? 6.501   12.689  7.896   1.00 39.78  ? 102 ILE A CG1 1 
ATOM   94   C CG2 . ILE A 1 37  ? 7.398   11.232  9.670   1.00 33.54  ? 102 ILE A CG2 1 
ATOM   95   C CD1 . ILE A 1 37  ? 5.528   13.512  8.730   1.00 47.58  ? 102 ILE A CD1 1 
ATOM   96   N N   . ALA A 1 38  ? 6.484   8.299   8.398   1.00 29.69  ? 103 ALA A N   1 
ATOM   97   C CA  . ALA A 1 38  ? 6.774   7.082   9.135   1.00 29.77  ? 103 ALA A CA  1 
ATOM   98   C C   . ALA A 1 38  ? 7.598   6.165   8.274   1.00 28.01  ? 103 ALA A C   1 
ATOM   99   O O   . ALA A 1 38  ? 8.521   5.562   8.778   1.00 27.07  ? 103 ALA A O   1 
ATOM   100  C CB  . ALA A 1 38  ? 5.498   6.365   9.589   1.00 30.14  ? 103 ALA A CB  1 
ATOM   101  N N   . CYS A 1 39  ? 7.251   6.026   6.995   1.00 27.91  ? 104 CYS A N   1 
ATOM   102  C CA  . CYS A 1 39  ? 8.018   5.126   6.096   1.00 30.38  ? 104 CYS A CA  1 
ATOM   103  C C   . CYS A 1 39  ? 9.510   5.513   5.927   1.00 33.71  ? 104 CYS A C   1 
ATOM   104  O O   . CYS A 1 39  ? 10.417  4.637   5.845   1.00 31.20  ? 104 CYS A O   1 
ATOM   105  C CB  . CYS A 1 39  ? 7.415   5.151   4.719   1.00 29.77  ? 104 CYS A CB  1 
ATOM   106  S SG  . CYS A 1 39  ? 5.922   4.169   4.629   1.00 33.55  ? 104 CYS A SG  1 
ATOM   107  N N   . VAL A 1 40  ? 9.719   6.826   5.854   1.00 33.67  ? 105 VAL A N   1 
ATOM   108  C CA  . VAL A 1 40  ? 11.048  7.425   5.798   1.00 37.70  ? 105 VAL A CA  1 
ATOM   109  C C   . VAL A 1 40  ? 11.884  7.170   7.052   1.00 33.92  ? 105 VAL A C   1 
ATOM   110  O O   . VAL A 1 40  ? 13.048  6.779   6.968   1.00 32.48  ? 105 VAL A O   1 
ATOM   111  C CB  . VAL A 1 40  ? 10.953  8.965   5.584   1.00 40.79  ? 105 VAL A CB  1 
ATOM   112  C CG1 . VAL A 1 40  ? 12.304  9.618   5.801   1.00 38.79  ? 105 VAL A CG1 1 
ATOM   113  C CG2 . VAL A 1 40  ? 10.488  9.266   4.163   1.00 43.19  ? 105 VAL A CG2 1 
ATOM   114  N N   . VAL A 1 41  ? 11.300  7.476   8.196   1.00 32.74  ? 106 VAL A N   1 
ATOM   115  C CA  . VAL A 1 41  ? 11.941  7.272   9.488   1.00 34.25  ? 106 VAL A CA  1 
ATOM   116  C C   . VAL A 1 41  ? 12.309  5.799   9.683   1.00 35.30  ? 106 VAL A C   1 
ATOM   117  O O   . VAL A 1 41  ? 13.397  5.436   10.109  1.00 35.32  ? 106 VAL A O   1 
ATOM   118  C CB  . VAL A 1 41  ? 10.969  7.687   10.569  1.00 38.10  ? 106 VAL A CB  1 
ATOM   119  C CG1 . VAL A 1 41  ? 11.402  7.097   11.893  1.00 42.66  ? 106 VAL A CG1 1 
ATOM   120  C CG2 . VAL A 1 41  ? 10.936  9.225   10.630  1.00 39.88  ? 106 VAL A CG2 1 
ATOM   121  N N   . VAL A 1 42  ? 11.392  4.938   9.293   1.00 32.22  ? 107 VAL A N   1 
ATOM   122  C CA  . VAL A 1 42  ? 11.666  3.531   9.291   1.00 30.50  ? 107 VAL A CA  1 
ATOM   123  C C   . VAL A 1 42  ? 12.768  3.078   8.347   1.00 31.04  ? 107 VAL A C   1 
ATOM   124  O O   . VAL A 1 42  ? 13.589  2.217   8.699   1.00 36.74  ? 107 VAL A O   1 
ATOM   125  C CB  . VAL A 1 42  ? 10.379  2.755   9.034   1.00 28.85  ? 107 VAL A CB  1 
ATOM   126  C CG1 . VAL A 1 42  ? 10.666  1.279   8.868   1.00 28.46  ? 107 VAL A CG1 1 
ATOM   127  C CG2 . VAL A 1 42  ? 9.456   2.938   10.234  1.00 30.88  ? 107 VAL A CG2 1 
ATOM   128  N N   . PHE A 1 43  ? 12.754  3.599   7.135   1.00 29.30  ? 108 PHE A N   1 
ATOM   129  C CA  . PHE A 1 43  ? 13.783  3.296   6.172   1.00 28.88  ? 108 PHE A CA  1 
ATOM   130  C C   . PHE A 1 43  ? 15.187  3.771   6.697   1.00 32.24  ? 108 PHE A C   1 
ATOM   131  O O   . PHE A 1 43  ? 16.201  3.078   6.511   1.00 32.65  ? 108 PHE A O   1 
ATOM   132  C CB  . PHE A 1 43  ? 13.418  3.979   4.856   1.00 27.38  ? 108 PHE A CB  1 
ATOM   133  C CG  . PHE A 1 43  ? 14.360  3.667   3.723   1.00 30.06  ? 108 PHE A CG  1 
ATOM   134  C CD1 . PHE A 1 43  ? 15.255  4.661   3.227   1.00 33.48  ? 108 PHE A CD1 1 
ATOM   135  C CD2 . PHE A 1 43  ? 14.402  2.399   3.164   1.00 30.15  ? 108 PHE A CD2 1 
ATOM   136  C CE1 . PHE A 1 43  ? 16.131  4.343   2.197   1.00 30.34  ? 108 PHE A CE1 1 
ATOM   137  C CE2 . PHE A 1 43  ? 15.293  2.087   2.154   1.00 28.70  ? 108 PHE A CE2 1 
ATOM   138  C CZ  . PHE A 1 43  ? 16.151  3.047   1.678   1.00 30.71  ? 108 PHE A CZ  1 
ATOM   139  N N   . ILE A 1 44  ? 15.228  4.929   7.357   1.00 28.94  ? 109 ILE A N   1 
ATOM   140  C CA  . ILE A 1 44  ? 16.453  5.404   7.962   1.00 31.41  ? 109 ILE A CA  1 
ATOM   141  C C   . ILE A 1 44  ? 16.904  4.447   9.077   1.00 34.56  ? 109 ILE A C   1 
ATOM   142  O O   . ILE A 1 44  ? 18.065  4.016   9.133   1.00 35.83  ? 109 ILE A O   1 
ATOM   143  C CB  . ILE A 1 44  ? 16.262  6.765   8.594   1.00 32.24  ? 109 ILE A CB  1 
ATOM   144  C CG1 . ILE A 1 44  ? 15.962  7.823   7.529   1.00 36.36  ? 109 ILE A CG1 1 
ATOM   145  C CG2 . ILE A 1 44  ? 17.538  7.164   9.276   1.00 34.28  ? 109 ILE A CG2 1 
ATOM   146  C CD1 . ILE A 1 44  ? 15.619  9.186   8.102   1.00 37.02  ? 109 ILE A CD1 1 
ATOM   147  N N   . ALA A 1 45  ? 15.971  4.107   9.962   1.00 34.91  ? 110 ALA A N   1 
ATOM   148  C CA  . ALA A 1 45  ? 16.240  3.113   11.001  1.00 29.38  ? 110 ALA A CA  1 
ATOM   149  C C   . ALA A 1 45  ? 16.768  1.843   10.408  1.00 27.93  ? 110 ALA A C   1 
ATOM   150  O O   . ALA A 1 45  ? 17.691  1.276   10.952  1.00 29.83  ? 110 ALA A O   1 
ATOM   151  C CB  . ALA A 1 45  ? 15.027  2.870   11.852  1.00 29.37  ? 110 ALA A CB  1 
ATOM   152  N N   . MET A 1 46  ? 16.266  1.422   9.252   1.00 30.04  ? 111 MET A N   1 
ATOM   153  C CA  . MET A 1 46  ? 16.832  0.222   8.603   1.00 33.65  ? 111 MET A CA  1 
ATOM   154  C C   . MET A 1 46  ? 18.236  0.427   7.996   1.00 38.09  ? 111 MET A C   1 
ATOM   155  O O   . MET A 1 46  ? 19.000  -0.512  7.843   1.00 36.00  ? 111 MET A O   1 
ATOM   156  C CB  . MET A 1 46  ? 15.886  -0.249  7.499   1.00 34.80  ? 111 MET A CB  1 
ATOM   157  C CG  . MET A 1 46  ? 14.476  -0.679  8.042   1.00 32.20  ? 111 MET A CG  1 
ATOM   158  S SD  . MET A 1 46  ? 13.329  -0.960  6.664   1.00 29.21  ? 111 MET A SD  1 
ATOM   159  C CE  . MET A 1 46  ? 13.789  -2.536  5.973   1.00 26.21  ? 111 MET A CE  1 
ATOM   160  N N   . GLN A 1 47  ? 18.550  1.661   7.602   1.00 38.25  ? 112 GLN A N   1 
ATOM   161  C CA  . GLN A 1 47  ? 19.826  1.930   7.009   1.00 40.30  ? 112 GLN A CA  1 
ATOM   162  C C   . GLN A 1 47  ? 20.877  1.902   8.133   1.00 44.96  ? 112 GLN A C   1 
ATOM   163  O O   . GLN A 1 47  ? 21.995  1.437   7.936   1.00 41.21  ? 112 GLN A O   1 
ATOM   164  C CB  . GLN A 1 47  ? 19.835  3.297   6.311   1.00 40.57  ? 112 GLN A CB  1 
ATOM   165  C CG  . GLN A 1 47  ? 19.162  3.357   4.952   1.00 38.80  ? 112 GLN A CG  1 
ATOM   166  C CD  . GLN A 1 47  ? 18.886  1.990   4.330   1.00 44.34  ? 112 GLN A CD  1 
ATOM   167  O OE1 . GLN A 1 47  ? 19.744  1.410   3.679   1.00 43.14  ? 112 GLN A OE1 1 
ATOM   168  N NE2 . GLN A 1 47  ? 17.653  1.484   4.515   1.00 43.31  ? 112 GLN A NE2 1 
ATOM   169  N N   . ILE A 1 48  ? 20.502  2.396   9.308   1.00 38.33  ? 113 ILE A N   1 
ATOM   170  C CA  . ILE A 1 48  ? 21.410  2.417   10.441  1.00 40.86  ? 113 ILE A CA  1 
ATOM   171  C C   . ILE A 1 48  ? 21.546  1.056   11.175  1.00 45.32  ? 113 ILE A C   1 
ATOM   172  O O   . ILE A 1 48  ? 22.661  0.638   11.495  1.00 47.09  ? 113 ILE A O   1 
ATOM   173  C CB  . ILE A 1 48  ? 20.941  3.446   11.492  1.00 43.38  ? 113 ILE A CB  1 
ATOM   174  C CG1 . ILE A 1 48  ? 20.922  4.884   10.945  1.00 43.90  ? 113 ILE A CG1 1 
ATOM   175  C CG2 . ILE A 1 48  ? 21.806  3.362   12.717  1.00 40.53  ? 113 ILE A CG2 1 
ATOM   176  C CD1 . ILE A 1 48  ? 20.000  5.777   11.763  1.00 44.69  ? 113 ILE A CD1 1 
ATOM   177  N N   . LEU A 1 49  ? 20.423  0.374   11.460  1.00 43.54  ? 114 LEU A N   1 
ATOM   178  C CA  . LEU A 1 49  ? 20.441  -0.840  12.298  1.00 40.89  ? 114 LEU A CA  1 
ATOM   179  C C   . LEU A 1 49  ? 20.558  -2.096  11.469  1.00 37.50  ? 114 LEU A C   1 
ATOM   180  O O   . LEU A 1 49  ? 20.742  -3.211  11.986  1.00 48.64  ? 114 LEU A O   1 
ATOM   181  C CB  . LEU A 1 49  ? 19.138  -0.905  13.086  1.00 47.70  ? 114 LEU A CB  1 
ATOM   182  C CG  . LEU A 1 49  ? 18.932  0.296   13.994  1.00 51.80  ? 114 LEU A CG  1 
ATOM   183  C CD1 . LEU A 1 49  ? 17.510  0.385   14.521  1.00 51.83  ? 114 LEU A CD1 1 
ATOM   184  C CD2 . LEU A 1 49  ? 19.931  0.196   15.143  1.00 54.23  ? 114 LEU A CD2 1 
ATOM   185  N N   . GLY A 1 50  ? 20.404  -1.907  10.174  1.00 38.72  ? 115 GLY A N   1 
ATOM   186  C CA  . GLY A 1 50  ? 20.071  -2.985  9.252   1.00 37.66  ? 115 GLY A CA  1 
ATOM   187  C C   . GLY A 1 50  ? 18.569  -3.356  9.252   1.00 39.05  ? 115 GLY A C   1 
ATOM   188  O O   . GLY A 1 50  ? 17.775  -3.108  10.207  1.00 35.75  ? 115 GLY A O   1 
ATOM   189  N N   . ASP A 1 51  ? 18.223  -3.974  8.144   1.00 38.18  ? 116 ASP A N   1 
ATOM   190  C CA  . ASP A 1 51  ? 16.888  -4.453  7.850   1.00 46.25  ? 116 ASP A CA  1 
ATOM   191  C C   . ASP A 1 51  ? 16.380  -5.447  8.927   1.00 43.07  ? 116 ASP A C   1 
ATOM   192  O O   . ASP A 1 51  ? 15.284  -5.282  9.458   1.00 41.53  ? 116 ASP A O   1 
ATOM   193  C CB  . ASP A 1 51  ? 16.874  -5.100  6.443   1.00 41.42  ? 116 ASP A CB  1 
ATOM   194  C CG  . ASP A 1 51  ? 17.094  -4.069  5.265   1.00 44.39  ? 116 ASP A CG  1 
ATOM   195  O OD1 . ASP A 1 51  ? 17.166  -2.819  5.485   1.00 41.99  ? 116 ASP A OD1 1 
ATOM   196  O OD2 . ASP A 1 51  ? 17.183  -4.547  4.085   1.00 48.60  ? 116 ASP A OD2 1 
ATOM   197  N N   . GLN A 1 52  ? 17.223  -6.417  9.253   1.00 40.55  ? 117 GLN A N   1 
ATOM   198  C CA  . GLN A 1 52  ? 16.895  -7.482  10.159  1.00 39.96  ? 117 GLN A CA  1 
ATOM   199  C C   . GLN A 1 52  ? 16.516  -7.047  11.552  1.00 40.25  ? 117 GLN A C   1 
ATOM   200  O O   . GLN A 1 52  ? 15.531  -7.481  12.119  1.00 39.56  ? 117 GLN A O   1 
ATOM   201  C CB  . GLN A 1 52  ? 18.058  -8.423  10.244  1.00 41.38  ? 117 GLN A CB  1 
ATOM   202  C CG  . GLN A 1 52  ? 17.677  -9.667  9.551   1.00 50.26  ? 117 GLN A CG  1 
ATOM   203  C CD  . GLN A 1 52  ? 16.300  -10.161 10.095  1.00 69.61  ? 117 GLN A CD  1 
ATOM   204  O OE1 . GLN A 1 52  ? 15.305  -10.142 9.388   1.00 156.54 ? 117 GLN A OE1 1 
ATOM   205  N NE2 . GLN A 1 52  ? 16.243  -10.503 11.388  1.00 94.59  ? 117 GLN A NE2 1 
ATOM   206  N N   . GLU A 1 53  ? 17.293  -6.163  12.093  1.00 36.78  ? 118 GLU A N   1 
ATOM   207  C CA  . GLU A 1 53  ? 16.978  -5.679  13.381  1.00 44.29  ? 118 GLU A CA  1 
ATOM   208  C C   . GLU A 1 53  ? 15.614  -5.009  13.366  1.00 41.55  ? 118 GLU A C   1 
ATOM   209  O O   . GLU A 1 53  ? 14.884  -5.067  14.380  1.00 37.61  ? 118 GLU A O   1 
ATOM   210  C CB  . GLU A 1 53  ? 18.074  -4.706  13.906  1.00 45.95  ? 118 GLU A CB  1 
ATOM   211  C CG  . GLU A 1 53  ? 18.998  -5.316  14.984  1.00 61.87  ? 118 GLU A CG  1 
ATOM   212  C CD  . GLU A 1 53  ? 18.279  -6.067  16.142  1.00 62.53  ? 118 GLU A CD  1 
ATOM   213  O OE1 . GLU A 1 53  ? 17.240  -5.561  16.676  1.00 62.05  ? 118 GLU A OE1 1 
ATOM   214  O OE2 . GLU A 1 53  ? 18.775  -7.172  16.534  1.00 64.16  ? 118 GLU A OE2 1 
ATOM   215  N N   . VAL A 1 54  ? 15.306  -4.314  12.262  1.00 39.87  ? 119 VAL A N   1 
ATOM   216  C CA  . VAL A 1 54  ? 14.052  -3.546  12.170  1.00 38.71  ? 119 VAL A CA  1 
ATOM   217  C C   . VAL A 1 54  ? 12.890  -4.532  11.964  1.00 37.54  ? 119 VAL A C   1 
ATOM   218  O O   . VAL A 1 54  ? 11.855  -4.417  12.625  1.00 34.41  ? 119 VAL A O   1 
ATOM   219  C CB  . VAL A 1 54  ? 14.073  -2.409  11.120  1.00 32.97  ? 119 VAL A CB  1 
ATOM   220  C CG1 . VAL A 1 54  ? 12.684  -1.877  10.875  1.00 30.17  ? 119 VAL A CG1 1 
ATOM   221  C CG2 . VAL A 1 54  ? 14.879  -1.220  11.642  1.00 35.00  ? 119 VAL A CG2 1 
ATOM   222  N N   . MET A 1 55  ? 13.086  -5.494  11.079  1.00 33.83  ? 120 MET A N   1 
ATOM   223  C CA  . MET A 1 55  ? 12.122  -6.574  10.892  1.00 39.12  ? 120 MET A CA  1 
ATOM   224  C C   . MET A 1 55  ? 11.770  -7.321  12.172  1.00 38.83  ? 120 MET A C   1 
ATOM   225  O O   . MET A 1 55  ? 10.608  -7.702  12.419  1.00 36.14  ? 120 MET A O   1 
ATOM   226  C CB  . MET A 1 55  ? 12.630  -7.578  9.857   1.00 41.10  ? 120 MET A CB  1 
ATOM   227  C CG  . MET A 1 55  ? 12.547  -7.021  8.436   1.00 46.02  ? 120 MET A CG  1 
ATOM   228  S SD  . MET A 1 55  ? 12.549  -8.282  7.141   1.00 49.27  ? 120 MET A SD  1 
ATOM   229  C CE  . MET A 1 55  ? 14.298  -8.675  7.144   1.00 51.28  ? 120 MET A CE  1 
ATOM   230  N N   . LEU A 1 56  ? 12.786  -7.537  12.975  1.00 38.08  ? 121 LEU A N   1 
ATOM   231  C CA  . LEU A 1 56  ? 12.615  -8.229  14.235  1.00 36.59  ? 121 LEU A CA  1 
ATOM   232  C C   . LEU A 1 56  ? 11.490  -7.590  15.026  1.00 35.47  ? 121 LEU A C   1 
ATOM   233  O O   . LEU A 1 56  ? 10.677  -8.309  15.624  1.00 34.87  ? 121 LEU A O   1 
ATOM   234  C CB  . LEU A 1 56  ? 13.891  -8.158  15.028  1.00 34.79  ? 121 LEU A CB  1 
ATOM   235  C CG  . LEU A 1 56  ? 14.264  -9.385  15.791  1.00 37.02  ? 121 LEU A CG  1 
ATOM   236  C CD1 . LEU A 1 56  ? 14.703  -10.413 14.782  1.00 41.26  ? 121 LEU A CD1 1 
ATOM   237  C CD2 . LEU A 1 56  ? 15.376  -8.945  16.755  1.00 41.35  ? 121 LEU A CD2 1 
ATOM   238  N N   . TRP A 1 57  ? 11.443  -6.260  14.990  1.00 35.35  ? 122 TRP A N   1 
ATOM   239  C CA  . TRP A 1 57  ? 10.442  -5.453  15.683  1.00 37.45  ? 122 TRP A CA  1 
ATOM   240  C C   . TRP A 1 57  ? 9.138   -5.167  14.906  1.00 37.32  ? 122 TRP A C   1 
ATOM   241  O O   . TRP A 1 57  ? 8.062   -5.001  15.556  1.00 34.66  ? 122 TRP A O   1 
ATOM   242  C CB  . TRP A 1 57  ? 11.023  -4.116  16.071  1.00 41.86  ? 122 TRP A CB  1 
ATOM   243  C CG  . TRP A 1 57  ? 11.960  -4.153  17.257  1.00 64.42  ? 122 TRP A CG  1 
ATOM   244  C CD1 . TRP A 1 57  ? 13.056  -4.956  17.420  1.00 70.01  ? 122 TRP A CD1 1 
ATOM   245  C CD2 . TRP A 1 57  ? 11.905  -3.309  18.425  1.00 80.58  ? 122 TRP A CD2 1 
ATOM   246  N NE1 . TRP A 1 57  ? 13.661  -4.692  18.623  1.00 80.55  ? 122 TRP A NE1 1 
ATOM   247  C CE2 . TRP A 1 57  ? 12.986  -3.677  19.256  1.00 88.19  ? 122 TRP A CE2 1 
ATOM   248  C CE3 . TRP A 1 57  ? 11.046  -2.274  18.846  1.00 92.44  ? 122 TRP A CE3 1 
ATOM   249  C CZ2 . TRP A 1 57  ? 13.232  -3.051  20.496  1.00 99.55  ? 122 TRP A CZ2 1 
ATOM   250  C CZ3 . TRP A 1 57  ? 11.295  -1.641  20.078  1.00 99.66  ? 122 TRP A CZ3 1 
ATOM   251  C CH2 . TRP A 1 57  ? 12.378  -2.039  20.887  1.00 100.28 ? 122 TRP A CH2 1 
ATOM   252  N N   . LEU A 1 58  ? 9.194   -5.079  13.570  1.00 29.93  ? 123 LEU A N   1 
ATOM   253  C CA  . LEU A 1 58  ? 8.012   -4.534  12.830  1.00 30.63  ? 123 LEU A CA  1 
ATOM   254  C C   . LEU A 1 58  ? 7.317   -5.520  11.885  1.00 27.02  ? 123 LEU A C   1 
ATOM   255  O O   . LEU A 1 58  ? 6.292   -5.248  11.335  1.00 25.28  ? 123 LEU A O   1 
ATOM   256  C CB  . LEU A 1 58  ? 8.383   -3.291  12.060  1.00 30.89  ? 123 LEU A CB  1 
ATOM   257  C CG  . LEU A 1 58  ? 8.849   -2.061  12.828  1.00 30.91  ? 123 LEU A CG  1 
ATOM   258  C CD1 . LEU A 1 58  ? 9.113   -0.859  11.913  1.00 30.51  ? 123 LEU A CD1 1 
ATOM   259  C CD2 . LEU A 1 58  ? 7.818   -1.658  13.843  1.00 32.60  ? 123 LEU A CD2 1 
ATOM   260  N N   . ALA A 1 59  ? 7.900   -6.677  11.705  1.00 26.07  ? 124 ALA A N   1 
ATOM   261  C CA  . ALA A 1 59  ? 7.401   -7.641  10.771  1.00 25.67  ? 124 ALA A CA  1 
ATOM   262  C C   . ALA A 1 59  ? 6.189   -8.435  11.299  1.00 27.76  ? 124 ALA A C   1 
ATOM   263  O O   . ALA A 1 59  ? 5.998   -8.607  12.511  1.00 28.20  ? 124 ALA A O   1 
ATOM   264  C CB  . ALA A 1 59  ? 8.518   -8.627  10.400  1.00 25.29  ? 124 ALA A CB  1 
ATOM   265  N N   . TRP A 1 60  ? 5.389   -8.930  10.361  1.00 25.43  ? 125 TRP A N   1 
ATOM   266  C CA  . TRP A 1 60  ? 4.351   -9.916  10.654  1.00 29.53  ? 125 TRP A CA  1 
ATOM   267  C C   . TRP A 1 60  ? 4.832   -11.001 11.671  1.00 30.83  ? 125 TRP A C   1 
ATOM   268  O O   . TRP A 1 60  ? 5.972   -11.486 11.532  1.00 29.64  ? 125 TRP A O   1 
ATOM   269  C CB  . TRP A 1 60  ? 3.898   -10.590 9.355   1.00 24.87  ? 125 TRP A CB  1 
ATOM   270  C CG  . TRP A 1 60  ? 2.636   -11.361 9.468   1.00 26.50  ? 125 TRP A CG  1 
ATOM   271  C CD1 . TRP A 1 60  ? 2.502   -12.652 9.878   1.00 27.41  ? 125 TRP A CD1 1 
ATOM   272  C CD2 . TRP A 1 60  ? 1.326   -10.925 9.080   1.00 23.61  ? 125 TRP A CD2 1 
ATOM   273  N NE1 . TRP A 1 60  ? 1.175   -13.020 9.841   1.00 26.81  ? 125 TRP A NE1 1 
ATOM   274  C CE2 . TRP A 1 60  ? 0.447   -11.986 9.321   1.00 24.62  ? 125 TRP A CE2 1 
ATOM   275  C CE3 . TRP A 1 60  ? 0.817   -9.738  8.579   1.00 21.88  ? 125 TRP A CE3 1 
ATOM   276  C CZ2 . TRP A 1 60  ? -0.889  -11.897 9.050   1.00 23.74  ? 125 TRP A CZ2 1 
ATOM   277  C CZ3 . TRP A 1 60  ? -0.490  -9.641  8.326   1.00 23.92  ? 125 TRP A CZ3 1 
ATOM   278  C CH2 . TRP A 1 60  ? -1.342  -10.706 8.532   1.00 24.41  ? 125 TRP A CH2 1 
ATOM   279  N N   . PRO A 1 61  ? 3.965   -11.371 12.663  1.00 30.00  ? 126 PRO A N   1 
ATOM   280  C CA  . PRO A 1 61  ? 4.420   -12.295 13.705  1.00 30.39  ? 126 PRO A CA  1 
ATOM   281  C C   . PRO A 1 61  ? 5.075   -13.495 13.062  1.00 30.85  ? 126 PRO A C   1 
ATOM   282  O O   . PRO A 1 61  ? 4.466   -14.163 12.201  1.00 30.07  ? 126 PRO A O   1 
ATOM   283  C CB  . PRO A 1 61  ? 3.139   -12.660 14.442  1.00 28.76  ? 126 PRO A CB  1 
ATOM   284  C CG  . PRO A 1 61  ? 2.327   -11.441 14.323  1.00 30.11  ? 126 PRO A CG  1 
ATOM   285  C CD  . PRO A 1 61  ? 2.568   -10.972 12.902  1.00 30.68  ? 126 PRO A CD  1 
ATOM   286  N N   . PHE A 1 62  ? 6.338   -13.718 13.407  1.00 30.12  ? 127 PHE A N   1 
ATOM   287  C CA  . PHE A 1 62  ? 7.106   -14.782 12.762  1.00 31.57  ? 127 PHE A CA  1 
ATOM   288  C C   . PHE A 1 62  ? 7.360   -15.935 13.751  1.00 36.42  ? 127 PHE A C   1 
ATOM   289  O O   . PHE A 1 62  ? 8.098   -16.892 13.463  1.00 45.83  ? 127 PHE A O   1 
ATOM   290  C CB  . PHE A 1 62  ? 8.388   -14.190 12.153  1.00 30.67  ? 127 PHE A CB  1 
ATOM   291  C CG  . PHE A 1 62  ? 9.159   -13.344 13.101  1.00 29.20  ? 127 PHE A CG  1 
ATOM   292  C CD1 . PHE A 1 62  ? 9.046   -11.996 13.070  1.00 29.20  ? 127 PHE A CD1 1 
ATOM   293  C CD2 . PHE A 1 62  ? 9.950   -13.926 14.059  1.00 29.93  ? 127 PHE A CD2 1 
ATOM   294  C CE1 . PHE A 1 62  ? 9.735   -11.217 13.964  1.00 33.09  ? 127 PHE A CE1 1 
ATOM   295  C CE2 . PHE A 1 62  ? 10.647  -13.168 14.968  1.00 28.17  ? 127 PHE A CE2 1 
ATOM   296  C CZ  . PHE A 1 62  ? 10.559  -11.809 14.918  1.00 31.36  ? 127 PHE A CZ  1 
ATOM   297  N N   . ASP A 1 63  ? 6.717   -15.816 14.910  1.00 41.10  ? 128 ASP A N   1 
ATOM   298  C CA  . ASP A 1 63  ? 6.749   -16.767 15.983  1.00 43.60  ? 128 ASP A CA  1 
ATOM   299  C C   . ASP A 1 63  ? 5.436   -16.643 16.789  1.00 45.58  ? 128 ASP A C   1 
ATOM   300  O O   . ASP A 1 63  ? 4.908   -15.542 16.955  1.00 40.27  ? 128 ASP A O   1 
ATOM   301  C CB  . ASP A 1 63  ? 7.945   -16.530 16.921  1.00 50.05  ? 128 ASP A CB  1 
ATOM   302  C CG  . ASP A 1 63  ? 8.427   -17.841 17.622  1.00 57.34  ? 128 ASP A CG  1 
ATOM   303  O OD1 . ASP A 1 63  ? 8.310   -17.953 18.876  1.00 56.28  ? 128 ASP A OD1 1 
ATOM   304  O OD2 . ASP A 1 63  ? 8.887   -18.767 16.899  1.00 58.91  ? 128 ASP A OD2 1 
ATOM   305  N N   . PRO A 1 64  ? 4.935   -17.777 17.321  1.00 50.34  ? 129 PRO A N   1 
ATOM   306  C CA  . PRO A 1 64  ? 3.756   -17.824 18.214  1.00 49.40  ? 129 PRO A CA  1 
ATOM   307  C C   . PRO A 1 64  ? 3.857   -16.851 19.356  1.00 42.17  ? 129 PRO A C   1 
ATOM   308  O O   . PRO A 1 64  ? 2.880   -16.143 19.630  1.00 39.76  ? 129 PRO A O   1 
ATOM   309  C CB  . PRO A 1 64  ? 3.788   -19.252 18.759  1.00 52.19  ? 129 PRO A CB  1 
ATOM   310  C CG  . PRO A 1 64  ? 4.479   -20.029 17.671  1.00 56.47  ? 129 PRO A CG  1 
ATOM   311  C CD  . PRO A 1 64  ? 5.593   -19.100 17.265  1.00 53.04  ? 129 PRO A CD  1 
ATOM   312  N N   . THR A 1 65  ? 5.040   -16.759 19.968  1.00 38.22  ? 130 THR A N   1 
ATOM   313  C CA  . THR A 1 65  ? 5.288   -15.750 21.012  1.00 41.74  ? 130 THR A CA  1 
ATOM   314  C C   . THR A 1 65  ? 4.981   -14.310 20.592  1.00 40.55  ? 130 THR A C   1 
ATOM   315  O O   . THR A 1 65  ? 4.915   -13.422 21.436  1.00 38.39  ? 130 THR A O   1 
ATOM   316  C CB  . THR A 1 65  ? 6.757   -15.772 21.503  1.00 51.87  ? 130 THR A CB  1 
ATOM   317  O OG1 . THR A 1 65  ? 7.621   -16.250 20.458  1.00 54.98  ? 130 THR A OG1 1 
ATOM   318  C CG2 . THR A 1 65  ? 6.894   -16.709 22.695  1.00 58.90  ? 130 THR A CG2 1 
ATOM   319  N N   . LEU A 1 66  ? 4.797   -14.065 19.294  1.00 37.22  ? 131 LEU A N   1 
ATOM   320  C CA  . LEU A 1 66  ? 4.630   -12.705 18.807  1.00 36.79  ? 131 LEU A CA  1 
ATOM   321  C C   . LEU A 1 66  ? 3.216   -12.453 18.377  1.00 34.77  ? 131 LEU A C   1 
ATOM   322  O O   . LEU A 1 66  ? 2.886   -11.335 18.000  1.00 39.78  ? 131 LEU A O   1 
ATOM   323  C CB  . LEU A 1 66  ? 5.623   -12.422 17.648  1.00 36.86  ? 131 LEU A CB  1 
ATOM   324  C CG  . LEU A 1 66  ? 7.122   -12.629 18.049  1.00 38.56  ? 131 LEU A CG  1 
ATOM   325  C CD1 . LEU A 1 66  ? 8.002   -12.524 16.828  1.00 39.28  ? 131 LEU A CD1 1 
ATOM   326  C CD2 . LEU A 1 66  ? 7.648   -11.661 19.132  1.00 39.59  ? 131 LEU A CD2 1 
ATOM   327  N N   . LYS A 1 67  ? 2.365   -13.459 18.450  1.00 33.96  ? 132 LYS A N   1 
ATOM   328  C CA  . LYS A 1 67  ? 1.065   -13.359 17.756  1.00 37.74  ? 132 LYS A CA  1 
ATOM   329  C C   . LYS A 1 67  ? 0.096   -12.337 18.351  1.00 32.24  ? 132 LYS A C   1 
ATOM   330  O O   . LYS A 1 67  ? -0.825  -11.897 17.670  1.00 32.63  ? 132 LYS A O   1 
ATOM   331  C CB  . LYS A 1 67  ? 0.417   -14.724 17.643  1.00 44.86  ? 132 LYS A CB  1 
ATOM   332  C CG  . LYS A 1 67  ? 0.067   -15.355 18.975  1.00 50.49  ? 132 LYS A CG  1 
ATOM   333  C CD  . LYS A 1 67  ? -0.159  -16.851 18.814  1.00 56.63  ? 132 LYS A CD  1 
ATOM   334  C CE  . LYS A 1 67  ? -0.195  -17.536 20.169  1.00 63.91  ? 132 LYS A CE  1 
ATOM   335  N NZ  . LYS A 1 67  ? -1.215  -18.625 20.146  1.00 84.38  ? 132 LYS A NZ  1 
ATOM   336  N N   . PHE A 1 68  ? 0.342   -11.919 19.579  1.00 31.67  ? 133 PHE A N   1 
ATOM   337  C CA  . PHE A 1 68  ? -0.423  -10.819 20.212  1.00 40.10  ? 133 PHE A CA  1 
ATOM   338  C C   . PHE A 1 68  ? 0.300   -9.455  20.242  1.00 43.91  ? 133 PHE A C   1 
ATOM   339  O O   . PHE A 1 68  ? -0.061  -8.562  21.009  1.00 39.44  ? 133 PHE A O   1 
ATOM   340  C CB  . PHE A 1 68  ? -0.792  -11.196 21.655  1.00 44.24  ? 133 PHE A CB  1 
ATOM   341  C CG  . PHE A 1 68  ? -1.496  -12.520 21.775  1.00 48.88  ? 133 PHE A CG  1 
ATOM   342  C CD1 . PHE A 1 68  ? -0.952  -13.540 22.533  1.00 51.39  ? 133 PHE A CD1 1 
ATOM   343  C CD2 . PHE A 1 68  ? -2.678  -12.744 21.104  1.00 47.54  ? 133 PHE A CD2 1 
ATOM   344  C CE1 . PHE A 1 68  ? -1.600  -14.759 22.635  1.00 55.10  ? 133 PHE A CE1 1 
ATOM   345  C CE2 . PHE A 1 68  ? -3.325  -13.951 21.203  1.00 54.20  ? 133 PHE A CE2 1 
ATOM   346  C CZ  . PHE A 1 68  ? -2.785  -14.967 21.965  1.00 55.68  ? 133 PHE A CZ  1 
ATOM   347  N N   . GLU A 1 69  ? 1.333   -9.287  19.426  1.00 45.88  ? 134 GLU A N   1 
ATOM   348  C CA  . GLU A 1 69  ? 1.869   -7.959  19.237  1.00 45.46  ? 134 GLU A CA  1 
ATOM   349  C C   . GLU A 1 69  ? 1.190   -7.441  17.990  1.00 41.84  ? 134 GLU A C   1 
ATOM   350  O O   . GLU A 1 69  ? 1.629   -7.701  16.880  1.00 38.05  ? 134 GLU A O   1 
ATOM   351  C CB  . GLU A 1 69  ? 3.372   -8.007  19.122  1.00 46.23  ? 134 GLU A CB  1 
ATOM   352  C CG  . GLU A 1 69  ? 4.006   -8.309  20.469  1.00 42.09  ? 134 GLU A CG  1 
ATOM   353  C CD  . GLU A 1 69  ? 5.486   -8.708  20.392  1.00 44.78  ? 134 GLU A CD  1 
ATOM   354  O OE1 . GLU A 1 69  ? 6.043   -8.904  19.295  1.00 40.41  ? 134 GLU A OE1 1 
ATOM   355  O OE2 . GLU A 1 69  ? 6.106   -8.885  21.472  1.00 55.91  ? 134 GLU A OE2 1 
ATOM   356  N N   . PHE A 1 70  ? 0.113   -6.711  18.223  1.00 33.64  ? 135 PHE A N   1 
ATOM   357  C CA  . PHE A 1 70  ? -0.882  -6.432  17.219  1.00 33.75  ? 135 PHE A CA  1 
ATOM   358  C C   . PHE A 1 70  ? -0.491  -5.399  16.175  1.00 32.61  ? 135 PHE A C   1 
ATOM   359  O O   . PHE A 1 70  ? -1.067  -5.406  15.066  1.00 30.40  ? 135 PHE A O   1 
ATOM   360  C CB  . PHE A 1 70  ? -2.202  -5.999  17.884  1.00 32.83  ? 135 PHE A CB  1 
ATOM   361  C CG  . PHE A 1 70  ? -2.899  -7.118  18.586  1.00 37.21  ? 135 PHE A CG  1 
ATOM   362  C CD1 . PHE A 1 70  ? -3.761  -7.947  17.887  1.00 38.30  ? 135 PHE A CD1 1 
ATOM   363  C CD2 . PHE A 1 70  ? -2.687  -7.359  19.946  1.00 36.94  ? 135 PHE A CD2 1 
ATOM   364  C CE1 . PHE A 1 70  ? -4.399  -8.989  18.517  1.00 37.78  ? 135 PHE A CE1 1 
ATOM   365  C CE2 . PHE A 1 70  ? -3.326  -8.401  20.574  1.00 37.25  ? 135 PHE A CE2 1 
ATOM   366  C CZ  . PHE A 1 70  ? -4.168  -9.217  19.867  1.00 37.58  ? 135 PHE A CZ  1 
ATOM   367  N N   . TRP A 1 71  ? 0.443   -4.516  16.521  1.00 31.07  ? 136 TRP A N   1 
ATOM   368  C CA  . TRP A 1 71  ? 1.003   -3.570  15.552  1.00 30.86  ? 136 TRP A CA  1 
ATOM   369  C C   . TRP A 1 71  ? 1.621   -4.307  14.345  1.00 29.16  ? 136 TRP A C   1 
ATOM   370  O O   . TRP A 1 71  ? 1.567   -3.778  13.257  1.00 31.76  ? 136 TRP A O   1 
ATOM   371  C CB  . TRP A 1 71  ? 2.035   -2.657  16.237  1.00 36.64  ? 136 TRP A CB  1 
ATOM   372  C CG  . TRP A 1 71  ? 3.360   -3.353  16.654  1.00 35.91  ? 136 TRP A CG  1 
ATOM   373  C CD1 . TRP A 1 71  ? 4.460   -3.508  15.872  1.00 36.72  ? 136 TRP A CD1 1 
ATOM   374  C CD2 . TRP A 1 71  ? 3.677   -3.957  17.906  1.00 38.01  ? 136 TRP A CD2 1 
ATOM   375  N NE1 . TRP A 1 71  ? 5.437   -4.150  16.541  1.00 35.28  ? 136 TRP A NE1 1 
ATOM   376  C CE2 . TRP A 1 71  ? 5.012   -4.444  17.795  1.00 35.37  ? 136 TRP A CE2 1 
ATOM   377  C CE3 . TRP A 1 71  ? 2.962   -4.143  19.129  1.00 44.23  ? 136 TRP A CE3 1 
ATOM   378  C CZ2 . TRP A 1 71  ? 5.679   -5.127  18.848  1.00 41.55  ? 136 TRP A CZ2 1 
ATOM   379  C CZ3 . TRP A 1 71  ? 3.609   -4.815  20.205  1.00 40.54  ? 136 TRP A CZ3 1 
ATOM   380  C CH2 . TRP A 1 71  ? 4.978   -5.293  20.054  1.00 45.42  ? 136 TRP A CH2 1 
ATOM   381  N N   . ARG A 1 72  ? 2.136   -5.535  14.535  1.00 24.98  ? 137 ARG A N   1 
ATOM   382  C CA  . ARG A 1 72  ? 2.793   -6.331  13.495  1.00 23.66  ? 137 ARG A CA  1 
ATOM   383  C C   . ARG A 1 72  ? 1.958   -6.762  12.312  1.00 26.10  ? 137 ARG A C   1 
ATOM   384  O O   . ARG A 1 72  ? 2.499   -7.081  11.217  1.00 23.20  ? 137 ARG A O   1 
ATOM   385  C CB  . ARG A 1 72  ? 3.392   -7.581  14.107  1.00 22.91  ? 137 ARG A CB  1 
ATOM   386  C CG  . ARG A 1 72  ? 4.538   -7.317  15.074  1.00 24.05  ? 137 ARG A CG  1 
ATOM   387  C CD  . ARG A 1 72  ? 4.946   -8.649  15.654  1.00 25.26  ? 137 ARG A CD  1 
ATOM   388  N NE  . ARG A 1 72  ? 6.111   -8.557  16.478  1.00 26.07  ? 137 ARG A NE  1 
ATOM   389  C CZ  . ARG A 1 72  ? 7.377   -8.459  16.038  1.00 27.69  ? 137 ARG A CZ  1 
ATOM   390  N NH1 . ARG A 1 72  ? 7.663   -8.398  14.759  1.00 25.75  ? 137 ARG A NH1 1 
ATOM   391  N NH2 . ARG A 1 72  ? 8.386   -8.387  16.910  1.00 26.96  ? 137 ARG A NH2 1 
ATOM   392  N N   . TYR A 1 73  ? 0.658   -6.875  12.538  1.00 24.63  ? 138 TYR A N   1 
ATOM   393  C CA  . TYR A 1 73  ? -0.269  -7.154  11.455  1.00 24.76  ? 138 TYR A CA  1 
ATOM   394  C C   . TYR A 1 73  ? -0.358  -5.942  10.487  1.00 25.01  ? 138 TYR A C   1 
ATOM   395  O O   . TYR A 1 73  ? -0.833  -6.089  9.349   1.00 22.77  ? 138 TYR A O   1 
ATOM   396  C CB  . TYR A 1 73  ? -1.660  -7.559  12.014  1.00 26.97  ? 138 TYR A CB  1 
ATOM   397  C CG  . TYR A 1 73  ? -1.593  -8.804  12.840  1.00 27.30  ? 138 TYR A CG  1 
ATOM   398  C CD1 . TYR A 1 73  ? -1.711  -8.751  14.229  1.00 29.92  ? 138 TYR A CD1 1 
ATOM   399  C CD2 . TYR A 1 73  ? -1.358  -10.046 12.246  1.00 26.60  ? 138 TYR A CD2 1 
ATOM   400  C CE1 . TYR A 1 73  ? -1.595  -9.908  15.009  1.00 27.93  ? 138 TYR A CE1 1 
ATOM   401  C CE2 . TYR A 1 73  ? -1.240  -11.183 13.001  1.00 27.05  ? 138 TYR A CE2 1 
ATOM   402  C CZ  . TYR A 1 73  ? -1.345  -11.103 14.407  1.00 27.00  ? 138 TYR A CZ  1 
ATOM   403  O OH  . TYR A 1 73  ? -1.219  -12.216 15.188  1.00 24.71  ? 138 TYR A OH  1 
ATOM   404  N N   . PHE A 1 74  ? 0.149   -4.765  10.904  1.00 26.25  ? 139 PHE A N   1 
ATOM   405  C CA  . PHE A 1 74  ? 0.161   -3.511  10.046  1.00 26.32  ? 139 PHE A CA  1 
ATOM   406  C C   . PHE A 1 74  ? 1.579   -2.929  9.721   1.00 26.85  ? 139 PHE A C   1 
ATOM   407  O O   . PHE A 1 74  ? 1.777   -2.342  8.653   1.00 25.34  ? 139 PHE A O   1 
ATOM   408  C CB  . PHE A 1 74  ? -0.652  -2.372  10.733  1.00 25.58  ? 139 PHE A CB  1 
ATOM   409  C CG  . PHE A 1 74  ? -2.022  -2.812  11.210  1.00 28.08  ? 139 PHE A CG  1 
ATOM   410  C CD1 . PHE A 1 74  ? -2.178  -3.410  12.491  1.00 26.89  ? 139 PHE A CD1 1 
ATOM   411  C CD2 . PHE A 1 74  ? -3.120  -2.699  10.385  1.00 27.93  ? 139 PHE A CD2 1 
ATOM   412  C CE1 . PHE A 1 74  ? -3.423  -3.830  12.931  1.00 28.84  ? 139 PHE A CE1 1 
ATOM   413  C CE2 . PHE A 1 74  ? -4.381  -3.130  10.808  1.00 29.60  ? 139 PHE A CE2 1 
ATOM   414  C CZ  . PHE A 1 74  ? -4.536  -3.690  12.076  1.00 29.62  ? 139 PHE A CZ  1 
ATOM   415  N N   . THR A 1 75  ? 2.513   -3.008  10.677  1.00 26.36  ? 140 THR A N   1 
ATOM   416  C CA  . THR A 1 75  ? 3.761   -2.281  10.614  1.00 25.44  ? 140 THR A CA  1 
ATOM   417  C C   . THR A 1 75  ? 4.685   -2.879  9.532   1.00 25.88  ? 140 THR A C   1 
ATOM   418  O O   . THR A 1 75  ? 5.623   -2.250  9.142   1.00 29.20  ? 140 THR A O   1 
ATOM   419  C CB  . THR A 1 75  ? 4.522   -2.250  11.976  1.00 27.19  ? 140 THR A CB  1 
ATOM   420  O OG1 . THR A 1 75  ? 4.672   -3.572  12.522  1.00 26.37  ? 140 THR A OG1 1 
ATOM   421  C CG2 . THR A 1 75  ? 3.846   -1.378  13.036  1.00 28.10  ? 140 THR A CG2 1 
ATOM   422  N N   . HIS A 1 76  ? 4.436   -4.084  9.041   1.00 23.95  ? 141 HIS A N   1 
ATOM   423  C CA  . HIS A 1 76  ? 5.146   -4.560  7.889   1.00 24.89  ? 141 HIS A CA  1 
ATOM   424  C C   . HIS A 1 76  ? 5.065   -3.584  6.664   1.00 25.72  ? 141 HIS A C   1 
ATOM   425  O O   . HIS A 1 76  ? 5.968   -3.563  5.792   1.00 24.94  ? 141 HIS A O   1 
ATOM   426  C CB  . HIS A 1 76  ? 4.625   -5.928  7.489   1.00 25.44  ? 141 HIS A CB  1 
ATOM   427  C CG  . HIS A 1 76  ? 3.157   -5.938  7.203   1.00 27.41  ? 141 HIS A CG  1 
ATOM   428  N ND1 . HIS A 1 76  ? 2.631   -5.579  5.976   1.00 25.73  ? 141 HIS A ND1 1 
ATOM   429  C CD2 . HIS A 1 76  ? 2.095   -6.236  7.994   1.00 28.57  ? 141 HIS A CD2 1 
ATOM   430  C CE1 . HIS A 1 76  ? 1.310   -5.685  6.014   1.00 26.64  ? 141 HIS A CE1 1 
ATOM   431  N NE2 . HIS A 1 76  ? 0.956   -6.057  7.233   1.00 29.15  ? 141 HIS A NE2 1 
ATOM   432  N N   . ALA A 1 77  ? 4.023   -2.776  6.597   1.00 25.78  ? 142 ALA A N   1 
ATOM   433  C CA  . ALA A 1 77  ? 3.777   -1.913  5.415   1.00 29.23  ? 142 ALA A CA  1 
ATOM   434  C C   . ALA A 1 77  ? 4.709   -0.718  5.377   1.00 27.12  ? 142 ALA A C   1 
ATOM   435  O O   . ALA A 1 77  ? 4.826   -0.054  4.352   1.00 29.94  ? 142 ALA A O   1 
ATOM   436  C CB  . ALA A 1 77  ? 2.337   -1.416  5.398   1.00 31.72  ? 142 ALA A CB  1 
ATOM   437  N N   . LEU A 1 78  ? 5.409   -0.530  6.479   1.00 27.03  ? 143 LEU A N   1 
ATOM   438  C CA  . LEU A 1 78  ? 6.249   0.646   6.768   1.00 29.76  ? 143 LEU A CA  1 
ATOM   439  C C   . LEU A 1 78  ? 7.729   0.461   6.370   1.00 28.68  ? 143 LEU A C   1 
ATOM   440  O O   . LEU A 1 78  ? 8.485   1.398   6.409   1.00 29.40  ? 143 LEU A O   1 
ATOM   441  C CB  . LEU A 1 78  ? 6.182   0.883   8.269   1.00 28.66  ? 143 LEU A CB  1 
ATOM   442  C CG  . LEU A 1 78  ? 5.363   2.073   8.753   1.00 31.57  ? 143 LEU A CG  1 
ATOM   443  C CD1 . LEU A 1 78  ? 4.225   2.512   7.882   1.00 30.53  ? 143 LEU A CD1 1 
ATOM   444  C CD2 . LEU A 1 78  ? 4.926   1.878   10.193  1.00 31.20  ? 143 LEU A CD2 1 
ATOM   445  N N   . MET A 1 79  ? 8.107   -0.768  6.016   1.00 29.73  ? 144 MET A N   1 
ATOM   446  C CA  . MET A 1 79  ? 9.483   -1.137  5.808   1.00 28.39  ? 144 MET A CA  1 
ATOM   447  C C   . MET A 1 79  ? 9.691   -1.262  4.337   1.00 26.11  ? 144 MET A C   1 
ATOM   448  O O   . MET A 1 79  ? 8.952   -1.977  3.665   1.00 25.73  ? 144 MET A O   1 
ATOM   449  C CB  . MET A 1 79  ? 9.785   -2.516  6.426   1.00 29.62  ? 144 MET A CB  1 
ATOM   450  C CG  . MET A 1 79  ? 9.792   -2.521  7.953   1.00 31.13  ? 144 MET A CG  1 
ATOM   451  S SD  . MET A 1 79  ? 10.368  -4.079  8.646   1.00 29.86  ? 144 MET A SD  1 
ATOM   452  C CE  . MET A 1 79  ? 9.063   -5.186  8.123   1.00 32.62  ? 144 MET A CE  1 
ATOM   453  N N   . HIS A 1 80  ? 10.749  -0.628  3.863   1.00 26.11  ? 145 HIS A N   1 
ATOM   454  C CA  . HIS A 1 80  ? 11.187  -0.729  2.477   1.00 26.02  ? 145 HIS A CA  1 
ATOM   455  C C   . HIS A 1 80  ? 12.662  -1.147  2.432   1.00 28.86  ? 145 HIS A C   1 
ATOM   456  O O   . HIS A 1 80  ? 13.418  -0.813  3.337   1.00 30.94  ? 145 HIS A O   1 
ATOM   457  C CB  . HIS A 1 80  ? 10.922  0.586   1.765   1.00 23.94  ? 145 HIS A CB  1 
ATOM   458  C CG  . HIS A 1 80  ? 9.460   0.876   1.608   1.00 23.91  ? 145 HIS A CG  1 
ATOM   459  N ND1 . HIS A 1 80  ? 8.745   1.625   2.522   1.00 24.99  ? 145 HIS A ND1 1 
ATOM   460  C CD2 . HIS A 1 80  ? 8.570   0.509   0.646   1.00 25.54  ? 145 HIS A CD2 1 
ATOM   461  C CE1 . HIS A 1 80  ? 7.484   1.723   2.129   1.00 27.44  ? 145 HIS A CE1 1 
ATOM   462  N NE2 . HIS A 1 80  ? 7.348   1.050   0.987   1.00 28.54  ? 145 HIS A NE2 1 
ATOM   463  N N   . PHE A 1 81  ? 13.034  -1.877  1.378   1.00 32.62  ? 146 PHE A N   1 
ATOM   464  C CA  . PHE A 1 81  ? 14.359  -2.575  1.241   1.00 38.54  ? 146 PHE A CA  1 
ATOM   465  C C   . PHE A 1 81  ? 15.330  -2.011  0.192   1.00 40.14  ? 146 PHE A C   1 
ATOM   466  O O   . PHE A 1 81  ? 16.529  -2.335  0.195   1.00 45.19  ? 146 PHE A O   1 
ATOM   467  C CB  . PHE A 1 81  ? 14.103  -4.075  0.989   1.00 36.31  ? 146 PHE A CB  1 
ATOM   468  C CG  . PHE A 1 81  ? 13.235  -4.659  2.054   1.00 40.31  ? 146 PHE A CG  1 
ATOM   469  C CD1 . PHE A 1 81  ? 11.870  -4.774  1.869   1.00 42.21  ? 146 PHE A CD1 1 
ATOM   470  C CD2 . PHE A 1 81  ? 13.762  -4.907  3.313   1.00 37.55  ? 146 PHE A CD2 1 
ATOM   471  C CE1 . PHE A 1 81  ? 11.063  -5.215  2.904   1.00 45.01  ? 146 PHE A CE1 1 
ATOM   472  C CE2 . PHE A 1 81  ? 12.953  -5.342  4.344   1.00 42.29  ? 146 PHE A CE2 1 
ATOM   473  C CZ  . PHE A 1 81  ? 11.601  -5.499  4.137   1.00 42.26  ? 146 PHE A CZ  1 
ATOM   474  N N   . SER A 1 82  ? 14.813  -1.152  -0.671  1.00 40.43  ? 147 SER A N   1 
ATOM   475  C CA  . SER A 1 82  ? 15.665  -0.359  -1.529  1.00 41.11  ? 147 SER A CA  1 
ATOM   476  C C   . SER A 1 82  ? 15.033  0.987   -1.768  1.00 40.10  ? 147 SER A C   1 
ATOM   477  O O   . SER A 1 82  ? 13.841  1.249   -1.486  1.00 40.24  ? 147 SER A O   1 
ATOM   478  C CB  . SER A 1 82  ? 15.925  -1.064  -2.869  1.00 40.95  ? 147 SER A CB  1 
ATOM   479  O OG  . SER A 1 82  ? 14.788  -1.009  -3.740  1.00 46.25  ? 147 SER A OG  1 
ATOM   480  N N   . LEU A 1 83  ? 15.860  1.812   -2.356  1.00 38.33  ? 148 LEU A N   1 
ATOM   481  C CA  . LEU A 1 83  ? 15.525  3.160   -2.703  1.00 40.03  ? 148 LEU A CA  1 
ATOM   482  C C   . LEU A 1 83  ? 14.430  3.194   -3.804  1.00 37.96  ? 148 LEU A C   1 
ATOM   483  O O   . LEU A 1 83  ? 13.462  3.926   -3.669  1.00 37.41  ? 148 LEU A O   1 
ATOM   484  C CB  . LEU A 1 83  ? 16.807  3.814   -3.149  1.00 43.54  ? 148 LEU A CB  1 
ATOM   485  C CG  . LEU A 1 83  ? 17.099  5.253   -2.835  1.00 51.42  ? 148 LEU A CG  1 
ATOM   486  C CD1 . LEU A 1 83  ? 16.872  5.535   -1.368  1.00 53.08  ? 148 LEU A CD1 1 
ATOM   487  C CD2 . LEU A 1 83  ? 18.557  5.507   -3.281  1.00 59.62  ? 148 LEU A CD2 1 
ATOM   488  N N   . MET A 1 84  ? 14.577  2.397   -4.858  1.00 39.10  ? 149 MET A N   1 
ATOM   489  C CA  . MET A 1 84  ? 13.518  2.201   -5.862  1.00 48.02  ? 149 MET A CA  1 
ATOM   490  C C   . MET A 1 84  ? 12.146  1.944   -5.197  1.00 47.27  ? 149 MET A C   1 
ATOM   491  O O   . MET A 1 84  ? 11.117  2.522   -5.521  1.00 45.62  ? 149 MET A O   1 
ATOM   492  C CB  . MET A 1 84  ? 13.797  0.913   -6.650  1.00 55.50  ? 149 MET A CB  1 
ATOM   493  C CG  . MET A 1 84  ? 14.834  0.956   -7.711  1.00 62.74  ? 149 MET A CG  1 
ATOM   494  S SD  . MET A 1 84  ? 14.153  1.772   -9.148  1.00 79.12  ? 149 MET A SD  1 
ATOM   495  C CE  . MET A 1 84  ? 14.793  3.424   -8.865  1.00 86.73  ? 149 MET A CE  1 
ATOM   496  N N   . HIS A 1 85  ? 12.158  0.964   -4.314  1.00 45.04  ? 150 HIS A N   1 
ATOM   497  C CA  . HIS A 1 85  ? 10.979  0.471   -3.654  1.00 41.90  ? 150 HIS A CA  1 
ATOM   498  C C   . HIS A 1 85  ? 10.246  1.648   -2.886  1.00 32.22  ? 150 HIS A C   1 
ATOM   499  O O   . HIS A 1 85  ? 9.115   2.005   -3.190  1.00 27.45  ? 150 HIS A O   1 
ATOM   500  C CB  . HIS A 1 85  ? 11.490  -0.656  -2.750  1.00 46.14  ? 150 HIS A CB  1 
ATOM   501  C CG  . HIS A 1 85  ? 10.420  -1.483  -2.116  1.00 52.72  ? 150 HIS A CG  1 
ATOM   502  N ND1 . HIS A 1 85  ? 10.577  -2.071  -0.874  1.00 42.24  ? 150 HIS A ND1 1 
ATOM   503  C CD2 . HIS A 1 85  ? 9.183   -1.830  -2.556  1.00 51.93  ? 150 HIS A CD2 1 
ATOM   504  C CE1 . HIS A 1 85  ? 9.476   -2.731  -0.582  1.00 45.01  ? 150 HIS A CE1 1 
ATOM   505  N NE2 . HIS A 1 85  ? 8.611   -2.588  -1.575  1.00 42.44  ? 150 HIS A NE2 1 
ATOM   506  N N   . ILE A 1 86  ? 10.915  2.279   -1.940  1.00 27.96  ? 151 ILE A N   1 
ATOM   507  C CA  . ILE A 1 86  ? 10.284  3.340   -1.217  1.00 29.38  ? 151 ILE A CA  1 
ATOM   508  C C   . ILE A 1 86  ? 9.912   4.545   -2.095  1.00 32.25  ? 151 ILE A C   1 
ATOM   509  O O   . ILE A 1 86  ? 8.858   5.174   -1.889  1.00 34.36  ? 151 ILE A O   1 
ATOM   510  C CB  . ILE A 1 86  ? 11.104  3.744   0.063   1.00 28.73  ? 151 ILE A CB  1 
ATOM   511  C CG1 . ILE A 1 86  ? 10.355  4.789   0.903   1.00 27.04  ? 151 ILE A CG1 1 
ATOM   512  C CG2 . ILE A 1 86  ? 12.488  4.260   -0.284  1.00 30.26  ? 151 ILE A CG2 1 
ATOM   513  C CD1 . ILE A 1 86  ? 10.877  4.996   2.315   1.00 25.73  ? 151 ILE A CD1 1 
ATOM   514  N N   . LEU A 1 87  ? 10.785  4.889   -3.046  1.00 33.63  ? 152 LEU A N   1 
ATOM   515  C CA  . LEU A 1 87  ? 10.586  6.055   -3.900  1.00 33.98  ? 152 LEU A CA  1 
ATOM   516  C C   . LEU A 1 87  ? 9.315   5.915   -4.676  1.00 30.91  ? 152 LEU A C   1 
ATOM   517  O O   . LEU A 1 87  ? 8.501   6.834   -4.692  1.00 30.70  ? 152 LEU A O   1 
ATOM   518  C CB  . LEU A 1 87  ? 11.744  6.225   -4.888  1.00 42.95  ? 152 LEU A CB  1 
ATOM   519  C CG  . LEU A 1 87  ? 11.510  7.290   -5.971  1.00 51.48  ? 152 LEU A CG  1 
ATOM   520  C CD1 . LEU A 1 87  ? 11.716  8.661   -5.354  1.00 49.18  ? 152 LEU A CD1 1 
ATOM   521  C CD2 . LEU A 1 87  ? 12.421  7.107   -7.188  1.00 61.10  ? 152 LEU A CD2 1 
ATOM   522  N N   . PHE A 1 88  ? 9.135   4.775   -5.342  1.00 33.30  ? 153 PHE A N   1 
ATOM   523  C CA  . PHE A 1 88  ? 7.971   4.582   -6.184  1.00 34.79  ? 153 PHE A CA  1 
ATOM   524  C C   . PHE A 1 88  ? 6.714   4.361   -5.351  1.00 32.71  ? 153 PHE A C   1 
ATOM   525  O O   . PHE A 1 88  ? 5.636   4.879   -5.702  1.00 25.10  ? 153 PHE A O   1 
ATOM   526  C CB  . PHE A 1 88  ? 8.185   3.493   -7.249  1.00 39.32  ? 153 PHE A CB  1 
ATOM   527  C CG  . PHE A 1 88  ? 9.039   3.971   -8.363  1.00 46.10  ? 153 PHE A CG  1 
ATOM   528  C CD1 . PHE A 1 88  ? 10.329  3.502   -8.529  1.00 53.76  ? 153 PHE A CD1 1 
ATOM   529  C CD2 . PHE A 1 88  ? 8.594   5.011   -9.185  1.00 51.91  ? 153 PHE A CD2 1 
ATOM   530  C CE1 . PHE A 1 88  ? 11.142  4.015   -9.524  1.00 56.36  ? 153 PHE A CE1 1 
ATOM   531  C CE2 . PHE A 1 88  ? 9.404   5.533   -10.166 1.00 51.82  ? 153 PHE A CE2 1 
ATOM   532  C CZ  . PHE A 1 88  ? 10.682  5.032   -10.339 1.00 53.18  ? 153 PHE A CZ  1 
ATOM   533  N N   . ASN A 1 89  ? 6.834   3.661   -4.226  1.00 30.32  ? 154 ASN A N   1 
ATOM   534  C CA  . ASN A 1 89  ? 5.602   3.407   -3.427  1.00 30.55  ? 154 ASN A CA  1 
ATOM   535  C C   . ASN A 1 89  ? 5.049   4.718   -2.914  1.00 30.03  ? 154 ASN A C   1 
ATOM   536  O O   . ASN A 1 89  ? 3.850   4.964   -2.997  1.00 27.05  ? 154 ASN A O   1 
ATOM   537  C CB  . ASN A 1 89  ? 5.857   2.492   -2.244  1.00 31.05  ? 154 ASN A CB  1 
ATOM   538  C CG  . ASN A 1 89  ? 6.052   1.034   -2.625  1.00 31.23  ? 154 ASN A CG  1 
ATOM   539  O OD1 . ASN A 1 89  ? 6.323   0.201   -1.759  1.00 39.12  ? 154 ASN A OD1 1 
ATOM   540  N ND2 . ASN A 1 89  ? 5.897   0.713   -3.859  1.00 31.44  ? 154 ASN A ND2 1 
ATOM   541  N N   . LEU A 1 90  ? 5.946   5.574   -2.450  1.00 28.63  ? 155 LEU A N   1 
ATOM   542  C CA  . LEU A 1 90  ? 5.564   6.868   -1.927  1.00 31.04  ? 155 LEU A CA  1 
ATOM   543  C C   . LEU A 1 90  ? 5.085   7.905   -2.962  1.00 33.05  ? 155 LEU A C   1 
ATOM   544  O O   . LEU A 1 90  ? 4.326   8.801   -2.612  1.00 32.33  ? 155 LEU A O   1 
ATOM   545  C CB  . LEU A 1 90  ? 6.742   7.441   -1.135  1.00 31.79  ? 155 LEU A CB  1 
ATOM   546  C CG  . LEU A 1 90  ? 7.051   6.786   0.235   1.00 33.06  ? 155 LEU A CG  1 
ATOM   547  C CD1 . LEU A 1 90  ? 7.972   7.688   0.988   1.00 34.18  ? 155 LEU A CD1 1 
ATOM   548  C CD2 . LEU A 1 90  ? 5.826   6.514   1.108   1.00 34.05  ? 155 LEU A CD2 1 
ATOM   549  N N   . LEU A 1 91  ? 5.552   7.794   -4.211  1.00 32.49  ? 156 LEU A N   1 
ATOM   550  C CA  . LEU A 1 91  ? 5.072   8.645   -5.290  1.00 33.36  ? 156 LEU A CA  1 
ATOM   551  C C   . LEU A 1 91  ? 3.635   8.358   -5.525  1.00 28.39  ? 156 LEU A C   1 
ATOM   552  O O   . LEU A 1 91  ? 2.830   9.268   -5.549  1.00 30.82  ? 156 LEU A O   1 
ATOM   553  C CB  . LEU A 1 91  ? 5.800   8.391   -6.624  1.00 36.59  ? 156 LEU A CB  1 
ATOM   554  C CG  . LEU A 1 91  ? 7.148   9.072   -6.733  1.00 44.29  ? 156 LEU A CG  1 
ATOM   555  C CD1 . LEU A 1 91  ? 7.904   8.642   -7.988  1.00 47.13  ? 156 LEU A CD1 1 
ATOM   556  C CD2 . LEU A 1 91  ? 6.920   10.574  -6.677  1.00 47.01  ? 156 LEU A CD2 1 
ATOM   557  N N   . TRP A 1 92  ? 3.330   7.094   -5.742  1.00 26.19  ? 157 TRP A N   1 
ATOM   558  C CA  . TRP A 1 92  ? 1.954   6.618   -5.860  1.00 30.40  ? 157 TRP A CA  1 
ATOM   559  C C   . TRP A 1 92  ? 1.065   6.933   -4.646  1.00 28.21  ? 157 TRP A C   1 
ATOM   560  O O   . TRP A 1 92  ? -0.054  7.327   -4.783  1.00 33.24  ? 157 TRP A O   1 
ATOM   561  C CB  . TRP A 1 92  ? 1.954   5.099   -6.067  1.00 32.26  ? 157 TRP A CB  1 
ATOM   562  C CG  . TRP A 1 92  ? 2.392   4.713   -7.430  1.00 36.90  ? 157 TRP A CG  1 
ATOM   563  C CD1 . TRP A 1 92  ? 3.464   3.912   -7.777  1.00 36.55  ? 157 TRP A CD1 1 
ATOM   564  C CD2 . TRP A 1 92  ? 1.776   5.122   -8.658  1.00 41.43  ? 157 TRP A CD2 1 
ATOM   565  N NE1 . TRP A 1 92  ? 3.532   3.793   -9.144  1.00 38.59  ? 157 TRP A NE1 1 
ATOM   566  C CE2 . TRP A 1 92  ? 2.525   4.530   -9.715  1.00 41.09  ? 157 TRP A CE2 1 
ATOM   567  C CE3 . TRP A 1 92  ? 0.668   5.940   -8.973  1.00 39.43  ? 157 TRP A CE3 1 
ATOM   568  C CZ2 . TRP A 1 92  ? 2.194   4.720   -11.066 1.00 40.31  ? 157 TRP A CZ2 1 
ATOM   569  C CZ3 . TRP A 1 92  ? 0.332   6.114   -10.323 1.00 40.49  ? 157 TRP A CZ3 1 
ATOM   570  C CH2 . TRP A 1 92  ? 1.100   5.505   -11.346 1.00 39.88  ? 157 TRP A CH2 1 
ATOM   571  N N   . TRP A 1 93  ? 1.577   6.700   -3.463  1.00 30.11  ? 158 TRP A N   1 
ATOM   572  C CA  . TRP A 1 93  ? 0.865   6.985   -2.227  1.00 30.88  ? 158 TRP A CA  1 
ATOM   573  C C   . TRP A 1 93  ? 0.527   8.487   -2.157  1.00 31.40  ? 158 TRP A C   1 
ATOM   574  O O   . TRP A 1 93  ? -0.624  8.890   -1.923  1.00 29.23  ? 158 TRP A O   1 
ATOM   575  C CB  . TRP A 1 93  ? 1.719   6.523   -0.997  1.00 29.21  ? 158 TRP A CB  1 
ATOM   576  C CG  . TRP A 1 93  ? 1.225   7.096   0.301   1.00 27.14  ? 158 TRP A CG  1 
ATOM   577  C CD1 . TRP A 1 93  ? 1.659   8.194   0.899   1.00 29.10  ? 158 TRP A CD1 1 
ATOM   578  C CD2 . TRP A 1 93  ? 0.161   6.583   1.104   1.00 25.24  ? 158 TRP A CD2 1 
ATOM   579  N NE1 . TRP A 1 93  ? 0.957   8.427   2.045   1.00 29.46  ? 158 TRP A NE1 1 
ATOM   580  C CE2 . TRP A 1 93  ? -0.007  7.464   2.171   1.00 27.12  ? 158 TRP A CE2 1 
ATOM   581  C CE3 . TRP A 1 93  ? -0.707  5.478   0.986   1.00 24.84  ? 158 TRP A CE3 1 
ATOM   582  C CZ2 . TRP A 1 93  ? -0.990  7.270   3.186   1.00 26.06  ? 158 TRP A CZ2 1 
ATOM   583  C CZ3 . TRP A 1 93  ? -1.686  5.280   1.996   1.00 25.70  ? 158 TRP A CZ3 1 
ATOM   584  C CH2 . TRP A 1 93  ? -1.789  6.176   3.085   1.00 24.49  ? 158 TRP A CH2 1 
ATOM   585  N N   . TRP A 1 94  ? 1.546   9.306   -2.351  1.00 34.42  ? 159 TRP A N   1 
ATOM   586  C CA  . TRP A 1 94  ? 1.360   10.746  -2.386  1.00 36.39  ? 159 TRP A CA  1 
ATOM   587  C C   . TRP A 1 94  ? 0.286   11.161  -3.354  1.00 35.37  ? 159 TRP A C   1 
ATOM   588  O O   . TRP A 1 94  ? -0.567  11.959  -3.019  1.00 34.30  ? 159 TRP A O   1 
ATOM   589  C CB  . TRP A 1 94  ? 2.656   11.407  -2.824  1.00 42.25  ? 159 TRP A CB  1 
ATOM   590  C CG  . TRP A 1 94  ? 2.662   12.924  -2.798  1.00 46.91  ? 159 TRP A CG  1 
ATOM   591  C CD1 . TRP A 1 94  ? 1.873   13.739  -2.074  1.00 46.52  ? 159 TRP A CD1 1 
ATOM   592  C CD2 . TRP A 1 94  ? 3.589   13.763  -3.478  1.00 66.56  ? 159 TRP A CD2 1 
ATOM   593  N NE1 . TRP A 1 94  ? 2.230   15.041  -2.250  1.00 50.51  ? 159 TRP A NE1 1 
ATOM   594  C CE2 . TRP A 1 94  ? 3.277   15.093  -3.128  1.00 65.26  ? 159 TRP A CE2 1 
ATOM   595  C CE3 . TRP A 1 94  ? 4.677   13.520  -4.349  1.00 73.38  ? 159 TRP A CE3 1 
ATOM   596  C CZ2 . TRP A 1 94  ? 4.003   16.192  -3.625  1.00 70.82  ? 159 TRP A CZ2 1 
ATOM   597  C CZ3 . TRP A 1 94  ? 5.406   14.616  -4.839  1.00 72.76  ? 159 TRP A CZ3 1 
ATOM   598  C CH2 . TRP A 1 94  ? 5.061   15.932  -4.477  1.00 69.04  ? 159 TRP A CH2 1 
ATOM   599  N N   . TYR A 1 95  ? 0.343   10.633  -4.572  1.00 31.81  ? 160 TYR A N   1 
ATOM   600  C CA  . TYR A 1 95  ? -0.517  11.113  -5.607  1.00 34.23  ? 160 TYR A CA  1 
ATOM   601  C C   . TYR A 1 95  ? -1.948  10.592  -5.409  1.00 34.23  ? 160 TYR A C   1 
ATOM   602  O O   . TYR A 1 95  ? -2.910  11.365  -5.439  1.00 34.41  ? 160 TYR A O   1 
ATOM   603  C CB  . TYR A 1 95  ? 0.017   10.663  -6.979  1.00 38.83  ? 160 TYR A CB  1 
ATOM   604  C CG  . TYR A 1 95  ? -0.867  11.119  -8.124  1.00 45.70  ? 160 TYR A CG  1 
ATOM   605  C CD1 . TYR A 1 95  ? -1.045  12.484  -8.403  1.00 51.89  ? 160 TYR A CD1 1 
ATOM   606  C CD2 . TYR A 1 95  ? -1.545  10.189  -8.920  1.00 55.14  ? 160 TYR A CD2 1 
ATOM   607  C CE1 . TYR A 1 95  ? -1.879  12.906  -9.428  1.00 55.53  ? 160 TYR A CE1 1 
ATOM   608  C CE2 . TYR A 1 95  ? -2.385  10.605  -9.940  1.00 59.92  ? 160 TYR A CE2 1 
ATOM   609  C CZ  . TYR A 1 95  ? -2.540  11.956  -10.195 1.00 61.00  ? 160 TYR A CZ  1 
ATOM   610  O OH  . TYR A 1 95  ? -3.360  12.333  -11.234 1.00 77.39  ? 160 TYR A OH  1 
ATOM   611  N N   . LEU A 1 96  ? -2.072  9.275   -5.247  1.00 31.28  ? 161 LEU A N   1 
ATOM   612  C CA  . LEU A 1 96  ? -3.351  8.610   -5.122  1.00 34.00  ? 161 LEU A CA  1 
ATOM   613  C C   . LEU A 1 96  ? -3.967  8.682   -3.737  1.00 31.90  ? 161 LEU A C   1 
ATOM   614  O O   . LEU A 1 96  ? -5.158  8.838   -3.617  1.00 30.74  ? 161 LEU A O   1 
ATOM   615  C CB  . LEU A 1 96  ? -3.195  7.122   -5.438  1.00 38.17  ? 161 LEU A CB  1 
ATOM   616  C CG  . LEU A 1 96  ? -2.596  6.741   -6.797  1.00 38.08  ? 161 LEU A CG  1 
ATOM   617  C CD1 . LEU A 1 96  ? -2.342  5.238   -6.837  1.00 38.59  ? 161 LEU A CD1 1 
ATOM   618  C CD2 . LEU A 1 96  ? -3.501  7.208   -7.943  1.00 36.12  ? 161 LEU A CD2 1 
ATOM   619  N N   . GLY A 1 97  ? -3.156  8.465   -2.707  1.00 31.73  ? 162 GLY A N   1 
ATOM   620  C CA  . GLY A 1 97  ? -3.620  8.491   -1.350  1.00 29.39  ? 162 GLY A CA  1 
ATOM   621  C C   . GLY A 1 97  ? -3.934  9.929   -1.041  1.00 31.85  ? 162 GLY A C   1 
ATOM   622  O O   . GLY A 1 97  ? -4.910  10.214  -0.360  1.00 32.42  ? 162 GLY A O   1 
ATOM   623  N N   . GLY A 1 98  ? -3.105  10.845  -1.531  1.00 31.67  ? 163 GLY A N   1 
ATOM   624  C CA  . GLY A 1 98  ? -3.368  12.275  -1.362  1.00 32.50  ? 163 GLY A CA  1 
ATOM   625  C C   . GLY A 1 98  ? -4.644  12.748  -2.061  1.00 34.23  ? 163 GLY A C   1 
ATOM   626  O O   . GLY A 1 98  ? -5.375  13.604  -1.546  1.00 33.80  ? 163 GLY A O   1 
ATOM   627  N N   . ALA A 1 99  ? -4.956  12.153  -3.210  1.00 36.58  ? 164 ALA A N   1 
ATOM   628  C CA  . ALA A 1 99  ? -6.172  12.533  -3.952  1.00 35.29  ? 164 ALA A CA  1 
ATOM   629  C C   . ALA A 1 99  ? -7.413  12.085  -3.189  1.00 34.92  ? 164 ALA A C   1 
ATOM   630  O O   . ALA A 1 99  ? -8.349  12.841  -2.974  1.00 34.42  ? 164 ALA A O   1 
ATOM   631  C CB  . ALA A 1 99  ? -6.145  11.873  -5.304  1.00 34.97  ? 164 ALA A CB  1 
ATOM   632  N N   . VAL A 1 100 ? -7.374  10.832  -2.756  1.00 35.86  ? 165 VAL A N   1 
ATOM   633  C CA  . VAL A 1 100 ? -8.433  10.228  -1.959  1.00 32.96  ? 165 VAL A CA  1 
ATOM   634  C C   . VAL A 1 100 ? -8.651  11.045  -0.689  1.00 33.96  ? 165 VAL A C   1 
ATOM   635  O O   . VAL A 1 100 ? -9.763  11.335  -0.355  1.00 34.81  ? 165 VAL A O   1 
ATOM   636  C CB  . VAL A 1 100 ? -8.129  8.755   -1.629  1.00 30.44  ? 165 VAL A CB  1 
ATOM   637  C CG1 . VAL A 1 100 ? -9.217  8.154   -0.734  1.00 33.67  ? 165 VAL A CG1 1 
ATOM   638  C CG2 . VAL A 1 100 ? -8.083  7.954   -2.894  1.00 31.54  ? 165 VAL A CG2 1 
ATOM   639  N N   . GLU A 1 101 ? -7.588  11.461  -0.027  1.00 34.55  ? 166 GLU A N   1 
ATOM   640  C CA  . GLU A 1 101 ? -7.718  12.182  1.211   1.00 35.76  ? 166 GLU A CA  1 
ATOM   641  C C   . GLU A 1 101 ? -8.331  13.560  0.991   1.00 41.37  ? 166 GLU A C   1 
ATOM   642  O O   . GLU A 1 101 ? -9.151  13.990  1.783   1.00 46.58  ? 166 GLU A O   1 
ATOM   643  C CB  . GLU A 1 101 ? -6.364  12.342  1.927   1.00 32.60  ? 166 GLU A CB  1 
ATOM   644  C CG  . GLU A 1 101 ? -6.483  13.054  3.266   1.00 31.13  ? 166 GLU A CG  1 
ATOM   645  C CD  . GLU A 1 101 ? -5.288  12.840  4.189   1.00 35.10  ? 166 GLU A CD  1 
ATOM   646  O OE1 . GLU A 1 101 ? -4.164  12.683  3.636   1.00 35.69  ? 166 GLU A OE1 1 
ATOM   647  O OE2 . GLU A 1 101 ? -5.465  12.818  5.460   1.00 33.97  ? 166 GLU A OE2 1 
ATOM   648  N N   . LYS A 1 102 ? -7.935  14.277  -0.045  1.00 40.67  ? 167 LYS A N   1 
ATOM   649  C CA  . LYS A 1 102 ? -8.486  15.610  -0.211  1.00 42.97  ? 167 LYS A CA  1 
ATOM   650  C C   . LYS A 1 102 ? -9.926  15.551  -0.686  1.00 37.18  ? 167 LYS A C   1 
ATOM   651  O O   . LYS A 1 102 ? -10.747 16.259  -0.211  1.00 33.66  ? 167 LYS A O   1 
ATOM   652  C CB  . LYS A 1 102 ? -7.637  16.443  -1.181  1.00 56.09  ? 167 LYS A CB  1 
ATOM   653  C CG  . LYS A 1 102 ? -8.365  17.680  -1.719  1.00 72.93  ? 167 LYS A CG  1 
ATOM   654  C CD  . LYS A 1 102 ? -7.428  18.787  -2.220  1.00 82.27  ? 167 LYS A CD  1 
ATOM   655  C CE  . LYS A 1 102 ? -7.796  19.234  -3.633  1.00 83.20  ? 167 LYS A CE  1 
ATOM   656  N NZ  . LYS A 1 102 ? -7.287  18.258  -4.649  1.00 80.51  ? 167 LYS A NZ  1 
ATOM   657  N N   . ARG A 1 103 ? -10.227 14.707  -1.649  1.00 43.70  ? 168 ARG A N   1 
ATOM   658  C CA  . ARG A 1 103 ? -11.544 14.714  -2.266  1.00 44.69  ? 168 ARG A CA  1 
ATOM   659  C C   . ARG A 1 103 ? -12.573 13.873  -1.548  1.00 47.84  ? 168 ARG A C   1 
ATOM   660  O O   . ARG A 1 103 ? -13.763 14.123  -1.725  1.00 50.95  ? 168 ARG A O   1 
ATOM   661  C CB  . ARG A 1 103 ? -11.452 14.300  -3.727  1.00 47.51  ? 168 ARG A CB  1 
ATOM   662  C CG  . ARG A 1 103 ? -10.559 15.265  -4.505  1.00 57.55  ? 168 ARG A CG  1 
ATOM   663  C CD  . ARG A 1 103 ? -10.609 15.109  -6.028  1.00 77.09  ? 168 ARG A CD  1 
ATOM   664  N NE  . ARG A 1 103 ? -9.267  14.922  -6.627  1.00 100.53 ? 168 ARG A NE  1 
ATOM   665  C CZ  . ARG A 1 103 ? -8.965  15.019  -7.935  1.00 115.13 ? 168 ARG A CZ  1 
ATOM   666  N NH1 . ARG A 1 103 ? -9.894  15.324  -8.837  1.00 119.75 ? 168 ARG A NH1 1 
ATOM   667  N NH2 . ARG A 1 103 ? -7.711  14.808  -8.355  1.00 113.04 ? 168 ARG A NH2 1 
ATOM   668  N N   . LEU A 1 104 ? -12.138 12.885  -0.744  1.00 45.01  ? 169 LEU A N   1 
ATOM   669  C CA  . LEU A 1 104 ? -13.049 11.885  -0.139  1.00 40.46  ? 169 LEU A CA  1 
ATOM   670  C C   . LEU A 1 104 ? -12.987 11.736  1.361   1.00 38.04  ? 169 LEU A C   1 
ATOM   671  O O   . LEU A 1 104 ? -13.993 11.455  1.971   1.00 46.85  ? 169 LEU A O   1 
ATOM   672  C CB  . LEU A 1 104 ? -12.844 10.519  -0.753  1.00 40.61  ? 169 LEU A CB  1 
ATOM   673  C CG  . LEU A 1 104 ? -13.042 10.458  -2.255  1.00 38.95  ? 169 LEU A CG  1 
ATOM   674  C CD1 . LEU A 1 104 ? -12.866 9.027   -2.769  1.00 36.79  ? 169 LEU A CD1 1 
ATOM   675  C CD2 . LEU A 1 104 ? -14.417 11.019  -2.570  1.00 39.91  ? 169 LEU A CD2 1 
ATOM   676  N N   . GLY A 1 105 ? -11.797 11.875  1.930   1.00 37.98  ? 170 GLY A N   1 
ATOM   677  C CA  . GLY A 1 105 ? -11.598 12.179  3.324   1.00 33.97  ? 170 GLY A CA  1 
ATOM   678  C C   . GLY A 1 105 ? -10.527 11.295  3.936   1.00 35.14  ? 170 GLY A C   1 
ATOM   679  O O   . GLY A 1 105 ? -10.181 10.235  3.369   1.00 35.95  ? 170 GLY A O   1 
ATOM   680  N N   . SER A 1 106 ? -10.044 11.732  5.104   1.00 32.75  ? 171 SER A N   1 
ATOM   681  C CA  . SER A 1 106 ? -9.024  11.032  5.891   1.00 35.84  ? 171 SER A CA  1 
ATOM   682  C C   . SER A 1 106 ? -9.429  9.618   6.288   1.00 35.23  ? 171 SER A C   1 
ATOM   683  O O   . SER A 1 106 ? -8.631  8.670   6.184   1.00 32.82  ? 171 SER A O   1 
ATOM   684  C CB  . SER A 1 106 ? -8.691  11.834  7.152   1.00 39.04  ? 171 SER A CB  1 
ATOM   685  O OG  . SER A 1 106 ? -7.837  12.931  6.874   1.00 42.47  ? 171 SER A OG  1 
ATOM   686  N N   . GLY A 1 107 ? -10.674 9.492   6.760   1.00 36.73  ? 172 GLY A N   1 
ATOM   687  C CA  . GLY A 1 107 ? -11.235 8.214   7.197   1.00 29.02  ? 172 GLY A CA  1 
ATOM   688  C C   . GLY A 1 107 ? -11.225 7.152   6.129   1.00 28.44  ? 172 GLY A C   1 
ATOM   689  O O   . GLY A 1 107 ? -10.898 5.996   6.399   1.00 29.77  ? 172 GLY A O   1 
ATOM   690  N N   . LYS A 1 108 ? -11.571 7.545   4.904   1.00 29.93  ? 173 LYS A N   1 
ATOM   691  C CA  . LYS A 1 108 ? -11.570 6.658   3.767   1.00 27.79  ? 173 LYS A CA  1 
ATOM   692  C C   . LYS A 1 108 ? -10.152 6.124   3.484   1.00 28.78  ? 173 LYS A C   1 
ATOM   693  O O   . LYS A 1 108 ? -9.937  4.938   3.307   1.00 27.67  ? 173 LYS A O   1 
ATOM   694  C CB  . LYS A 1 108 ? -12.063 7.429   2.565   1.00 32.00  ? 173 LYS A CB  1 
ATOM   695  C CG  . LYS A 1 108 ? -12.047 6.653   1.231   1.00 36.29  ? 173 LYS A CG  1 
ATOM   696  C CD  . LYS A 1 108 ? -13.365 5.992   0.957   1.00 42.95  ? 173 LYS A CD  1 
ATOM   697  C CE  . LYS A 1 108 ? -14.448 7.035   0.651   1.00 42.84  ? 173 LYS A CE  1 
ATOM   698  N NZ  . LYS A 1 108 ? -15.770 6.385   0.576   1.00 43.30  ? 173 LYS A NZ  1 
ATOM   699  N N   . LEU A 1 109 ? -9.172  7.013   3.459   1.00 28.20  ? 174 LEU A N   1 
ATOM   700  C CA  . LEU A 1 109 ? -7.821  6.578   3.204   1.00 27.26  ? 174 LEU A CA  1 
ATOM   701  C C   . LEU A 1 109 ? -7.346  5.622   4.277   1.00 24.97  ? 174 LEU A C   1 
ATOM   702  O O   . LEU A 1 109 ? -6.765  4.581   3.972   1.00 24.00  ? 174 LEU A O   1 
ATOM   703  C CB  . LEU A 1 109 ? -6.895  7.782   3.110   1.00 28.39  ? 174 LEU A CB  1 
ATOM   704  C CG  . LEU A 1 109 ? -5.438  7.458   2.753   1.00 29.04  ? 174 LEU A CG  1 
ATOM   705  C CD1 . LEU A 1 109 ? -5.347  6.666   1.446   1.00 27.46  ? 174 LEU A CD1 1 
ATOM   706  C CD2 . LEU A 1 109 ? -4.701  8.787   2.679   1.00 29.16  ? 174 LEU A CD2 1 
ATOM   707  N N   . ILE A 1 110 ? -7.619  5.986   5.522   1.00 26.63  ? 175 ILE A N   1 
ATOM   708  C CA  . ILE A 1 110 ? -7.286  5.163   6.694   1.00 28.31  ? 175 ILE A CA  1 
ATOM   709  C C   . ILE A 1 110 ? -7.840  3.734   6.547   1.00 26.83  ? 175 ILE A C   1 
ATOM   710  O O   . ILE A 1 110 ? -7.153  2.750   6.832   1.00 26.25  ? 175 ILE A O   1 
ATOM   711  C CB  . ILE A 1 110 ? -7.880  5.762   7.970   1.00 28.70  ? 175 ILE A CB  1 
ATOM   712  C CG1 . ILE A 1 110 ? -7.089  6.961   8.471   1.00 27.87  ? 175 ILE A CG1 1 
ATOM   713  C CG2 . ILE A 1 110 ? -7.864  4.713   9.074   1.00 34.18  ? 175 ILE A CG2 1 
ATOM   714  C CD1 . ILE A 1 110 ? -7.840  7.848   9.455   1.00 28.56  ? 175 ILE A CD1 1 
ATOM   715  N N   . VAL A 1 111 ? -9.072  3.629   6.077   1.00 25.78  ? 176 VAL A N   1 
ATOM   716  C CA  . VAL A 1 111 ? -9.733  2.322   6.004   1.00 28.54  ? 176 VAL A CA  1 
ATOM   717  C C   . VAL A 1 111 ? -9.155  1.516   4.855   1.00 28.48  ? 176 VAL A C   1 
ATOM   718  O O   . VAL A 1 111 ? -8.817  0.307   5.015   1.00 29.88  ? 176 VAL A O   1 
ATOM   719  C CB  . VAL A 1 111 ? -11.307 2.437   5.940   1.00 29.53  ? 176 VAL A CB  1 
ATOM   720  C CG1 . VAL A 1 111 ? -11.997 1.088   5.735   1.00 30.99  ? 176 VAL A CG1 1 
ATOM   721  C CG2 . VAL A 1 111 ? -11.852 2.921   7.262   1.00 28.20  ? 176 VAL A CG2 1 
ATOM   722  N N   . ILE A 1 112 ? -9.047  2.156   3.692   1.00 27.59  ? 177 ILE A N   1 
ATOM   723  C CA  . ILE A 1 112 ? -8.463  1.468   2.535   1.00 29.78  ? 177 ILE A CA  1 
ATOM   724  C C   . ILE A 1 112 ? -7.072  0.894   2.907   1.00 26.05  ? 177 ILE A C   1 
ATOM   725  O O   . ILE A 1 112 ? -6.746  -0.268  2.616   1.00 24.01  ? 177 ILE A O   1 
ATOM   726  C CB  . ILE A 1 112 ? -8.312  2.397   1.335   1.00 35.10  ? 177 ILE A CB  1 
ATOM   727  C CG1 . ILE A 1 112 ? -9.690  2.931   0.870   1.00 37.61  ? 177 ILE A CG1 1 
ATOM   728  C CG2 . ILE A 1 112 ? -7.640  1.664   0.146   1.00 37.28  ? 177 ILE A CG2 1 
ATOM   729  C CD1 . ILE A 1 112 ? -9.566  4.056   -0.183  1.00 39.83  ? 177 ILE A CD1 1 
ATOM   730  N N   . THR A 1 113 ? -6.309  1.710   3.603   1.00 22.04  ? 178 THR A N   1 
ATOM   731  C CA  . THR A 1 113 ? -4.959  1.372   3.995   1.00 24.31  ? 178 THR A CA  1 
ATOM   732  C C   . THR A 1 113 ? -4.893  0.209   4.987   1.00 25.95  ? 178 THR A C   1 
ATOM   733  O O   . THR A 1 113 ? -4.126  -0.744  4.790   1.00 26.22  ? 178 THR A O   1 
ATOM   734  C CB  . THR A 1 113 ? -4.339  2.613   4.651   1.00 25.17  ? 178 THR A CB  1 
ATOM   735  O OG1 . THR A 1 113 ? -4.237  3.649   3.665   1.00 23.59  ? 178 THR A OG1 1 
ATOM   736  C CG2 . THR A 1 113 ? -2.995  2.336   5.189   1.00 26.35  ? 178 THR A CG2 1 
ATOM   737  N N   . LEU A 1 114 ? -5.697  0.290   6.047   1.00 24.80  ? 179 LEU A N   1 
ATOM   738  C CA  . LEU A 1 114 ? -5.729  -0.741  7.037   1.00 26.19  ? 179 LEU A CA  1 
ATOM   739  C C   . LEU A 1 114 ? -6.161  -2.092  6.471   1.00 25.51  ? 179 LEU A C   1 
ATOM   740  O O   . LEU A 1 114 ? -5.561  -3.127  6.809   1.00 24.48  ? 179 LEU A O   1 
ATOM   741  C CB  . LEU A 1 114 ? -6.671  -0.364  8.180   1.00 29.49  ? 179 LEU A CB  1 
ATOM   742  C CG  . LEU A 1 114 ? -6.314  0.809   9.053   1.00 32.22  ? 179 LEU A CG  1 
ATOM   743  C CD1 . LEU A 1 114 ? -7.423  1.043   10.080  1.00 35.33  ? 179 LEU A CD1 1 
ATOM   744  C CD2 . LEU A 1 114 ? -4.936  0.594   9.721   1.00 33.72  ? 179 LEU A CD2 1 
ATOM   745  N N   . ILE A 1 115 ? -7.203  -2.086  5.651   1.00 23.21  ? 180 ILE A N   1 
ATOM   746  C CA  . ILE A 1 115 ? -7.705  -3.340  5.103   1.00 25.43  ? 180 ILE A CA  1 
ATOM   747  C C   . ILE A 1 115 ? -6.748  -3.963  4.060   1.00 26.01  ? 180 ILE A C   1 
ATOM   748  O O   . ILE A 1 115 ? -6.518  -5.191  4.083   1.00 22.00  ? 180 ILE A O   1 
ATOM   749  C CB  . ILE A 1 115 ? -9.116  -3.178  4.478   1.00 27.10  ? 180 ILE A CB  1 
ATOM   750  C CG1 . ILE A 1 115 ? -10.125 -2.711  5.543   1.00 29.02  ? 180 ILE A CG1 1 
ATOM   751  C CG2 . ILE A 1 115 ? -9.607  -4.520  3.922   1.00 26.97  ? 180 ILE A CG2 1 
ATOM   752  C CD1 . ILE A 1 115 ? -11.517 -2.457  4.986   1.00 30.70  ? 180 ILE A CD1 1 
ATOM   753  N N   . SER A 1 116 ? -6.219  -3.116  3.159   1.00 25.25  ? 181 SER A N   1 
ATOM   754  C CA  . SER A 1 116 ? -5.309  -3.579  2.119   1.00 27.89  ? 181 SER A CA  1 
ATOM   755  C C   . SER A 1 116 ? -4.001  -4.072  2.734   1.00 25.09  ? 181 SER A C   1 
ATOM   756  O O   . SER A 1 116 ? -3.503  -5.147  2.363   1.00 25.87  ? 181 SER A O   1 
ATOM   757  C CB  . SER A 1 116 ? -5.023  -2.504  1.071   1.00 26.95  ? 181 SER A CB  1 
ATOM   758  O OG  . SER A 1 116 ? -4.575  -1.316  1.659   1.00 27.40  ? 181 SER A OG  1 
ATOM   759  N N   . ALA A 1 117 ? -3.514  -3.345  3.710   1.00 23.69  ? 182 ALA A N   1 
ATOM   760  C CA  . ALA A 1 117 ? -2.348  -3.807  4.495   1.00 24.39  ? 182 ALA A CA  1 
ATOM   761  C C   . ALA A 1 117 ? -2.494  -5.188  5.151   1.00 27.39  ? 182 ALA A C   1 
ATOM   762  O O   . ALA A 1 117 ? -1.585  -6.009  5.057   1.00 29.07  ? 182 ALA A O   1 
ATOM   763  C CB  . ALA A 1 117 ? -1.999  -2.792  5.557   1.00 21.89  ? 182 ALA A CB  1 
ATOM   764  N N   . LEU A 1 118 ? -3.602  -5.441  5.849   1.00 29.35  ? 183 LEU A N   1 
ATOM   765  C CA  . LEU A 1 118 ? -3.807  -6.716  6.519   1.00 31.61  ? 183 LEU A CA  1 
ATOM   766  C C   . LEU A 1 118 ? -3.987  -7.844  5.515   1.00 30.24  ? 183 LEU A C   1 
ATOM   767  O O   . LEU A 1 118 ? -3.428  -8.925  5.679   1.00 29.62  ? 183 LEU A O   1 
ATOM   768  C CB  . LEU A 1 118 ? -5.075  -6.672  7.398   1.00 36.63  ? 183 LEU A CB  1 
ATOM   769  C CG  . LEU A 1 118 ? -4.943  -5.968  8.728   1.00 43.29  ? 183 LEU A CG  1 
ATOM   770  C CD1 . LEU A 1 118 ? -6.275  -5.372  9.103   1.00 48.90  ? 183 LEU A CD1 1 
ATOM   771  C CD2 . LEU A 1 118 ? -4.475  -6.939  9.833   1.00 46.96  ? 183 LEU A CD2 1 
ATOM   772  N N   . LEU A 1 119 ? -4.782  -7.600  4.481   1.00 27.06  ? 184 LEU A N   1 
ATOM   773  C CA  . LEU A 1 119 ? -5.084  -8.664  3.556   1.00 30.78  ? 184 LEU A CA  1 
ATOM   774  C C   . LEU A 1 119 ? -3.853  -9.107  2.738   1.00 28.40  ? 184 LEU A C   1 
ATOM   775  O O   . LEU A 1 119 ? -3.549  -10.311 2.640   1.00 26.31  ? 184 LEU A O   1 
ATOM   776  C CB  . LEU A 1 119 ? -6.198  -8.247  2.586   1.00 31.87  ? 184 LEU A CB  1 
ATOM   777  C CG  . LEU A 1 119 ? -7.221  -9.283  2.162   1.00 36.85  ? 184 LEU A CG  1 
ATOM   778  C CD1 . LEU A 1 119 ? -7.570  -9.152  0.681   1.00 39.19  ? 184 LEU A CD1 1 
ATOM   779  C CD2 . LEU A 1 119 ? -6.856  -10.731 2.501   1.00 38.84  ? 184 LEU A CD2 1 
ATOM   780  N N   . SER A 1 120 ? -3.167  -8.130  2.151   1.00 25.49  ? 185 SER A N   1 
ATOM   781  C CA  . SER A 1 120 ? -1.970  -8.404  1.340   1.00 26.56  ? 185 SER A CA  1 
ATOM   782  C C   . SER A 1 120 ? -0.929  -9.030  2.270   1.00 25.58  ? 185 SER A C   1 
ATOM   783  O O   . SER A 1 120 ? -0.239  -9.992  1.910   1.00 23.68  ? 185 SER A O   1 
ATOM   784  C CB  . SER A 1 120 ? -1.432  -7.112  0.646   1.00 25.21  ? 185 SER A CB  1 
ATOM   785  O OG  . SER A 1 120 ? -1.069  -6.110  1.607   1.00 26.62  ? 185 SER A OG  1 
ATOM   786  N N   . GLY A 1 121 ? -0.853  -8.505  3.496   1.00 24.30  ? 186 GLY A N   1 
ATOM   787  C CA  . GLY A 1 121 ? 0.071   -9.060  4.484   1.00 24.81  ? 186 GLY A CA  1 
ATOM   788  C C   . GLY A 1 121 ? -0.226  -10.544 4.698   1.00 23.47  ? 186 GLY A C   1 
ATOM   789  O O   . GLY A 1 121 ? 0.682   -11.369 4.801   1.00 22.89  ? 186 GLY A O   1 
ATOM   790  N N   . TYR A 1 122 ? -1.497  -10.857 4.735   1.00 21.11  ? 187 TYR A N   1 
ATOM   791  C CA  . TYR A 1 122 ? -1.954  -12.174 5.128   1.00 24.41  ? 187 TYR A CA  1 
ATOM   792  C C   . TYR A 1 122 ? -1.639  -13.214 4.067   1.00 24.25  ? 187 TYR A C   1 
ATOM   793  O O   . TYR A 1 122 ? -1.190  -14.304 4.359   1.00 24.94  ? 187 TYR A O   1 
ATOM   794  C CB  . TYR A 1 122 ? -3.460  -12.158 5.349   1.00 24.45  ? 187 TYR A CB  1 
ATOM   795  C CG  . TYR A 1 122 ? -3.891  -13.523 5.566   1.00 27.80  ? 187 TYR A CG  1 
ATOM   796  C CD1 . TYR A 1 122 ? -3.618  -14.159 6.777   1.00 28.72  ? 187 TYR A CD1 1 
ATOM   797  C CD2 . TYR A 1 122 ? -4.510  -14.235 4.562   1.00 29.54  ? 187 TYR A CD2 1 
ATOM   798  C CE1 . TYR A 1 122 ? -3.984  -15.479 6.979   1.00 31.19  ? 187 TYR A CE1 1 
ATOM   799  C CE2 . TYR A 1 122 ? -4.819  -15.585 4.726   1.00 32.41  ? 187 TYR A CE2 1 
ATOM   800  C CZ  . TYR A 1 122 ? -4.574  -16.194 5.931   1.00 30.80  ? 187 TYR A CZ  1 
ATOM   801  O OH  . TYR A 1 122 ? -4.939  -17.505 6.136   1.00 34.73  ? 187 TYR A OH  1 
ATOM   802  N N   . VAL A 1 123 ? -1.911  -12.838 2.830   1.00 24.32  ? 188 VAL A N   1 
ATOM   803  C CA  . VAL A 1 123 ? -1.677  -13.639 1.667   1.00 24.09  ? 188 VAL A CA  1 
ATOM   804  C C   . VAL A 1 123 ? -0.173  -13.818 1.414   1.00 26.86  ? 188 VAL A C   1 
ATOM   805  O O   . VAL A 1 123 ? 0.306   -14.922 1.174   1.00 27.05  ? 188 VAL A O   1 
ATOM   806  C CB  . VAL A 1 123 ? -2.313  -12.940 0.485   1.00 24.22  ? 188 VAL A CB  1 
ATOM   807  C CG1 . VAL A 1 123 ? -2.033  -13.674 -0.820  1.00 24.47  ? 188 VAL A CG1 1 
ATOM   808  C CG2 . VAL A 1 123 ? -3.800  -12.845 0.724   1.00 25.41  ? 188 VAL A CG2 1 
ATOM   809  N N   . GLN A 1 124 ? 0.574   -12.732 1.448   1.00 25.80  ? 189 GLN A N   1 
ATOM   810  C CA  . GLN A 1 124 ? 2.004   -12.832 1.357   1.00 27.75  ? 189 GLN A CA  1 
ATOM   811  C C   . GLN A 1 124 ? 2.566   -13.887 2.320   1.00 30.51  ? 189 GLN A C   1 
ATOM   812  O O   . GLN A 1 124 ? 3.395   -14.704 2.006   1.00 35.48  ? 189 GLN A O   1 
ATOM   813  C CB  . GLN A 1 124 ? 2.562   -11.475 1.769   1.00 28.01  ? 189 GLN A CB  1 
ATOM   814  C CG  . GLN A 1 124 ? 4.052   -11.355 1.567   1.00 32.07  ? 189 GLN A CG  1 
ATOM   815  C CD  . GLN A 1 124 ? 4.458   -11.656 0.113   1.00 36.92  ? 189 GLN A CD  1 
ATOM   816  O OE1 . GLN A 1 124 ? 3.737   -11.330 -0.832  1.00 37.82  ? 189 GLN A OE1 1 
ATOM   817  N NE2 . GLN A 1 124 ? 5.597   -12.271 -0.058  1.00 36.12  ? 189 GLN A NE2 1 
ATOM   818  N N   . GLN A 1 125 ? 2.089   -13.790 3.530   1.00 29.15  ? 190 GLN A N   1 
ATOM   819  C CA  . GLN A 1 125 ? 2.593   -14.463 4.713   1.00 34.28  ? 190 GLN A CA  1 
ATOM   820  C C   . GLN A 1 125 ? 2.259   -15.912 4.497   1.00 33.15  ? 190 GLN A C   1 
ATOM   821  O O   . GLN A 1 125 ? 3.095   -16.788 4.640   1.00 32.78  ? 190 GLN A O   1 
ATOM   822  C CB  . GLN A 1 125 ? 1.795   -13.763 5.842   1.00 35.97  ? 190 GLN A CB  1 
ATOM   823  C CG  . GLN A 1 125 ? 1.456   -14.350 7.159   1.00 34.88  ? 190 GLN A CG  1 
ATOM   824  C CD  . GLN A 1 125 ? 0.676   -15.613 7.165   1.00 34.54  ? 190 GLN A CD  1 
ATOM   825  O OE1 . GLN A 1 125 ? 1.263   -16.642 7.536   1.00 37.72  ? 190 GLN A OE1 1 
ATOM   826  N NE2 . GLN A 1 125 ? -0.666  -15.576 6.826   1.00 32.46  ? 190 GLN A NE2 1 
ATOM   827  N N   . LYS A 1 126 ? 1.019   -16.137 4.082   1.00 37.40  ? 191 LYS A N   1 
ATOM   828  C CA  . LYS A 1 126 ? 0.495   -17.461 3.740   1.00 40.11  ? 191 LYS A CA  1 
ATOM   829  C C   . LYS A 1 126 ? 1.345   -18.206 2.703   1.00 40.06  ? 191 LYS A C   1 
ATOM   830  O O   . LYS A 1 126 ? 1.702   -19.356 2.926   1.00 41.68  ? 191 LYS A O   1 
ATOM   831  C CB  . LYS A 1 126 ? -0.954  -17.361 3.215   1.00 41.83  ? 191 LYS A CB  1 
ATOM   832  C CG  . LYS A 1 126 ? -1.632  -18.722 3.081   1.00 45.16  ? 191 LYS A CG  1 
ATOM   833  C CD  . LYS A 1 126 ? -1.831  -19.356 4.456   1.00 55.16  ? 191 LYS A CD  1 
ATOM   834  C CE  . LYS A 1 126 ? -1.623  -20.867 4.431   1.00 68.93  ? 191 LYS A CE  1 
ATOM   835  N NZ  . LYS A 1 126 ? -2.252  -21.596 5.590   1.00 78.57  ? 191 LYS A NZ  1 
ATOM   836  N N   . PHE A 1 127 ? 1.663   -17.570 1.584   1.00 35.29  ? 192 PHE A N   1 
ATOM   837  C CA  . PHE A 1 127 ? 2.351   -18.265 0.518   1.00 38.39  ? 192 PHE A CA  1 
ATOM   838  C C   . PHE A 1 127 ? 3.872   -18.295 0.714   1.00 43.40  ? 192 PHE A C   1 
ATOM   839  O O   . PHE A 1 127 ? 4.508   -19.216 0.153   1.00 42.84  ? 192 PHE A O   1 
ATOM   840  C CB  . PHE A 1 127 ? 2.039   -17.628 -0.839  1.00 42.48  ? 192 PHE A CB  1 
ATOM   841  C CG  . PHE A 1 127 ? 0.604   -17.751 -1.247  1.00 51.77  ? 192 PHE A CG  1 
ATOM   842  C CD1 . PHE A 1 127 ? -0.078  -16.662 -1.771  1.00 60.81  ? 192 PHE A CD1 1 
ATOM   843  C CD2 . PHE A 1 127 ? -0.076  -18.978 -1.126  1.00 65.79  ? 192 PHE A CD2 1 
ATOM   844  C CE1 . PHE A 1 127 ? -1.412  -16.786 -2.166  1.00 68.71  ? 192 PHE A CE1 1 
ATOM   845  C CE2 . PHE A 1 127 ? -1.410  -19.111 -1.513  1.00 66.52  ? 192 PHE A CE2 1 
ATOM   846  C CZ  . PHE A 1 127 ? -2.080  -18.009 -2.021  1.00 69.83  ? 192 PHE A CZ  1 
ATOM   847  N N   . SER A 1 128 ? 4.435   -17.333 1.501   1.00 37.21  ? 193 SER A N   1 
ATOM   848  C CA  . SER A 1 128 ? 5.899   -17.042 1.514   1.00 33.69  ? 193 SER A CA  1 
ATOM   849  C C   . SER A 1 128 ? 6.581   -16.663 2.844   1.00 29.52  ? 193 SER A C   1 
ATOM   850  O O   . SER A 1 128 ? 7.721   -16.203 2.854   1.00 31.43  ? 193 SER A O   1 
ATOM   851  C CB  . SER A 1 128 ? 6.200   -15.905 0.537   1.00 36.73  ? 193 SER A CB  1 
ATOM   852  O OG  . SER A 1 128 ? 5.574   -16.188 -0.709  1.00 48.24  ? 193 SER A OG  1 
ATOM   853  N N   . GLY A 1 129 ? 5.920   -16.787 3.961   1.00 25.80  ? 194 GLY A N   1 
ATOM   854  C CA  . GLY A 1 129 ? 6.602   -16.552 5.215   1.00 25.08  ? 194 GLY A CA  1 
ATOM   855  C C   . GLY A 1 129 ? 6.504   -15.095 5.589   1.00 27.75  ? 194 GLY A C   1 
ATOM   856  O O   . GLY A 1 129 ? 6.118   -14.258 4.770   1.00 25.78  ? 194 GLY A O   1 
ATOM   857  N N   . PRO A 1 130 ? 6.830   -14.789 6.842   1.00 28.91  ? 195 PRO A N   1 
ATOM   858  C CA  . PRO A 1 130 ? 6.559   -13.494 7.437   1.00 32.56  ? 195 PRO A CA  1 
ATOM   859  C C   . PRO A 1 130 ? 7.585   -12.410 7.147   1.00 29.93  ? 195 PRO A C   1 
ATOM   860  O O   . PRO A 1 130 ? 7.438   -11.294 7.630   1.00 31.99  ? 195 PRO A O   1 
ATOM   861  C CB  . PRO A 1 130 ? 6.518   -13.834 8.948   1.00 34.67  ? 195 PRO A CB  1 
ATOM   862  C CG  . PRO A 1 130 ? 7.512   -14.949 9.071   1.00 33.12  ? 195 PRO A CG  1 
ATOM   863  C CD  . PRO A 1 130 ? 7.431   -15.731 7.797   1.00 28.92  ? 195 PRO A CD  1 
ATOM   864  N N   . TRP A 1 131 ? 8.573   -12.712 6.323   1.00 30.78  ? 196 TRP A N   1 
ATOM   865  C CA  . TRP A 1 131 ? 9.708   -11.803 6.067   1.00 30.24  ? 196 TRP A CA  1 
ATOM   866  C C   . TRP A 1 131 ? 9.447   -11.059 4.804   1.00 26.61  ? 196 TRP A C   1 
ATOM   867  O O   . TRP A 1 131 ? 9.807   -11.545 3.754   1.00 31.03  ? 196 TRP A O   1 
ATOM   868  C CB  . TRP A 1 131 ? 11.053  -12.608 5.934   1.00 30.45  ? 196 TRP A CB  1 
ATOM   869  C CG  . TRP A 1 131 ? 11.251  -13.416 7.126   1.00 30.78  ? 196 TRP A CG  1 
ATOM   870  C CD1 . TRP A 1 131 ? 11.150  -14.799 7.244   1.00 30.15  ? 196 TRP A CD1 1 
ATOM   871  C CD2 . TRP A 1 131 ? 11.446  -12.902 8.437   1.00 29.57  ? 196 TRP A CD2 1 
ATOM   872  N NE1 . TRP A 1 131 ? 11.381  -15.150 8.562   1.00 31.33  ? 196 TRP A NE1 1 
ATOM   873  C CE2 . TRP A 1 131 ? 11.530  -13.999 9.309   1.00 29.49  ? 196 TRP A CE2 1 
ATOM   874  C CE3 . TRP A 1 131 ? 11.641  -11.618 8.943   1.00 32.66  ? 196 TRP A CE3 1 
ATOM   875  C CZ2 . TRP A 1 131 ? 11.778  -13.846 10.647  1.00 31.17  ? 196 TRP A CZ2 1 
ATOM   876  C CZ3 . TRP A 1 131 ? 11.880  -11.460 10.275  1.00 32.41  ? 196 TRP A CZ3 1 
ATOM   877  C CH2 . TRP A 1 131 ? 11.948  -12.563 11.119  1.00 35.01  ? 196 TRP A CH2 1 
ATOM   878  N N   . PHE A 1 132 ? 8.779   -9.922  4.905   1.00 26.42  ? 197 PHE A N   1 
ATOM   879  C CA  . PHE A 1 132 ? 8.361   -9.072  3.751   1.00 27.10  ? 197 PHE A CA  1 
ATOM   880  C C   . PHE A 1 132 ? 8.051   -7.668  4.277   1.00 24.73  ? 197 PHE A C   1 
ATOM   881  O O   . PHE A 1 132 ? 8.051   -7.415  5.476   1.00 24.83  ? 197 PHE A O   1 
ATOM   882  C CB  . PHE A 1 132 ? 7.102   -9.621  3.005   1.00 28.22  ? 197 PHE A CB  1 
ATOM   883  C CG  . PHE A 1 132 ? 5.834   -9.645  3.881   1.00 29.19  ? 197 PHE A CG  1 
ATOM   884  C CD1 . PHE A 1 132 ? 4.954   -8.549  3.919   1.00 31.21  ? 197 PHE A CD1 1 
ATOM   885  C CD2 . PHE A 1 132 ? 5.533   -10.745 4.679   1.00 26.96  ? 197 PHE A CD2 1 
ATOM   886  C CE1 . PHE A 1 132 ? 3.816   -8.569  4.742   1.00 29.43  ? 197 PHE A CE1 1 
ATOM   887  C CE2 . PHE A 1 132 ? 4.417   -10.742 5.514   1.00 28.30  ? 197 PHE A CE2 1 
ATOM   888  C CZ  . PHE A 1 132 ? 3.570   -9.652  5.571   1.00 27.35  ? 197 PHE A CZ  1 
ATOM   889  N N   . GLY A 1 133 ? 7.841   -6.730  3.373   1.00 25.85  ? 198 GLY A N   1 
ATOM   890  C CA  . GLY A 1 133 ? 7.412   -5.414  3.790   1.00 28.63  ? 198 GLY A CA  1 
ATOM   891  C C   . GLY A 1 133 ? 7.100   -4.438  2.705   1.00 26.88  ? 198 GLY A C   1 
ATOM   892  O O   . GLY A 1 133 ? 7.288   -4.723  1.552   1.00 29.15  ? 198 GLY A O   1 
ATOM   893  N N   . GLY A 1 134 ? 6.576   -3.288  3.090   1.00 27.42  ? 199 GLY A N   1 
ATOM   894  C CA  . GLY A 1 134 ? 6.320   -2.210  2.156   1.00 28.73  ? 199 GLY A CA  1 
ATOM   895  C C   . GLY A 1 134 ? 4.872   -1.947  1.827   1.00 29.72  ? 199 GLY A C   1 
ATOM   896  O O   . GLY A 1 134 ? 4.005   -2.787  1.999   1.00 31.90  ? 199 GLY A O   1 
ATOM   897  N N   . LEU A 1 135 ? 4.655   -0.777  1.260   1.00 32.13  ? 200 LEU A N   1 
ATOM   898  C CA  . LEU A 1 135 ? 3.354   -0.195  0.991   1.00 30.06  ? 200 LEU A CA  1 
ATOM   899  C C   . LEU A 1 135 ? 2.745   -0.548  -0.379  1.00 27.02  ? 200 LEU A C   1 
ATOM   900  O O   . LEU A 1 135 ? 1.740   0.034   -0.761  1.00 28.83  ? 200 LEU A O   1 
ATOM   901  C CB  . LEU A 1 135 ? 3.531   1.326   1.105   1.00 34.51  ? 200 LEU A CB  1 
ATOM   902  C CG  . LEU A 1 135 ? 2.437   2.228   1.655   1.00 33.69  ? 200 LEU A CG  1 
ATOM   903  C CD1 . LEU A 1 135 ? 1.938   1.603   2.938   1.00 30.73  ? 200 LEU A CD1 1 
ATOM   904  C CD2 . LEU A 1 135 ? 3.047   3.635   1.822   1.00 34.29  ? 200 LEU A CD2 1 
ATOM   905  N N   . SER A 1 136 ? 3.279   -1.541  -1.080  1.00 25.48  ? 201 SER A N   1 
ATOM   906  C CA  . SER A 1 136 ? 2.841   -1.828  -2.470  1.00 29.43  ? 201 SER A CA  1 
ATOM   907  C C   . SER A 1 136 ? 1.458   -2.533  -2.557  1.00 28.67  ? 201 SER A C   1 
ATOM   908  O O   . SER A 1 136 ? 0.747   -2.441  -3.555  1.00 25.76  ? 201 SER A O   1 
ATOM   909  C CB  . SER A 1 136 ? 3.922   -2.674  -3.221  1.00 29.39  ? 201 SER A CB  1 
ATOM   910  O OG  . SER A 1 136 ? 4.041   -3.982  -2.649  1.00 32.51  ? 201 SER A OG  1 
ATOM   911  N N   . GLY A 1 137 ? 1.120   -3.275  -1.513  1.00 27.63  ? 202 GLY A N   1 
ATOM   912  C CA  . GLY A 1 137 ? -0.211  -3.844  -1.353  1.00 23.57  ? 202 GLY A CA  1 
ATOM   913  C C   . GLY A 1 137 ? -1.198  -2.744  -1.270  1.00 21.02  ? 202 GLY A C   1 
ATOM   914  O O   . GLY A 1 137 ? -2.207  -2.797  -1.904  1.00 21.76  ? 202 GLY A O   1 
ATOM   915  N N   . VAL A 1 138 ? -0.887  -1.739  -0.474  1.00 22.96  ? 203 VAL A N   1 
ATOM   916  C CA  . VAL A 1 138 ? -1.762  -0.596  -0.269  1.00 24.57  ? 203 VAL A CA  1 
ATOM   917  C C   . VAL A 1 138 ? -1.854  0.217   -1.552  1.00 28.48  ? 203 VAL A C   1 
ATOM   918  O O   . VAL A 1 138 ? -2.874  0.812   -1.813  1.00 31.54  ? 203 VAL A O   1 
ATOM   919  C CB  . VAL A 1 138 ? -1.266  0.261   0.917   1.00 25.70  ? 203 VAL A CB  1 
ATOM   920  C CG1 . VAL A 1 138 ? -1.974  1.608   1.021   1.00 26.31  ? 203 VAL A CG1 1 
ATOM   921  C CG2 . VAL A 1 138 ? -1.374  -0.505  2.241   1.00 26.34  ? 203 VAL A CG2 1 
ATOM   922  N N   . VAL A 1 139 ? -0.789  0.219   -2.371  1.00 33.88  ? 204 VAL A N   1 
ATOM   923  C CA  . VAL A 1 139 ? -0.732  1.030   -3.607  1.00 29.32  ? 204 VAL A CA  1 
ATOM   924  C C   . VAL A 1 139 ? -1.609  0.371   -4.644  1.00 27.87  ? 204 VAL A C   1 
ATOM   925  O O   . VAL A 1 139 ? -2.395  1.082   -5.285  1.00 28.06  ? 204 VAL A O   1 
ATOM   926  C CB  . VAL A 1 139 ? 0.746   1.322   -4.059  1.00 29.19  ? 204 VAL A CB  1 
ATOM   927  C CG1 . VAL A 1 139 ? 0.811   1.782   -5.505  1.00 29.01  ? 204 VAL A CG1 1 
ATOM   928  C CG2 . VAL A 1 139 ? 1.352   2.390   -3.165  1.00 25.84  ? 204 VAL A CG2 1 
ATOM   929  N N   . TYR A 1 140 ? -1.556  -0.969  -4.763  1.00 29.48  ? 205 TYR A N   1 
ATOM   930  C CA  . TYR A 1 140 ? -2.511  -1.736  -5.628  1.00 30.30  ? 205 TYR A CA  1 
ATOM   931  C C   . TYR A 1 140 ? -3.997  -1.459  -5.248  1.00 31.72  ? 205 TYR A C   1 
ATOM   932  O O   . TYR A 1 140 ? -4.870  -1.258  -6.116  1.00 34.32  ? 205 TYR A O   1 
ATOM   933  C CB  . TYR A 1 140 ? -2.240  -3.256  -5.538  1.00 33.64  ? 205 TYR A CB  1 
ATOM   934  C CG  . TYR A 1 140 ? -1.133  -3.754  -6.473  1.00 37.67  ? 205 TYR A CG  1 
ATOM   935  C CD1 . TYR A 1 140 ? 0.226   -3.607  -6.152  1.00 34.47  ? 205 TYR A CD1 1 
ATOM   936  C CD2 . TYR A 1 140 ? -1.451  -4.341  -7.687  1.00 38.33  ? 205 TYR A CD2 1 
ATOM   937  C CE1 . TYR A 1 140 ? 1.224   -4.063  -6.998  1.00 37.06  ? 205 TYR A CE1 1 
ATOM   938  C CE2 . TYR A 1 140 ? -0.462  -4.808  -8.538  1.00 41.49  ? 205 TYR A CE2 1 
ATOM   939  C CZ  . TYR A 1 140 ? 0.878   -4.670  -8.212  1.00 41.93  ? 205 TYR A CZ  1 
ATOM   940  O OH  . TYR A 1 140 ? 1.857   -5.149  -9.131  1.00 45.15  ? 205 TYR A OH  1 
ATOM   941  N N   . ALA A 1 141 ? -4.273  -1.402  -3.941  1.00 27.38  ? 206 ALA A N   1 
ATOM   942  C CA  . ALA A 1 141 ? -5.613  -1.036  -3.486  1.00 28.58  ? 206 ALA A CA  1 
ATOM   943  C C   . ALA A 1 141 ? -5.986  0.358   -3.965  1.00 28.23  ? 206 ALA A C   1 
ATOM   944  O O   . ALA A 1 141 ? -7.113  0.560   -4.402  1.00 29.53  ? 206 ALA A O   1 
ATOM   945  C CB  . ALA A 1 141 ? -5.754  -1.137  -1.971  1.00 25.14  ? 206 ALA A CB  1 
ATOM   946  N N   . LEU A 1 142 ? -5.065  1.307   -3.829  1.00 26.21  ? 207 LEU A N   1 
ATOM   947  C CA  . LEU A 1 142 ? -5.336  2.680   -4.221  1.00 31.31  ? 207 LEU A CA  1 
ATOM   948  C C   . LEU A 1 142 ? -5.524  2.854   -5.759  1.00 33.18  ? 207 LEU A C   1 
ATOM   949  O O   . LEU A 1 142 ? -6.400  3.604   -6.177  1.00 27.38  ? 207 LEU A O   1 
ATOM   950  C CB  . LEU A 1 142 ? -4.227  3.594   -3.756  1.00 29.44  ? 207 LEU A CB  1 
ATOM   951  C CG  . LEU A 1 142 ? -4.267  3.910   -2.283  1.00 32.32  ? 207 LEU A CG  1 
ATOM   952  C CD1 . LEU A 1 142 ? -2.977  4.627   -1.822  1.00 30.38  ? 207 LEU A CD1 1 
ATOM   953  C CD2 . LEU A 1 142 ? -5.521  4.729   -1.921  1.00 34.21  ? 207 LEU A CD2 1 
ATOM   954  N N   . MET A 1 143 ? -4.681  2.160   -6.549  1.00 33.92  ? 208 MET A N   1 
ATOM   955  C CA  . MET A 1 143 ? -4.817  2.077   -7.993  1.00 32.53  ? 208 MET A CA  1 
ATOM   956  C C   . MET A 1 143 ? -6.150  1.514   -8.402  1.00 32.83  ? 208 MET A C   1 
ATOM   957  O O   . MET A 1 143 ? -6.869  2.182   -9.133  1.00 35.85  ? 208 MET A O   1 
ATOM   958  C CB  . MET A 1 143 ? -3.722  1.222   -8.606  1.00 35.08  ? 208 MET A CB  1 
ATOM   959  C CG  . MET A 1 143 ? -2.381  1.933   -8.632  1.00 34.65  ? 208 MET A CG  1 
ATOM   960  S SD  . MET A 1 143 ? -1.069  0.910   -9.321  1.00 36.71  ? 208 MET A SD  1 
ATOM   961  C CE  . MET A 1 143 ? 0.294   2.115   -9.234  1.00 35.86  ? 208 MET A CE  1 
ATOM   962  N N   . GLY A 1 144 ? -6.492  0.303   -7.960  1.00 33.08  ? 209 GLY A N   1 
ATOM   963  C CA  . GLY A 1 144 ? -7.837  -0.226  -8.231  1.00 32.66  ? 209 GLY A CA  1 
ATOM   964  C C   . GLY A 1 144 ? -8.997  0.669   -7.730  1.00 34.59  ? 209 GLY A C   1 
ATOM   965  O O   . GLY A 1 144 ? -10.010 0.794   -8.381  1.00 35.49  ? 209 GLY A O   1 
ATOM   966  N N   . TYR A 1 145 ? -8.862  1.284   -6.566  1.00 32.57  ? 210 TYR A N   1 
ATOM   967  C CA  . TYR A 1 145 ? -9.934  2.095   -6.043  1.00 34.07  ? 210 TYR A CA  1 
ATOM   968  C C   . TYR A 1 145 ? -10.170 3.331   -6.927  1.00 34.91  ? 210 TYR A C   1 
ATOM   969  O O   . TYR A 1 145 ? -11.308 3.615   -7.309  1.00 28.97  ? 210 TYR A O   1 
ATOM   970  C CB  . TYR A 1 145 ? -9.647  2.587   -4.617  1.00 34.61  ? 210 TYR A CB  1 
ATOM   971  C CG  . TYR A 1 145 ? -10.782 3.432   -4.095  1.00 37.19  ? 210 TYR A CG  1 
ATOM   972  C CD1 . TYR A 1 145 ? -11.858 2.851   -3.414  1.00 37.12  ? 210 TYR A CD1 1 
ATOM   973  C CD2 . TYR A 1 145 ? -10.819 4.832   -4.327  1.00 40.46  ? 210 TYR A CD2 1 
ATOM   974  C CE1 . TYR A 1 145 ? -12.921 3.625   -2.952  1.00 37.41  ? 210 TYR A CE1 1 
ATOM   975  C CE2 . TYR A 1 145 ? -11.891 5.611   -3.880  1.00 37.55  ? 210 TYR A CE2 1 
ATOM   976  C CZ  . TYR A 1 145 ? -12.952 4.996   -3.208  1.00 38.18  ? 210 TYR A CZ  1 
ATOM   977  O OH  . TYR A 1 145 ? -14.033 5.749   -2.785  1.00 41.90  ? 210 TYR A OH  1 
ATOM   978  N N   . VAL A 1 146 ? -9.101  4.099   -7.154  1.00 34.61  ? 211 VAL A N   1 
ATOM   979  C CA  . VAL A 1 146 ? -9.159  5.333   -7.920  1.00 35.84  ? 211 VAL A CA  1 
ATOM   980  C C   . VAL A 1 146 ? -9.557  5.105   -9.405  1.00 40.45  ? 211 VAL A C   1 
ATOM   981  O O   . VAL A 1 146 ? -10.342 5.840   -9.991  1.00 38.25  ? 211 VAL A O   1 
ATOM   982  C CB  . VAL A 1 146 ? -7.831  6.059   -7.845  1.00 37.89  ? 211 VAL A CB  1 
ATOM   983  C CG1 . VAL A 1 146 ? -7.815  7.260   -8.790  1.00 38.29  ? 211 VAL A CG1 1 
ATOM   984  C CG2 . VAL A 1 146 ? -7.569  6.540   -6.411  1.00 36.76  ? 211 VAL A CG2 1 
ATOM   985  N N   . TRP A 1 147 ? -9.078  4.033   -9.998  1.00 45.78  ? 212 TRP A N   1 
ATOM   986  C CA  . TRP A 1 147 ? -9.436  3.763   -11.362 1.00 44.79  ? 212 TRP A CA  1 
ATOM   987  C C   . TRP A 1 147 ? -10.931 3.391   -11.539 1.00 51.06  ? 212 TRP A C   1 
ATOM   988  O O   . TRP A 1 147 ? -11.596 3.788   -12.520 1.00 47.70  ? 212 TRP A O   1 
ATOM   989  C CB  . TRP A 1 147 ? -8.542  2.661   -11.907 1.00 47.64  ? 212 TRP A CB  1 
ATOM   990  C CG  . TRP A 1 147 ? -8.997  2.237   -13.194 1.00 48.59  ? 212 TRP A CG  1 
ATOM   991  C CD1 . TRP A 1 147 ? -8.808  2.883   -14.402 1.00 48.70  ? 212 TRP A CD1 1 
ATOM   992  C CD2 . TRP A 1 147 ? -9.810  1.111   -13.453 1.00 50.25  ? 212 TRP A CD2 1 
ATOM   993  N NE1 . TRP A 1 147 ? -9.432  2.180   -15.396 1.00 54.76  ? 212 TRP A NE1 1 
ATOM   994  C CE2 . TRP A 1 147 ? -10.062 1.092   -14.848 1.00 52.55  ? 212 TRP A CE2 1 
ATOM   995  C CE3 . TRP A 1 147 ? -10.351 0.117   -12.650 1.00 49.65  ? 212 TRP A CE3 1 
ATOM   996  C CZ2 . TRP A 1 147 ? -10.821 0.131   -15.442 1.00 53.41  ? 212 TRP A CZ2 1 
ATOM   997  C CZ3 . TRP A 1 147 ? -11.110 -0.853  -13.240 1.00 58.73  ? 212 TRP A CZ3 1 
ATOM   998  C CH2 . TRP A 1 147 ? -11.345 -0.843  -14.635 1.00 58.88  ? 212 TRP A CH2 1 
ATOM   999  N N   . LEU A 1 148 ? -11.444 2.593   -10.615 1.00 49.09  ? 213 LEU A N   1 
ATOM   1000 C CA  . LEU A 1 148 ? -12.799 2.116   -10.730 1.00 49.10  ? 213 LEU A CA  1 
ATOM   1001 C C   . LEU A 1 148 ? -13.807 3.164   -10.228 1.00 48.34  ? 213 LEU A C   1 
ATOM   1002 O O   . LEU A 1 148 ? -14.930 3.234   -10.729 1.00 47.63  ? 213 LEU A O   1 
ATOM   1003 C CB  . LEU A 1 148 ? -12.953 0.818   -9.948  1.00 53.30  ? 213 LEU A CB  1 
ATOM   1004 C CG  . LEU A 1 148 ? -13.947 -0.223  -10.431 1.00 57.62  ? 213 LEU A CG  1 
ATOM   1005 C CD1 . LEU A 1 148 ? -14.758 -0.711  -9.242  1.00 59.92  ? 213 LEU A CD1 1 
ATOM   1006 C CD2 . LEU A 1 148 ? -14.860 0.274   -11.538 1.00 59.45  ? 213 LEU A CD2 1 
ATOM   1007 N N   . ARG A 1 149 ? -13.437 3.973   -9.239  1.00 41.95  ? 214 ARG A N   1 
ATOM   1008 C CA  . ARG A 1 149 ? -14.311 5.065   -8.888  1.00 42.52  ? 214 ARG A CA  1 
ATOM   1009 C C   . ARG A 1 149 ? -14.489 5.989   -10.049 1.00 44.13  ? 214 ARG A C   1 
ATOM   1010 O O   . ARG A 1 149 ? -15.576 6.466   -10.253 1.00 44.57  ? 214 ARG A O   1 
ATOM   1011 C CB  . ARG A 1 149 ? -13.825 5.888   -7.721  1.00 41.96  ? 214 ARG A CB  1 
ATOM   1012 C CG  . ARG A 1 149 ? -14.646 5.610   -6.516  1.00 47.44  ? 214 ARG A CG  1 
ATOM   1013 C CD  . ARG A 1 149 ? -15.953 6.363   -6.407  1.00 47.77  ? 214 ARG A CD  1 
ATOM   1014 N NE  . ARG A 1 149 ? -15.985 6.794   -5.018  1.00 56.13  ? 214 ARG A NE  1 
ATOM   1015 C CZ  . ARG A 1 149 ? -16.791 7.698   -4.493  1.00 57.33  ? 214 ARG A CZ  1 
ATOM   1016 N NH1 . ARG A 1 149 ? -17.718 8.287   -5.225  1.00 56.48  ? 214 ARG A NH1 1 
ATOM   1017 N NH2 . ARG A 1 149 ? -16.665 7.988   -3.201  1.00 58.14  ? 214 ARG A NH2 1 
ATOM   1018 N N   . GLY A 1 150 ? -13.420 6.270   -10.791 1.00 45.91  ? 215 GLY A N   1 
ATOM   1019 C CA  . GLY A 1 150 ? -13.540 7.140   -11.950 1.00 47.84  ? 215 GLY A CA  1 
ATOM   1020 C C   . GLY A 1 150 ? -14.390 6.551   -13.061 1.00 50.49  ? 215 GLY A C   1 
ATOM   1021 O O   . GLY A 1 150 ? -15.245 7.209   -13.619 1.00 59.05  ? 215 GLY A O   1 
ATOM   1022 N N   . GLU A 1 151 ? -14.128 5.303   -13.388 1.00 54.00  ? 216 GLU A N   1 
ATOM   1023 C CA  . GLU A 1 151 ? -14.944 4.558   -14.310 1.00 58.22  ? 216 GLU A CA  1 
ATOM   1024 C C   . GLU A 1 151 ? -16.449 4.564   -13.934 1.00 65.47  ? 216 GLU A C   1 
ATOM   1025 O O   . GLU A 1 151 ? -17.306 4.733   -14.809 1.00 69.61  ? 216 GLU A O   1 
ATOM   1026 C CB  . GLU A 1 151 ? -14.419 3.118   -14.389 1.00 66.10  ? 216 GLU A CB  1 
ATOM   1027 C CG  . GLU A 1 151 ? -14.787 2.367   -15.649 1.00 77.64  ? 216 GLU A CG  1 
ATOM   1028 C CD  . GLU A 1 151 ? -14.088 2.899   -16.909 1.00 92.19  ? 216 GLU A CD  1 
ATOM   1029 O OE1 . GLU A 1 151 ? -14.305 2.300   -17.988 1.00 111.56 ? 216 GLU A OE1 1 
ATOM   1030 O OE2 . GLU A 1 151 ? -13.322 3.899   -16.846 1.00 86.31  ? 216 GLU A OE2 1 
ATOM   1031 N N   . ARG A 1 152 ? -16.787 4.364   -12.662 1.00 66.63  ? 217 ARG A N   1 
ATOM   1032 C CA  . ARG A 1 152 ? -18.188 4.146   -12.312 1.00 69.36  ? 217 ARG A CA  1 
ATOM   1033 C C   . ARG A 1 152 ? -18.885 5.397   -11.794 1.00 71.76  ? 217 ARG A C   1 
ATOM   1034 O O   . ARG A 1 152 ? -20.093 5.393   -11.587 1.00 78.82  ? 217 ARG A O   1 
ATOM   1035 C CB  . ARG A 1 152 ? -18.310 3.041   -11.276 1.00 72.60  ? 217 ARG A CB  1 
ATOM   1036 C CG  . ARG A 1 152 ? -18.513 1.684   -11.884 1.00 75.40  ? 217 ARG A CG  1 
ATOM   1037 C CD  . ARG A 1 152 ? -18.443 0.637   -10.797 1.00 83.09  ? 217 ARG A CD  1 
ATOM   1038 N NE  . ARG A 1 152 ? -19.094 -0.613  -11.174 1.00 97.47  ? 217 ARG A NE  1 
ATOM   1039 C CZ  . ARG A 1 152 ? -18.759 -1.377  -12.221 1.00 112.00 ? 217 ARG A CZ  1 
ATOM   1040 N NH1 . ARG A 1 152 ? -17.781 -1.027  -13.075 1.00 105.42 ? 217 ARG A NH1 1 
ATOM   1041 N NH2 . ARG A 1 152 ? -19.432 -2.507  -12.437 1.00 118.97 ? 217 ARG A NH2 1 
ATOM   1042 N N   . ASP A 1 153 ? -18.132 6.463   -11.583 1.00 68.04  ? 218 ASP A N   1 
ATOM   1043 C CA  . ASP A 1 153 ? -18.635 7.571   -10.781 1.00 72.89  ? 218 ASP A CA  1 
ATOM   1044 C C   . ASP A 1 153 ? -17.661 8.752   -10.904 1.00 71.30  ? 218 ASP A C   1 
ATOM   1045 O O   . ASP A 1 153 ? -17.098 9.221   -9.899  1.00 62.07  ? 218 ASP A O   1 
ATOM   1046 C CB  . ASP A 1 153 ? -18.791 7.098   -9.319  1.00 72.40  ? 218 ASP A CB  1 
ATOM   1047 C CG  . ASP A 1 153 ? -19.548 8.076   -8.448  1.00 69.84  ? 218 ASP A CG  1 
ATOM   1048 O OD1 . ASP A 1 153 ? -19.938 9.169   -8.909  1.00 71.84  ? 218 ASP A OD1 1 
ATOM   1049 O OD2 . ASP A 1 153 ? -19.759 7.727   -7.274  1.00 66.68  ? 218 ASP A OD2 1 
ATOM   1050 N N   . PRO A 1 154 ? -17.468 9.232   -12.149 1.00 73.03  ? 219 PRO A N   1 
ATOM   1051 C CA  . PRO A 1 154 ? -16.536 10.330  -12.417 1.00 80.45  ? 219 PRO A CA  1 
ATOM   1052 C C   . PRO A 1 154 ? -16.814 11.576  -11.571 1.00 81.28  ? 219 PRO A C   1 
ATOM   1053 O O   . PRO A 1 154 ? -15.879 12.270  -11.201 1.00 82.96  ? 219 PRO A O   1 
ATOM   1054 C CB  . PRO A 1 154 ? -16.752 10.642  -13.911 1.00 80.32  ? 219 PRO A CB  1 
ATOM   1055 C CG  . PRO A 1 154 ? -17.556 9.510   -14.464 1.00 79.76  ? 219 PRO A CG  1 
ATOM   1056 C CD  . PRO A 1 154 ? -18.306 8.908   -13.324 1.00 76.40  ? 219 PRO A CD  1 
ATOM   1057 N N   . GLN A 1 155 ? -18.087 11.823  -11.260 1.00 87.56  ? 220 GLN A N   1 
ATOM   1058 C CA  . GLN A 1 155 ? -18.539 12.999  -10.498 1.00 93.53  ? 220 GLN A CA  1 
ATOM   1059 C C   . GLN A 1 155 ? -18.100 13.038  -9.022  1.00 97.03  ? 220 GLN A C   1 
ATOM   1060 O O   . GLN A 1 155 ? -18.326 14.047  -8.335  1.00 90.53  ? 220 GLN A O   1 
ATOM   1061 C CB  . GLN A 1 155 ? -20.064 13.070  -10.534 1.00 100.12 ? 220 GLN A CB  1 
ATOM   1062 C CG  . GLN A 1 155 ? -20.662 13.084  -11.928 1.00 105.58 ? 220 GLN A CG  1 
ATOM   1063 C CD  . GLN A 1 155 ? -21.627 11.934  -12.113 1.00 108.44 ? 220 GLN A CD  1 
ATOM   1064 O OE1 . GLN A 1 155 ? -21.217 10.764  -12.161 1.00 95.63  ? 220 GLN A OE1 1 
ATOM   1065 N NE2 . GLN A 1 155 ? -22.918 12.254  -12.194 1.00 105.34 ? 220 GLN A NE2 1 
ATOM   1066 N N   . SER A 1 156 ? -17.516 11.936  -8.540  1.00 91.55  ? 221 SER A N   1 
ATOM   1067 C CA  . SER A 1 156 ? -16.785 11.890  -7.261  1.00 78.80  ? 221 SER A CA  1 
ATOM   1068 C C   . SER A 1 156 ? -15.568 12.827  -7.202  1.00 73.24  ? 221 SER A C   1 
ATOM   1069 O O   . SER A 1 156 ? -15.071 13.172  -6.111  1.00 61.05  ? 221 SER A O   1 
ATOM   1070 C CB  . SER A 1 156 ? -16.295 10.459  -7.027  1.00 84.94  ? 221 SER A CB  1 
ATOM   1071 O OG  . SER A 1 156 ? -15.380 10.022  -8.035  1.00 82.21  ? 221 SER A OG  1 
ATOM   1072 N N   . GLY A 1 157 ? -15.073 13.208  -8.384  1.00 71.14  ? 222 GLY A N   1 
ATOM   1073 C CA  . GLY A 1 157 ? -13.839 13.977  -8.519  1.00 74.19  ? 222 GLY A CA  1 
ATOM   1074 C C   . GLY A 1 157 ? -12.622 13.083  -8.703  1.00 76.29  ? 222 GLY A C   1 
ATOM   1075 O O   . GLY A 1 157 ? -11.520 13.567  -8.926  1.00 72.50  ? 222 GLY A O   1 
ATOM   1076 N N   . ILE A 1 158 ? -12.843 11.769  -8.641  1.00 76.35  ? 223 ILE A N   1 
ATOM   1077 C CA  . ILE A 1 158 ? -11.777 10.791  -8.504  1.00 68.33  ? 223 ILE A CA  1 
ATOM   1078 C C   . ILE A 1 158 ? -11.734 9.910   -9.733  1.00 65.68  ? 223 ILE A C   1 
ATOM   1079 O O   . ILE A 1 158 ? -12.743 9.270   -10.088 1.00 66.37  ? 223 ILE A O   1 
ATOM   1080 C CB  . ILE A 1 158 ? -11.976 9.914   -7.227  1.00 65.70  ? 223 ILE A CB  1 
ATOM   1081 C CG1 . ILE A 1 158 ? -11.606 10.720  -5.975  1.00 63.45  ? 223 ILE A CG1 1 
ATOM   1082 C CG2 . ILE A 1 158 ? -11.157 8.613   -7.285  1.00 60.47  ? 223 ILE A CG2 1 
ATOM   1083 C CD1 . ILE A 1 158 ? -10.161 11.179  -5.923  1.00 58.44  ? 223 ILE A CD1 1 
ATOM   1084 N N   . TYR A 1 159 ? -10.547 9.861   -10.346 1.00 60.74  ? 224 TYR A N   1 
ATOM   1085 C CA  . TYR A 1 159 ? -10.297 9.025   -11.534 1.00 55.46  ? 224 TYR A CA  1 
ATOM   1086 C C   . TYR A 1 159 ? -8.750  8.906   -11.756 1.00 48.63  ? 224 TYR A C   1 
ATOM   1087 O O   . TYR A 1 159 ? -7.980  9.740   -11.279 1.00 41.43  ? 224 TYR A O   1 
ATOM   1088 C CB  . TYR A 1 159 ? -11.017 9.645   -12.760 1.00 57.32  ? 224 TYR A CB  1 
ATOM   1089 C CG  . TYR A 1 159 ? -10.367 10.942  -13.186 1.00 61.51  ? 224 TYR A CG  1 
ATOM   1090 C CD1 . TYR A 1 159 ? -9.533  10.976  -14.296 1.00 68.11  ? 224 TYR A CD1 1 
ATOM   1091 C CD2 . TYR A 1 159 ? -10.530 12.110  -12.436 1.00 66.68  ? 224 TYR A CD2 1 
ATOM   1092 C CE1 . TYR A 1 159 ? -8.888  12.139  -14.676 1.00 80.73  ? 224 TYR A CE1 1 
ATOM   1093 C CE2 . TYR A 1 159 ? -9.890  13.283  -12.800 1.00 83.42  ? 224 TYR A CE2 1 
ATOM   1094 C CZ  . TYR A 1 159 ? -9.064  13.295  -13.933 1.00 89.16  ? 224 TYR A CZ  1 
ATOM   1095 O OH  . TYR A 1 159 ? -8.401  14.445  -14.336 1.00 92.74  ? 224 TYR A OH  1 
ATOM   1096 N N   . LEU A 1 160 ? -8.312  7.845   -12.428 1.00 49.22  ? 225 LEU A N   1 
ATOM   1097 C CA  . LEU A 1 160 ? -6.939  7.724   -12.922 1.00 48.60  ? 225 LEU A CA  1 
ATOM   1098 C C   . LEU A 1 160 ? -6.886  8.288   -14.362 1.00 52.37  ? 225 LEU A C   1 
ATOM   1099 O O   . LEU A 1 160 ? -7.619  7.810   -15.252 1.00 48.11  ? 225 LEU A O   1 
ATOM   1100 C CB  . LEU A 1 160 ? -6.491  6.245   -12.941 1.00 48.72  ? 225 LEU A CB  1 
ATOM   1101 C CG  . LEU A 1 160 ? -5.243  5.823   -12.172 1.00 51.17  ? 225 LEU A CG  1 
ATOM   1102 C CD1 . LEU A 1 160 ? -4.900  4.362   -12.467 1.00 52.85  ? 225 LEU A CD1 1 
ATOM   1103 C CD2 . LEU A 1 160 ? -4.077  6.726   -12.484 1.00 50.22  ? 225 LEU A CD2 1 
ATOM   1104 N N   . GLN A 1 161 ? -6.034  9.296   -14.581 1.00 56.25  ? 226 GLN A N   1 
ATOM   1105 C CA  . GLN A 1 161 ? -5.718  9.814   -15.934 1.00 58.10  ? 226 GLN A CA  1 
ATOM   1106 C C   . GLN A 1 161 ? -5.110  8.764   -16.881 1.00 53.54  ? 226 GLN A C   1 
ATOM   1107 O O   . GLN A 1 161 ? -4.270  7.939   -16.471 1.00 52.08  ? 226 GLN A O   1 
ATOM   1108 C CB  . GLN A 1 161 ? -4.662  10.887  -15.805 1.00 65.15  ? 226 GLN A CB  1 
ATOM   1109 C CG  . GLN A 1 161 ? -5.112  12.279  -16.135 1.00 73.71  ? 226 GLN A CG  1 
ATOM   1110 C CD  . GLN A 1 161 ? -3.930  13.119  -16.557 1.00 82.05  ? 226 GLN A CD  1 
ATOM   1111 O OE1 . GLN A 1 161 ? -2.805  12.955  -16.037 1.00 73.79  ? 226 GLN A OE1 1 
ATOM   1112 N NE2 . GLN A 1 161 ? -4.156  14.001  -17.535 1.00 89.37  ? 226 GLN A NE2 1 
ATOM   1113 N N   . ARG A 1 162 ? -5.482  8.837   -18.149 1.00 49.12  ? 227 ARG A N   1 
ATOM   1114 C CA  . ARG A 1 162 ? -4.927  7.962   -19.173 1.00 45.65  ? 227 ARG A CA  1 
ATOM   1115 C C   . ARG A 1 162 ? -3.431  7.779   -19.072 1.00 39.99  ? 227 ARG A C   1 
ATOM   1116 O O   . ARG A 1 162 ? -2.927  6.656   -18.998 1.00 40.02  ? 227 ARG A O   1 
ATOM   1117 C CB  . ARG A 1 162 ? -5.205  8.531   -20.542 1.00 48.26  ? 227 ARG A CB  1 
ATOM   1118 C CG  . ARG A 1 162 ? -6.582  8.215   -21.002 1.00 47.07  ? 227 ARG A CG  1 
ATOM   1119 C CD  . ARG A 1 162 ? -6.775  8.781   -22.366 1.00 46.32  ? 227 ARG A CD  1 
ATOM   1120 N NE  . ARG A 1 162 ? -7.946  8.159   -22.946 1.00 48.51  ? 227 ARG A NE  1 
ATOM   1121 C CZ  . ARG A 1 162 ? -8.446  8.470   -24.131 1.00 48.36  ? 227 ARG A CZ  1 
ATOM   1122 N NH1 . ARG A 1 162 ? -7.876  9.407   -24.873 1.00 48.57  ? 227 ARG A NH1 1 
ATOM   1123 N NH2 . ARG A 1 162 ? -9.535  7.850   -24.567 1.00 51.40  ? 227 ARG A NH2 1 
ATOM   1124 N N   . GLY A 1 163 ? -2.713  8.879   -19.077 1.00 35.88  ? 228 GLY A N   1 
ATOM   1125 C CA  . GLY A 1 163 ? -1.267  8.788   -19.027 1.00 36.85  ? 228 GLY A CA  1 
ATOM   1126 C C   . GLY A 1 163 ? -0.898  7.925   -17.860 1.00 42.11  ? 228 GLY A C   1 
ATOM   1127 O O   . GLY A 1 163 ? -0.040  7.085   -17.980 1.00 43.05  ? 228 GLY A O   1 
ATOM   1128 N N   . LEU A 1 164 ? -1.571  8.131   -16.719 1.00 49.21  ? 229 LEU A N   1 
ATOM   1129 C CA  . LEU A 1 164 ? -1.159  7.508   -15.481 1.00 47.68  ? 229 LEU A CA  1 
ATOM   1130 C C   . LEU A 1 164 ? -1.597  6.109   -15.408 1.00 42.41  ? 229 LEU A C   1 
ATOM   1131 O O   . LEU A 1 164 ? -0.919  5.314   -14.772 1.00 41.81  ? 229 LEU A O   1 
ATOM   1132 C CB  . LEU A 1 164 ? -1.658  8.262   -14.264 1.00 54.22  ? 229 LEU A CB  1 
ATOM   1133 C CG  . LEU A 1 164 ? -0.819  9.522   -14.082 1.00 59.20  ? 229 LEU A CG  1 
ATOM   1134 C CD1 . LEU A 1 164 ? -1.392  10.221  -12.875 1.00 64.35  ? 229 LEU A CD1 1 
ATOM   1135 C CD2 . LEU A 1 164 ? 0.666   9.229   -13.894 1.00 58.33  ? 229 LEU A CD2 1 
ATOM   1136 N N   . ILE A 1 165 ? -2.701  5.777   -16.066 1.00 38.35  ? 230 ILE A N   1 
ATOM   1137 C CA  . ILE A 1 165 ? -3.063  4.375   -16.149 1.00 39.61  ? 230 ILE A CA  1 
ATOM   1138 C C   . ILE A 1 165 ? -1.842  3.649   -16.744 1.00 39.18  ? 230 ILE A C   1 
ATOM   1139 O O   . ILE A 1 165 ? -1.513  2.516   -16.419 1.00 37.03  ? 230 ILE A O   1 
ATOM   1140 C CB  . ILE A 1 165 ? -4.270  4.154   -17.059 1.00 42.28  ? 230 ILE A CB  1 
ATOM   1141 C CG1 . ILE A 1 165 ? -5.541  4.775   -16.437 1.00 44.71  ? 230 ILE A CG1 1 
ATOM   1142 C CG2 . ILE A 1 165 ? -4.444  2.673   -17.308 1.00 43.69  ? 230 ILE A CG2 1 
ATOM   1143 C CD1 . ILE A 1 165 ? -6.836  4.582   -17.220 1.00 41.96  ? 230 ILE A CD1 1 
ATOM   1144 N N   . ILE A 1 166 ? -1.164  4.321   -17.646 1.00 39.13  ? 231 ILE A N   1 
ATOM   1145 C CA  . ILE A 1 166 ? -0.144  3.649   -18.403 1.00 39.93  ? 231 ILE A CA  1 
ATOM   1146 C C   . ILE A 1 166 ? 1.025   3.448   -17.480 1.00 36.81  ? 231 ILE A C   1 
ATOM   1147 O O   . ILE A 1 166 ? 1.643   2.402   -17.495 1.00 32.66  ? 231 ILE A O   1 
ATOM   1148 C CB  . ILE A 1 166 ? 0.217   4.418   -19.702 1.00 40.89  ? 231 ILE A CB  1 
ATOM   1149 C CG1 . ILE A 1 166 ? -0.954  4.338   -20.691 1.00 40.97  ? 231 ILE A CG1 1 
ATOM   1150 C CG2 . ILE A 1 166 ? 1.506   3.894   -20.329 1.00 41.79  ? 231 ILE A CG2 1 
ATOM   1151 C CD1 . ILE A 1 166 ? -1.239  2.947   -21.222 1.00 43.01  ? 231 ILE A CD1 1 
ATOM   1152 N N   . PHE A 1 167 ? 1.326   4.442   -16.668 1.00 40.25  ? 232 PHE A N   1 
ATOM   1153 C CA  . PHE A 1 167 ? 2.481   4.319   -15.809 1.00 44.91  ? 232 PHE A CA  1 
ATOM   1154 C C   . PHE A 1 167 ? 2.171   3.346   -14.675 1.00 39.43  ? 232 PHE A C   1 
ATOM   1155 O O   . PHE A 1 167 ? 2.955   2.461   -14.402 1.00 34.18  ? 232 PHE A O   1 
ATOM   1156 C CB  . PHE A 1 167 ? 3.040   5.699   -15.475 1.00 46.91  ? 232 PHE A CB  1 
ATOM   1157 C CG  . PHE A 1 167 ? 3.504   6.419   -16.732 1.00 61.81  ? 232 PHE A CG  1 
ATOM   1158 C CD1 . PHE A 1 167 ? 2.654   7.301   -17.414 1.00 66.78  ? 232 PHE A CD1 1 
ATOM   1159 C CD2 . PHE A 1 167 ? 4.747   6.114   -17.323 1.00 65.51  ? 232 PHE A CD2 1 
ATOM   1160 C CE1 . PHE A 1 167 ? 3.056   7.928   -18.606 1.00 64.88  ? 232 PHE A CE1 1 
ATOM   1161 C CE2 . PHE A 1 167 ? 5.148   6.739   -18.505 1.00 65.50  ? 232 PHE A CE2 1 
ATOM   1162 C CZ  . PHE A 1 167 ? 4.295   7.645   -19.148 1.00 67.56  ? 232 PHE A CZ  1 
ATOM   1163 N N   . ALA A 1 168 ? 0.955   3.384   -14.164 1.00 36.82  ? 233 ALA A N   1 
ATOM   1164 C CA  . ALA A 1 168 ? 0.529   2.372   -13.230 1.00 38.47  ? 233 ALA A CA  1 
ATOM   1165 C C   . ALA A 1 168 ? 0.780   0.980   -13.805 1.00 40.07  ? 233 ALA A C   1 
ATOM   1166 O O   . ALA A 1 168 ? 1.396   0.131   -13.136 1.00 38.08  ? 233 ALA A O   1 
ATOM   1167 C CB  . ALA A 1 168 ? -0.944  2.539   -12.892 1.00 36.38  ? 233 ALA A CB  1 
ATOM   1168 N N   . LEU A 1 169 ? 0.304   0.760   -15.040 1.00 42.57  ? 234 LEU A N   1 
ATOM   1169 C CA  . LEU A 1 169 ? 0.336   -0.569  -15.667 1.00 40.47  ? 234 LEU A CA  1 
ATOM   1170 C C   . LEU A 1 169 ? 1.762   -1.020  -15.780 1.00 36.07  ? 234 LEU A C   1 
ATOM   1171 O O   . LEU A 1 169 ? 2.071   -2.097  -15.415 1.00 37.60  ? 234 LEU A O   1 
ATOM   1172 C CB  . LEU A 1 169 ? -0.331  -0.590  -17.036 1.00 41.61  ? 234 LEU A CB  1 
ATOM   1173 C CG  . LEU A 1 169 ? -1.848  -0.725  -16.957 1.00 44.33  ? 234 LEU A CG  1 
ATOM   1174 C CD1 . LEU A 1 169 ? -2.455  -0.507  -18.339 1.00 41.98  ? 234 LEU A CD1 1 
ATOM   1175 C CD2 . LEU A 1 169 ? -2.313  -2.053  -16.356 1.00 41.30  ? 234 LEU A CD2 1 
ATOM   1176 N N   . ILE A 1 170 ? 2.633   -0.161  -16.251 1.00 37.04  ? 235 ILE A N   1 
ATOM   1177 C CA  . ILE A 1 170 ? 4.055   -0.470  -16.328 1.00 42.94  ? 235 ILE A CA  1 
ATOM   1178 C C   . ILE A 1 170 ? 4.637   -0.903  -14.964 1.00 46.73  ? 235 ILE A C   1 
ATOM   1179 O O   . ILE A 1 170 ? 5.443   -1.864  -14.905 1.00 41.33  ? 235 ILE A O   1 
ATOM   1180 C CB  . ILE A 1 170 ? 4.831   0.757   -16.885 1.00 48.94  ? 235 ILE A CB  1 
ATOM   1181 C CG1 . ILE A 1 170 ? 4.545   0.913   -18.397 1.00 51.19  ? 235 ILE A CG1 1 
ATOM   1182 C CG2 . ILE A 1 170 ? 6.348   0.691   -16.621 1.00 49.65  ? 235 ILE A CG2 1 
ATOM   1183 C CD1 . ILE A 1 170 ? 5.179   2.157   -19.005 1.00 49.67  ? 235 ILE A CD1 1 
ATOM   1184 N N   . TRP A 1 171 ? 4.243   -0.173  -13.900 1.00 43.43  ? 236 TRP A N   1 
ATOM   1185 C CA  . TRP A 1 171 ? 4.682   -0.421  -12.527 1.00 38.76  ? 236 TRP A CA  1 
ATOM   1186 C C   . TRP A 1 171 ? 4.182   -1.804  -12.085 1.00 32.59  ? 236 TRP A C   1 
ATOM   1187 O O   . TRP A 1 171 ? 4.901   -2.582  -11.530 1.00 30.00  ? 236 TRP A O   1 
ATOM   1188 C CB  . TRP A 1 171 ? 4.179   0.722   -11.631 1.00 40.32  ? 236 TRP A CB  1 
ATOM   1189 C CG  . TRP A 1 171 ? 4.577   0.585   -10.167 1.00 39.70  ? 236 TRP A CG  1 
ATOM   1190 C CD1 . TRP A 1 171 ? 5.754   0.969   -9.574  1.00 35.07  ? 236 TRP A CD1 1 
ATOM   1191 C CD2 . TRP A 1 171 ? 3.750   0.012   -9.128  1.00 36.01  ? 236 TRP A CD2 1 
ATOM   1192 N NE1 . TRP A 1 171 ? 5.709   0.652   -8.206  1.00 37.13  ? 236 TRP A NE1 1 
ATOM   1193 C CE2 . TRP A 1 171 ? 4.492   0.067   -7.920  1.00 38.38  ? 236 TRP A CE2 1 
ATOM   1194 C CE3 . TRP A 1 171 ? 2.443   -0.537  -9.114  1.00 38.50  ? 236 TRP A CE3 1 
ATOM   1195 C CZ2 . TRP A 1 171 ? 3.962   -0.409  -6.673  1.00 39.19  ? 236 TRP A CZ2 1 
ATOM   1196 C CZ3 . TRP A 1 171 ? 1.905   -1.042  -7.872  1.00 41.56  ? 236 TRP A CZ3 1 
ATOM   1197 C CH2 . TRP A 1 171 ? 2.671   -0.960  -6.674  1.00 40.56  ? 236 TRP A CH2 1 
ATOM   1198 N N   . ILE A 1 172 ? 2.968   -2.138  -12.445 1.00 35.40  ? 237 ILE A N   1 
ATOM   1199 C CA  . ILE A 1 172 ? 2.411   -3.454  -12.152 1.00 38.92  ? 237 ILE A CA  1 
ATOM   1200 C C   . ILE A 1 172 ? 3.166   -4.580  -12.861 1.00 44.02  ? 237 ILE A C   1 
ATOM   1201 O O   . ILE A 1 172 ? 3.524   -5.599  -12.247 1.00 51.95  ? 237 ILE A O   1 
ATOM   1202 C CB  . ILE A 1 172 ? 0.937   -3.476  -12.556 1.00 40.29  ? 237 ILE A CB  1 
ATOM   1203 C CG1 . ILE A 1 172 ? 0.160   -2.659  -11.508 1.00 43.74  ? 237 ILE A CG1 1 
ATOM   1204 C CG2 . ILE A 1 172 ? 0.398   -4.921  -12.732 1.00 40.08  ? 237 ILE A CG2 1 
ATOM   1205 C CD1 . ILE A 1 172 ? -1.329  -2.464  -11.817 1.00 43.04  ? 237 ILE A CD1 1 
ATOM   1206 N N   . VAL A 1 173 ? 3.425   -4.381  -14.145 1.00 38.19  ? 238 VAL A N   1 
ATOM   1207 C CA  . VAL A 1 173 ? 4.197   -5.321  -14.935 1.00 38.09  ? 238 VAL A CA  1 
ATOM   1208 C C   . VAL A 1 173 ? 5.597   -5.608  -14.356 1.00 36.04  ? 238 VAL A C   1 
ATOM   1209 O O   . VAL A 1 173 ? 6.039   -6.753  -14.291 1.00 36.26  ? 238 VAL A O   1 
ATOM   1210 C CB  . VAL A 1 173 ? 4.311   -4.782  -16.388 1.00 41.01  ? 238 VAL A CB  1 
ATOM   1211 C CG1 . VAL A 1 173 ? 5.419   -5.499  -17.199 1.00 39.47  ? 238 VAL A CG1 1 
ATOM   1212 C CG2 . VAL A 1 173 ? 2.930   -4.861  -17.058 1.00 41.84  ? 238 VAL A CG2 1 
ATOM   1213 N N   . ALA A 1 174 ? 6.275   -4.562  -13.930 1.00 34.82  ? 239 ALA A N   1 
ATOM   1214 C CA  . ALA A 1 174 ? 7.597   -4.687  -13.423 1.00 38.88  ? 239 ALA A CA  1 
ATOM   1215 C C   . ALA A 1 174 ? 7.626   -5.662  -12.243 1.00 45.29  ? 239 ALA A C   1 
ATOM   1216 O O   . ALA A 1 174 ? 8.536   -6.519  -12.117 1.00 41.87  ? 239 ALA A O   1 
ATOM   1217 C CB  . ALA A 1 174 ? 8.068   -3.326  -12.970 1.00 38.67  ? 239 ALA A CB  1 
ATOM   1218 N N   . GLY A 1 175 ? 6.622   -5.494  -11.383 1.00 40.95  ? 240 GLY A N   1 
ATOM   1219 C CA  . GLY A 1 175 ? 6.456   -6.338  -10.239 1.00 42.09  ? 240 GLY A CA  1 
ATOM   1220 C C   . GLY A 1 175 ? 5.939   -7.716  -10.605 1.00 42.45  ? 240 GLY A C   1 
ATOM   1221 O O   . GLY A 1 175 ? 6.548   -8.694  -10.197 1.00 47.63  ? 240 GLY A O   1 
ATOM   1222 N N   . TRP A 1 176 ? 4.838   -7.817  -11.365 1.00 37.70  ? 241 TRP A N   1 
ATOM   1223 C CA  . TRP A 1 176 ? 4.353   -9.140  -11.812 1.00 40.74  ? 241 TRP A CA  1 
ATOM   1224 C C   . TRP A 1 176 ? 5.444   -10.046 -12.427 1.00 43.29  ? 241 TRP A C   1 
ATOM   1225 O O   . TRP A 1 176 ? 5.530   -11.239 -12.120 1.00 48.14  ? 241 TRP A O   1 
ATOM   1226 C CB  . TRP A 1 176 ? 3.187   -9.009  -12.781 1.00 40.91  ? 241 TRP A CB  1 
ATOM   1227 C CG  . TRP A 1 176 ? 2.457   -10.233 -12.959 1.00 41.87  ? 241 TRP A CG  1 
ATOM   1228 C CD1 . TRP A 1 176 ? 2.748   -11.251 -13.830 1.00 49.69  ? 241 TRP A CD1 1 
ATOM   1229 C CD2 . TRP A 1 176 ? 1.249   -10.605 -12.306 1.00 50.60  ? 241 TRP A CD2 1 
ATOM   1230 N NE1 . TRP A 1 176 ? 1.809   -12.253 -13.733 1.00 50.48  ? 241 TRP A NE1 1 
ATOM   1231 C CE2 . TRP A 1 176 ? 0.877   -11.883 -12.800 1.00 52.32  ? 241 TRP A CE2 1 
ATOM   1232 C CE3 . TRP A 1 176 ? 0.467   -10.010 -11.329 1.00 49.34  ? 241 TRP A CE3 1 
ATOM   1233 C CZ2 . TRP A 1 176 ? -0.233  -12.568 -12.336 1.00 56.93  ? 241 TRP A CZ2 1 
ATOM   1234 C CZ3 . TRP A 1 176 ? -0.630  -10.697 -10.870 1.00 52.93  ? 241 TRP A CZ3 1 
ATOM   1235 C CH2 . TRP A 1 176 ? -0.971  -11.966 -11.371 1.00 50.20  ? 241 TRP A CH2 1 
ATOM   1236 N N   . PHE A 1 177 ? 6.280   -9.494  -13.291 1.00 43.77  ? 242 PHE A N   1 
ATOM   1237 C CA  . PHE A 1 177 ? 7.287   -10.315 -13.960 1.00 47.68  ? 242 PHE A CA  1 
ATOM   1238 C C   . PHE A 1 177 ? 8.636   -10.159 -13.306 1.00 49.83  ? 242 PHE A C   1 
ATOM   1239 O O   . PHE A 1 177 ? 9.635   -10.609 -13.847 1.00 53.40  ? 242 PHE A O   1 
ATOM   1240 C CB  . PHE A 1 177 ? 7.342   -9.976  -15.452 1.00 45.46  ? 242 PHE A CB  1 
ATOM   1241 C CG  . PHE A 1 177 ? 6.090   -10.331 -16.180 1.00 41.37  ? 242 PHE A CG  1 
ATOM   1242 C CD1 . PHE A 1 177 ? 5.126   -9.369  -16.432 1.00 40.85  ? 242 PHE A CD1 1 
ATOM   1243 C CD2 . PHE A 1 177 ? 5.865   -11.627 -16.567 1.00 39.13  ? 242 PHE A CD2 1 
ATOM   1244 C CE1 . PHE A 1 177 ? 3.964   -9.672  -17.091 1.00 34.58  ? 242 PHE A CE1 1 
ATOM   1245 C CE2 . PHE A 1 177 ? 4.708   -11.956 -17.215 1.00 40.87  ? 242 PHE A CE2 1 
ATOM   1246 C CZ  . PHE A 1 177 ? 3.759   -10.961 -17.484 1.00 45.85  ? 242 PHE A CZ  1 
ATOM   1247 N N   . ASP A 1 178 ? 8.649   -9.512  -12.147 1.00 51.17  ? 243 ASP A N   1 
ATOM   1248 C CA  . ASP A 1 178 ? 9.809   -9.495  -11.262 1.00 56.58  ? 243 ASP A CA  1 
ATOM   1249 C C   . ASP A 1 178 ? 10.993  -8.769  -11.940 1.00 55.50  ? 243 ASP A C   1 
ATOM   1250 O O   . ASP A 1 178 ? 12.151  -9.087  -11.727 1.00 58.69  ? 243 ASP A O   1 
ATOM   1251 C CB  . ASP A 1 178 ? 10.155  -10.931 -10.721 1.00 60.80  ? 243 ASP A CB  1 
ATOM   1252 C CG  . ASP A 1 178 ? 8.932   -11.649 -9.962  1.00 64.77  ? 243 ASP A CG  1 
ATOM   1253 O OD1 . ASP A 1 178 ? 8.050   -11.005 -9.331  1.00 64.10  ? 243 ASP A OD1 1 
ATOM   1254 O OD2 . ASP A 1 178 ? 8.862   -12.897 -9.985  1.00 65.45  ? 243 ASP A OD2 1 
ATOM   1255 N N   . LEU A 1 179 ? 10.680  -7.734  -12.713 1.00 56.59  ? 244 LEU A N   1 
ATOM   1256 C CA  . LEU A 1 179 ? 11.704  -6.910  -13.375 1.00 53.45  ? 244 LEU A CA  1 
ATOM   1257 C C   . LEU A 1 179 ? 12.310  -5.978  -12.342 1.00 57.18  ? 244 LEU A C   1 
ATOM   1258 O O   . LEU A 1 179 ? 13.416  -5.522  -12.519 1.00 59.54  ? 244 LEU A O   1 
ATOM   1259 C CB  . LEU A 1 179 ? 11.117  -6.104  -14.583 1.00 50.32  ? 244 LEU A CB  1 
ATOM   1260 C CG  . LEU A 1 179 ? 10.207  -6.883  -15.567 1.00 51.88  ? 244 LEU A CG  1 
ATOM   1261 C CD1 . LEU A 1 179 ? 9.492   -6.032  -16.593 1.00 48.85  ? 244 LEU A CD1 1 
ATOM   1262 C CD2 . LEU A 1 179 ? 11.039  -7.947  -16.260 1.00 51.94  ? 244 LEU A CD2 1 
ATOM   1263 N N   . PHE A 1 180 ? 11.564  -5.632  -11.294 1.00 70.75  ? 245 PHE A N   1 
ATOM   1264 C CA  . PHE A 1 180 ? 12.167  -4.900  -10.163 1.00 81.39  ? 245 PHE A CA  1 
ATOM   1265 C C   . PHE A 1 180 ? 11.629  -5.405  -8.788  1.00 89.97  ? 245 PHE A C   1 
ATOM   1266 O O   . PHE A 1 180 ? 10.394  -5.676  -8.621  1.00 81.63  ? 245 PHE A O   1 
ATOM   1267 C CB  . PHE A 1 180 ? 12.184  -3.354  -10.430 1.00 81.24  ? 245 PHE A CB  1 
ATOM   1268 C CG  . PHE A 1 180 ? 11.146  -2.534  -9.696  1.00 83.69  ? 245 PHE A CG  1 
ATOM   1269 C CD1 . PHE A 1 180 ? 11.334  -2.175  -8.348  1.00 95.62  ? 245 PHE A CD1 1 
ATOM   1270 C CD2 . PHE A 1 180 ? 10.057  -2.010  -10.374 1.00 78.13  ? 245 PHE A CD2 1 
ATOM   1271 C CE1 . PHE A 1 180 ? 10.409  -1.383  -7.683  1.00 93.69  ? 245 PHE A CE1 1 
ATOM   1272 C CE2 . PHE A 1 180 ? 9.137   -1.216  -9.725  1.00 86.85  ? 245 PHE A CE2 1 
ATOM   1273 C CZ  . PHE A 1 180 ? 9.311   -0.901  -8.381  1.00 97.54  ? 245 PHE A CZ  1 
ATOM   1274 N N   . GLY A 1 181 ? 12.592  -5.615  -7.860  1.00 77.17  ? 246 GLY A N   1 
ATOM   1275 C CA  . GLY A 1 181 ? 12.334  -6.128  -6.499  1.00 68.88  ? 246 GLY A CA  1 
ATOM   1276 C C   . GLY A 1 181 ? 11.396  -5.244  -5.661  1.00 74.05  ? 246 GLY A C   1 
ATOM   1277 O O   . GLY A 1 181 ? 11.724  -4.063  -5.352  1.00 73.48  ? 246 GLY A O   1 
ATOM   1278 N N   . MET A 1 182 ? 10.233  -5.817  -5.304  1.00 66.75  ? 247 MET A N   1 
ATOM   1279 C CA  . MET A 1 182 ? 9.155   -5.100  -4.595  1.00 72.21  ? 247 MET A CA  1 
ATOM   1280 C C   . MET A 1 182 ? 8.689   -5.778  -3.292  1.00 75.04  ? 247 MET A C   1 
ATOM   1281 O O   . MET A 1 182 ? 7.574   -5.515  -2.784  1.00 69.11  ? 247 MET A O   1 
ATOM   1282 C CB  . MET A 1 182 ? 7.960   -4.908  -5.523  1.00 71.71  ? 247 MET A CB  1 
ATOM   1283 C CG  . MET A 1 182 ? 7.712   -3.458  -5.867  1.00 71.80  ? 247 MET A CG  1 
ATOM   1284 S SD  . MET A 1 182 ? 6.102   -3.446  -6.609  1.00 73.21  ? 247 MET A SD  1 
ATOM   1285 C CE  . MET A 1 182 ? 6.419   -3.546  -8.383  1.00 79.44  ? 247 MET A CE  1 
ATOM   1286 N N   . SER A 1 183 ? 9.563   -6.621  -2.743  1.00 70.77  ? 248 SER A N   1 
ATOM   1287 C CA  . SER A 1 183 ? 9.272   -7.453  -1.571  1.00 64.70  ? 248 SER A CA  1 
ATOM   1288 C C   . SER A 1 183 ? 8.064   -8.412  -1.656  1.00 65.74  ? 248 SER A C   1 
ATOM   1289 O O   . SER A 1 183 ? 8.219   -9.601  -1.408  1.00 61.50  ? 248 SER A O   1 
ATOM   1290 C CB  . SER A 1 183 ? 9.107   -6.596  -0.336  1.00 65.88  ? 248 SER A CB  1 
ATOM   1291 O OG  . SER A 1 183 ? 8.584   -7.410  0.688   1.00 54.28  ? 248 SER A OG  1 
ATOM   1292 N N   . MET A 1 184 ? 6.872   -7.900  -1.988  1.00 77.38  ? 249 MET A N   1 
ATOM   1293 C CA  . MET A 1 184 ? 5.645   -8.731  -2.060  1.00 75.89  ? 249 MET A CA  1 
ATOM   1294 C C   . MET A 1 184 ? 5.336   -9.391  -3.444  1.00 65.55  ? 249 MET A C   1 
ATOM   1295 O O   . MET A 1 184 ? 5.567   -8.843  -4.526  1.00 70.40  ? 249 MET A O   1 
ATOM   1296 C CB  . MET A 1 184 ? 4.433   -7.941  -1.547  1.00 80.01  ? 249 MET A CB  1 
ATOM   1297 C CG  . MET A 1 184 ? 4.600   -7.376  -0.138  1.00 79.77  ? 249 MET A CG  1 
ATOM   1298 S SD  . MET A 1 184 ? 3.056   -6.653  0.458   1.00 83.86  ? 249 MET A SD  1 
ATOM   1299 C CE  . MET A 1 184 ? 2.124   -8.127  0.813   1.00 81.46  ? 249 MET A CE  1 
ATOM   1300 N N   . ALA A 1 185 ? 4.815   -10.606 -3.346  1.00 49.90  ? 250 ALA A N   1 
ATOM   1301 C CA  . ALA A 1 185 ? 4.475   -11.427 -4.468  1.00 42.22  ? 250 ALA A CA  1 
ATOM   1302 C C   . ALA A 1 185 ? 3.091   -11.022 -5.063  1.00 41.54  ? 250 ALA A C   1 
ATOM   1303 O O   . ALA A 1 185 ? 2.323   -10.199 -4.524  1.00 36.14  ? 250 ALA A O   1 
ATOM   1304 C CB  . ALA A 1 185 ? 4.481   -12.895 -4.024  1.00 37.83  ? 250 ALA A CB  1 
ATOM   1305 N N   . ASN A 1 186 ? 2.778   -11.688 -6.153  1.00 37.42  ? 251 ASN A N   1 
ATOM   1306 C CA  . ASN A 1 186 ? 1.700   -11.301 -7.004  1.00 39.50  ? 251 ASN A CA  1 
ATOM   1307 C C   . ASN A 1 186 ? 0.331   -11.533 -6.412  1.00 36.35  ? 251 ASN A C   1 
ATOM   1308 O O   . ASN A 1 186 ? -0.543  -10.699 -6.568  1.00 38.12  ? 251 ASN A O   1 
ATOM   1309 C CB  . ASN A 1 186 ? 1.844   -12.055 -8.340  1.00 38.78  ? 251 ASN A CB  1 
ATOM   1310 C CG  . ASN A 1 186 ? 3.043   -11.572 -9.137  1.00 38.89  ? 251 ASN A CG  1 
ATOM   1311 O OD1 . ASN A 1 186 ? 3.662   -10.545 -8.808  1.00 35.98  ? 251 ASN A OD1 1 
ATOM   1312 N ND2 . ASN A 1 186 ? 3.395   -12.324 -10.190 1.00 42.53  ? 251 ASN A ND2 1 
ATOM   1313 N N   . GLY A 1 187 ? 0.170   -12.679 -5.754  1.00 36.57  ? 252 GLY A N   1 
ATOM   1314 C CA  . GLY A 1 187 ? -1.044  -13.039 -5.054  1.00 34.92  ? 252 GLY A CA  1 
ATOM   1315 C C   . GLY A 1 187 ? -1.368  -12.004 -3.970  1.00 35.34  ? 252 GLY A C   1 
ATOM   1316 O O   . GLY A 1 187 ? -2.535  -11.611 -3.830  1.00 36.04  ? 252 GLY A O   1 
ATOM   1317 N N   . ALA A 1 188 ? -0.350  -11.558 -3.216  1.00 33.95  ? 253 ALA A N   1 
ATOM   1318 C CA  . ALA A 1 188 ? -0.521  -10.430 -2.273  1.00 33.92  ? 253 ALA A CA  1 
ATOM   1319 C C   . ALA A 1 188 ? -0.899  -9.123  -2.916  1.00 33.41  ? 253 ALA A C   1 
ATOM   1320 O O   . ALA A 1 188 ? -1.654  -8.416  -2.345  1.00 37.84  ? 253 ALA A O   1 
ATOM   1321 C CB  . ALA A 1 188 ? 0.710   -10.229 -1.417  1.00 35.39  ? 253 ALA A CB  1 
ATOM   1322 N N   . HIS A 1 189 ? -0.417  -8.795  -4.112  1.00 40.01  ? 254 HIS A N   1 
ATOM   1323 C CA  . HIS A 1 189 ? -0.798  -7.517  -4.773  1.00 38.33  ? 254 HIS A CA  1 
ATOM   1324 C C   . HIS A 1 189 ? -2.226  -7.471  -5.332  1.00 35.65  ? 254 HIS A C   1 
ATOM   1325 O O   . HIS A 1 189 ? -2.910  -6.453  -5.244  1.00 34.58  ? 254 HIS A O   1 
ATOM   1326 C CB  . HIS A 1 189 ? 0.205   -7.187  -5.840  1.00 39.59  ? 254 HIS A CB  1 
ATOM   1327 C CG  . HIS A 1 189 ? 1.525   -6.782  -5.279  1.00 40.74  ? 254 HIS A CG  1 
ATOM   1328 N ND1 . HIS A 1 189 ? 2.719   -6.960  -5.954  1.00 42.87  ? 254 HIS A ND1 1 
ATOM   1329 C CD2 . HIS A 1 189 ? 1.842   -6.226  -4.087  1.00 42.23  ? 254 HIS A CD2 1 
ATOM   1330 C CE1 . HIS A 1 189 ? 3.710   -6.502  -5.214  1.00 43.29  ? 254 HIS A CE1 1 
ATOM   1331 N NE2 . HIS A 1 189 ? 3.207   -6.057  -4.071  1.00 44.76  ? 254 HIS A NE2 1 
ATOM   1332 N N   . ILE A 1 190 ? -2.662  -8.609  -5.838  1.00 34.24  ? 255 ILE A N   1 
ATOM   1333 C CA  . ILE A 1 190 ? -4.040  -8.858  -6.240  1.00 36.61  ? 255 ILE A CA  1 
ATOM   1334 C C   . ILE A 1 190 ? -5.086  -8.745  -5.083  1.00 38.49  ? 255 ILE A C   1 
ATOM   1335 O O   . ILE A 1 190 ? -6.181  -8.216  -5.268  1.00 41.18  ? 255 ILE A O   1 
ATOM   1336 C CB  . ILE A 1 190 ? -4.118  -10.289 -6.750  1.00 37.80  ? 255 ILE A CB  1 
ATOM   1337 C CG1 . ILE A 1 190 ? -3.366  -10.431 -8.055  1.00 41.44  ? 255 ILE A CG1 1 
ATOM   1338 C CG2 . ILE A 1 190 ? -5.566  -10.708 -6.986  1.00 41.53  ? 255 ILE A CG2 1 
ATOM   1339 C CD1 . ILE A 1 190 ? -3.201  -11.890 -8.443  1.00 44.44  ? 255 ILE A CD1 1 
ATOM   1340 N N   . ALA A 1 191 ? -4.727  -9.314  -3.929  1.00 34.98  ? 256 ALA A N   1 
ATOM   1341 C CA  . ALA A 1 191 ? -5.436  -9.185  -2.675  1.00 37.95  ? 256 ALA A CA  1 
ATOM   1342 C C   . ALA A 1 191 ? -5.583  -7.702  -2.400  1.00 38.81  ? 256 ALA A C   1 
ATOM   1343 O O   . ALA A 1 191 ? -6.671  -7.215  -2.114  1.00 43.40  ? 256 ALA A O   1 
ATOM   1344 C CB  . ALA A 1 191 ? -4.646  -9.885  -1.545  1.00 39.74  ? 256 ALA A CB  1 
ATOM   1345 N N   . GLY A 1 192 ? -4.490  -6.972  -2.538  1.00 35.69  ? 257 GLY A N   1 
ATOM   1346 C CA  . GLY A 1 192 ? -4.545  -5.539  -2.386  1.00 35.96  ? 257 GLY A CA  1 
ATOM   1347 C C   . GLY A 1 192 ? -5.433  -4.922  -3.445  1.00 35.20  ? 257 GLY A C   1 
ATOM   1348 O O   . GLY A 1 192 ? -6.287  -4.091  -3.149  1.00 33.43  ? 257 GLY A O   1 
ATOM   1349 N N   . LEU A 1 193 ? -5.249  -5.325  -4.691  1.00 33.53  ? 258 LEU A N   1 
ATOM   1350 C CA  . LEU A 1 193 ? -6.033  -4.709  -5.758  1.00 35.88  ? 258 LEU A CA  1 
ATOM   1351 C C   . LEU A 1 193 ? -7.547  -4.917  -5.519  1.00 32.35  ? 258 LEU A C   1 
ATOM   1352 O O   . LEU A 1 193 ? -8.364  -3.989  -5.658  1.00 29.48  ? 258 LEU A O   1 
ATOM   1353 C CB  . LEU A 1 193 ? -5.628  -5.312  -7.086  1.00 36.14  ? 258 LEU A CB  1 
ATOM   1354 C CG  . LEU A 1 193 ? -6.326  -4.717  -8.322  1.00 41.12  ? 258 LEU A CG  1 
ATOM   1355 C CD1 . LEU A 1 193 ? -6.024  -3.233  -8.552  1.00 39.69  ? 258 LEU A CD1 1 
ATOM   1356 C CD2 . LEU A 1 193 ? -5.869  -5.550  -9.511  1.00 42.21  ? 258 LEU A CD2 1 
ATOM   1357 N N   . ALA A 1 194 ? -7.854  -6.134  -5.090  1.00 28.95  ? 259 ALA A N   1 
ATOM   1358 C CA  . ALA A 1 194 ? -9.205  -6.629  -4.973  1.00 32.34  ? 259 ALA A CA  1 
ATOM   1359 C C   . ALA A 1 194 ? -9.951  -5.812  -3.949  1.00 35.49  ? 259 ALA A C   1 
ATOM   1360 O O   . ALA A 1 194 ? -11.075 -5.410  -4.175  1.00 42.78  ? 259 ALA A O   1 
ATOM   1361 C CB  . ALA A 1 194 ? -9.183  -8.095  -4.571  1.00 29.67  ? 259 ALA A CB  1 
ATOM   1362 N N   . VAL A 1 195 ? -9.302  -5.576  -2.819  1.00 31.96  ? 260 VAL A N   1 
ATOM   1363 C CA  . VAL A 1 195 ? -9.801  -4.682  -1.791  1.00 32.06  ? 260 VAL A CA  1 
ATOM   1364 C C   . VAL A 1 195 ? -10.128 -3.279  -2.319  1.00 32.02  ? 260 VAL A C   1 
ATOM   1365 O O   . VAL A 1 195 ? -11.166 -2.739  -1.989  1.00 31.90  ? 260 VAL A O   1 
ATOM   1366 C CB  . VAL A 1 195 ? -8.749  -4.505  -0.635  1.00 30.72  ? 260 VAL A CB  1 
ATOM   1367 C CG1 . VAL A 1 195 ? -9.134  -3.367  0.304   1.00 29.41  ? 260 VAL A CG1 1 
ATOM   1368 C CG2 . VAL A 1 195 ? -8.638  -5.792  0.144   1.00 30.00  ? 260 VAL A CG2 1 
ATOM   1369 N N   . GLY A 1 196 ? -9.221  -2.688  -3.091  1.00 29.30  ? 261 GLY A N   1 
ATOM   1370 C CA  . GLY A 1 196 ? -9.463  -1.378  -3.623  1.00 31.67  ? 261 GLY A CA  1 
ATOM   1371 C C   . GLY A 1 196 ? -10.654 -1.475  -4.593  1.00 33.84  ? 261 GLY A C   1 
ATOM   1372 O O   . GLY A 1 196 ? -11.514 -0.584  -4.617  1.00 30.10  ? 261 GLY A O   1 
ATOM   1373 N N   . LEU A 1 197 ? -10.725 -2.545  -5.377  1.00 32.07  ? 262 LEU A N   1 
ATOM   1374 C CA  . LEU A 1 197 ? -11.844 -2.677  -6.332  1.00 36.88  ? 262 LEU A CA  1 
ATOM   1375 C C   . LEU A 1 197 ? -13.207 -2.798  -5.605  1.00 39.76  ? 262 LEU A C   1 
ATOM   1376 O O   . LEU A 1 197 ? -14.208 -2.198  -6.025  1.00 38.17  ? 262 LEU A O   1 
ATOM   1377 C CB  . LEU A 1 197 ? -11.627 -3.866  -7.267  1.00 35.98  ? 262 LEU A CB  1 
ATOM   1378 C CG  . LEU A 1 197 ? -10.424 -3.716  -8.226  1.00 37.51  ? 262 LEU A CG  1 
ATOM   1379 C CD1 . LEU A 1 197 ? -10.208 -5.019  -8.994  1.00 37.36  ? 262 LEU A CD1 1 
ATOM   1380 C CD2 . LEU A 1 197 ? -10.548 -2.540  -9.192  1.00 38.45  ? 262 LEU A CD2 1 
ATOM   1381 N N   . ALA A 1 198 ? -13.188 -3.505  -4.479  1.00 37.69  ? 263 ALA A N   1 
ATOM   1382 C CA  . ALA A 1 198 ? -14.387 -3.842  -3.736  1.00 40.45  ? 263 ALA A CA  1 
ATOM   1383 C C   . ALA A 1 198 ? -14.921 -2.570  -3.165  1.00 39.20  ? 263 ALA A C   1 
ATOM   1384 O O   . ALA A 1 198 ? -16.086 -2.256  -3.335  1.00 44.21  ? 263 ALA A O   1 
ATOM   1385 C CB  . ALA A 1 198 ? -14.091 -4.846  -2.600  1.00 34.22  ? 263 ALA A CB  1 
ATOM   1386 N N   . MET A 1 199 ? -14.050 -1.854  -2.478  1.00 35.88  ? 264 MET A N   1 
ATOM   1387 C CA  . MET A 1 199 ? -14.401 -0.570  -1.929  1.00 35.10  ? 264 MET A CA  1 
ATOM   1388 C C   . MET A 1 199 ? -14.871 0.517   -2.922  1.00 36.04  ? 264 MET A C   1 
ATOM   1389 O O   . MET A 1 199 ? -15.784 1.287   -2.570  1.00 34.25  ? 264 MET A O   1 
ATOM   1390 C CB  . MET A 1 199 ? -13.256 -0.035  -1.103  1.00 31.58  ? 264 MET A CB  1 
ATOM   1391 C CG  . MET A 1 199 ? -13.106 -0.793  0.197   1.00 33.09  ? 264 MET A CG  1 
ATOM   1392 S SD  . MET A 1 199 ? -11.675 -0.186  1.124   1.00 35.39  ? 264 MET A SD  1 
ATOM   1393 C CE  . MET A 1 199 ? -12.284 1.204   2.101   1.00 36.90  ? 264 MET A CE  1 
ATOM   1394 N N   . ALA A 1 200 ? -14.252 0.618   -4.105  1.00 34.14  ? 265 ALA A N   1 
ATOM   1395 C CA  . ALA A 1 200 ? -14.721 1.556   -5.126  1.00 38.09  ? 265 ALA A CA  1 
ATOM   1396 C C   . ALA A 1 200 ? -16.125 1.093   -5.565  1.00 44.35  ? 265 ALA A C   1 
ATOM   1397 O O   . ALA A 1 200 ? -17.074 1.892   -5.687  1.00 40.20  ? 265 ALA A O   1 
ATOM   1398 C CB  . ALA A 1 200 ? -13.786 1.593   -6.322  1.00 37.86  ? 265 ALA A CB  1 
ATOM   1399 N N   . PHE A 1 201 ? -16.252 -0.215  -5.735  1.00 44.23  ? 266 PHE A N   1 
ATOM   1400 C CA  . PHE A 1 201 ? -17.492 -0.800  -6.148  1.00 47.89  ? 266 PHE A CA  1 
ATOM   1401 C C   . PHE A 1 201 ? -18.600 -0.392  -5.214  1.00 45.48  ? 266 PHE A C   1 
ATOM   1402 O O   . PHE A 1 201 ? -19.572 0.239   -5.620  1.00 54.36  ? 266 PHE A O   1 
ATOM   1403 C CB  . PHE A 1 201 ? -17.367 -2.318  -6.188  1.00 54.25  ? 266 PHE A CB  1 
ATOM   1404 C CG  . PHE A 1 201 ? -18.621 -3.005  -6.617  1.00 60.17  ? 266 PHE A CG  1 
ATOM   1405 C CD1 . PHE A 1 201 ? -19.080 -2.869  -7.915  1.00 60.63  ? 266 PHE A CD1 1 
ATOM   1406 C CD2 . PHE A 1 201 ? -19.348 -3.781  -5.719  1.00 66.18  ? 266 PHE A CD2 1 
ATOM   1407 C CE1 . PHE A 1 201 ? -20.230 -3.506  -8.325  1.00 60.90  ? 266 PHE A CE1 1 
ATOM   1408 C CE2 . PHE A 1 201 ? -20.511 -4.419  -6.121  1.00 63.27  ? 266 PHE A CE2 1 
ATOM   1409 C CZ  . PHE A 1 201 ? -20.950 -4.278  -7.427  1.00 61.07  ? 266 PHE A CZ  1 
ATOM   1410 N N   . VAL A 1 202 ? -18.446 -0.778  -3.967  1.00 42.21  ? 267 VAL A N   1 
ATOM   1411 C CA  . VAL A 1 202 ? -19.327 -0.389  -2.887  1.00 38.51  ? 267 VAL A CA  1 
ATOM   1412 C C   . VAL A 1 202 ? -19.595 1.106   -2.891  1.00 38.64  ? 267 VAL A C   1 
ATOM   1413 O O   . VAL A 1 202 ? -20.748 1.511   -2.908  1.00 39.79  ? 267 VAL A O   1 
ATOM   1414 C CB  . VAL A 1 202 ? -18.705 -0.808  -1.530  1.00 37.35  ? 267 VAL A CB  1 
ATOM   1415 C CG1 . VAL A 1 202 ? -19.105 0.111   -0.367  1.00 37.42  ? 267 VAL A CG1 1 
ATOM   1416 C CG2 . VAL A 1 202 ? -19.080 -2.244  -1.233  1.00 35.60  ? 267 VAL A CG2 1 
ATOM   1417 N N   . ASP A 1 203 ? -18.538 1.924   -2.868  1.00 39.69  ? 268 ASP A N   1 
ATOM   1418 C CA  . ASP A 1 203 ? -18.680 3.394   -2.834  1.00 38.34  ? 268 ASP A CA  1 
ATOM   1419 C C   . ASP A 1 203 ? -19.527 3.969   -4.005  1.00 41.79  ? 268 ASP A C   1 
ATOM   1420 O O   . ASP A 1 203 ? -20.169 5.014   -3.859  1.00 44.25  ? 268 ASP A O   1 
ATOM   1421 C CB  . ASP A 1 203 ? -17.291 4.093   -2.827  1.00 35.88  ? 268 ASP A CB  1 
ATOM   1422 C CG  . ASP A 1 203 ? -16.610 4.068   -1.456  1.00 38.13  ? 268 ASP A CG  1 
ATOM   1423 O OD1 . ASP A 1 203 ? -17.211 3.451   -0.512  1.00 35.80  ? 268 ASP A OD1 1 
ATOM   1424 O OD2 . ASP A 1 203 ? -15.471 4.674   -1.299  1.00 33.80  ? 268 ASP A OD2 1 
ATOM   1425 N N   . SER A 1 204 ? -19.493 3.312   -5.158  1.00 41.24  ? 269 SER A N   1 
ATOM   1426 C CA  . SER A 1 204 ? -20.069 3.869   -6.354  1.00 46.52  ? 269 SER A CA  1 
ATOM   1427 C C   . SER A 1 204 ? -21.493 3.320   -6.475  1.00 53.16  ? 269 SER A C   1 
ATOM   1428 O O   . SER A 1 204 ? -22.363 3.916   -7.092  1.00 61.44  ? 269 SER A O   1 
ATOM   1429 C CB  . SER A 1 204 ? -19.187 3.510   -7.563  1.00 48.52  ? 269 SER A CB  1 
ATOM   1430 O OG  . SER A 1 204 ? -19.462 2.171   -7.964  1.00 48.94  ? 269 SER A OG  1 
ATOM   1431 N N   . LEU A 1 205 ? -21.733 2.173   -5.865  1.00 59.13  ? 270 LEU A N   1 
ATOM   1432 C CA  . LEU A 1 205 ? -23.102 1.721   -5.542  1.00 59.86  ? 270 LEU A CA  1 
ATOM   1433 C C   . LEU A 1 205 ? -24.051 2.723   -4.816  1.00 63.72  ? 270 LEU A C   1 
ATOM   1434 O O   . LEU A 1 205 ? -25.231 2.451   -4.751  1.00 68.66  ? 270 LEU A O   1 
ATOM   1435 C CB  . LEU A 1 205 ? -23.020 0.455   -4.670  1.00 56.40  ? 270 LEU A CB  1 
ATOM   1436 C CG  . LEU A 1 205 ? -23.874 -0.711  -5.111  1.00 58.08  ? 270 LEU A CG  1 
ATOM   1437 C CD1 . LEU A 1 205 ? -23.198 -1.385  -6.282  1.00 63.97  ? 270 LEU A CD1 1 
ATOM   1438 C CD2 . LEU A 1 205 ? -24.070 -1.712  -3.996  1.00 61.98  ? 270 LEU A CD2 1 
ATOM   1439 N N   . ASN A 1 206 ? -23.577 3.841   -4.261  1.00 75.15  ? 271 ASN A N   1 
ATOM   1440 C CA  . ASN A 1 206 ? -24.482 4.762   -3.545  1.00 86.71  ? 271 ASN A CA  1 
ATOM   1441 C C   . ASN A 1 206 ? -25.481 5.486   -4.430  1.00 104.15 ? 271 ASN A C   1 
ATOM   1442 O O   . ASN A 1 206 ? -26.685 5.171   -4.409  1.00 108.79 ? 271 ASN A O   1 
ATOM   1443 C CB  . ASN A 1 206 ? -23.706 5.751   -2.691  1.00 84.35  ? 271 ASN A CB  1 
ATOM   1444 C CG  . ASN A 1 206 ? -23.295 5.137   -1.374  1.00 84.71  ? 271 ASN A CG  1 
ATOM   1445 O OD1 . ASN A 1 206 ? -23.009 3.935   -1.308  1.00 82.30  ? 271 ASN A OD1 1 
ATOM   1446 N ND2 . ASN A 1 206 ? -23.295 5.936   -0.314  1.00 72.32  ? 271 ASN A ND2 1 
ATOM   1447 N N   . ALA A 1 207 ? -24.991 6.465   -5.196  1.00 109.66 ? 272 ALA A N   1 
ATOM   1448 C CA  . ALA A 1 207 ? -25.790 7.028   -6.276  1.00 98.73  ? 272 ALA A CA  1 
ATOM   1449 C C   . ALA A 1 207 ? -25.936 5.903   -7.284  1.00 96.99  ? 272 ALA A C   1 
ATOM   1450 O O   . ALA A 1 207 ? -27.048 5.432   -7.522  1.00 98.04  ? 272 ALA A O   1 
ATOM   1451 C CB  . ALA A 1 207 ? -25.121 8.247   -6.896  1.00 89.64  ? 272 ALA A CB  1 
HETATM 1452 O O   . HOH B 2 .   ? -22.004 -5.010  -1.447  1.00 37.56  ? 301 HOH A O   1 
HETATM 1453 O O   . HOH B 2 .   ? -2.115  -18.059 8.860   1.00 31.42  ? 302 HOH A O   1 
HETATM 1454 O O   . HOH B 2 .   ? 2.272   17.844  -0.848  1.00 22.38  ? 303 HOH A O   1 
HETATM 1455 O O   . HOH B 2 .   ? -17.581 8.279   -0.903  1.00 23.81  ? 304 HOH A O   1 
HETATM 1456 O O   . HOH B 2 .   ? -2.113  -1.664  18.743  1.00 63.53  ? 305 HOH A O   1 
HETATM 1457 O O   . HOH B 2 .   ? 0.066   -4.981  21.562  1.00 43.25  ? 306 HOH A O   1 
HETATM 1458 O O   . HOH B 2 .   ? -2.709  14.026  -5.708  1.00 43.14  ? 307 HOH A O   1 
HETATM 1459 O O   . HOH B 2 .   ? -5.518  -11.648 23.503  1.00 45.58  ? 308 HOH A O   1 
HETATM 1460 O O   . HOH B 2 .   ? 10.553  -19.718 20.555  1.00 53.59  ? 309 HOH A O   1 
HETATM 1461 O O   . HOH B 2 .   ? 1.361   -2.895  1.305   1.00 23.05  ? 310 HOH A O   1 
HETATM 1462 O O   . HOH B 2 .   ? 6.257   4.577   -13.026 1.00 50.29  ? 311 HOH A O   1 
HETATM 1463 O O   . HOH B 2 .   ? 5.882   -3.433  -1.104  1.00 30.16  ? 312 HOH A O   1 
HETATM 1464 O O   . HOH B 2 .   ? 9.633   8.228   -12.936 1.00 60.08  ? 313 HOH A O   1 
HETATM 1465 O O   . HOH B 2 .   ? -1.850  -16.105 -11.174 1.00 61.56  ? 314 HOH A O   1 
HETATM 1466 O O   . HOH B 2 .   ? -8.642  -8.467  -8.358  1.00 61.50  ? 315 HOH A O   1 
HETATM 1467 O O   . HOH B 2 .   ? 12.526  -12.881 18.970  1.00 45.25  ? 316 HOH A O   1 
HETATM 1468 O O   . HOH B 2 .   ? 3.801   -16.471 11.344  1.00 43.85  ? 317 HOH A O   1 
HETATM 1469 O O   . HOH B 2 .   ? 3.811   -5.406  3.349   1.00 26.29  ? 318 HOH A O   1 
HETATM 1470 O O   . HOH B 2 .   ? -2.032  -3.765  23.778  1.00 72.40  ? 319 HOH A O   1 
HETATM 1471 O O   . HOH B 2 .   ? -2.803  -5.065  29.018  1.00 68.86  ? 320 HOH A O   1 
HETATM 1472 O O   . HOH B 2 .   ? 13.130  -17.742 17.608  1.00 45.25  ? 321 HOH A O   1 
HETATM 1473 O O   . HOH B 2 .   ? -7.150  -10.663 21.748  1.00 52.03  ? 322 HOH A O   1 
HETATM 1474 O O   . HOH B 2 .   ? -8.721  -2.470  24.904  1.00 61.54  ? 323 HOH A O   1 
HETATM 1475 O O   . HOH B 2 .   ? 17.773  4.789   -7.658  1.00 59.21  ? 324 HOH A O   1 
HETATM 1476 O O   . HOH B 2 .   ? -9.364  -11.294 -3.004  1.00 60.27  ? 325 HOH A O   1 
HETATM 1477 O O   . HOH B 2 .   ? 3.439   -7.933  -8.521  1.00 38.27  ? 326 HOH A O   1 
HETATM 1478 O O   . HOH B 2 .   ? -0.150  -15.135 11.411  1.00 44.37  ? 327 HOH A O   1 
HETATM 1479 O O   . HOH B 2 .   ? -0.963  -6.497  23.610  1.00 60.04  ? 328 HOH A O   1 
HETATM 1480 O O   . HOH B 2 .   ? 7.264   -5.551  23.700  1.00 58.10  ? 329 HOH A O   1 
HETATM 1481 O O   . HOH B 2 .   ? 20.903  3.133   -7.806  1.00 65.63  ? 330 HOH A O   1 
HETATM 1482 O O   . HOH B 2 .   ? -27.695 -3.825  -5.588  1.00 55.94  ? 331 HOH A O   1 
HETATM 1483 O O   . HOH B 2 .   ? 16.314  4.684   -12.123 0.33 50.55  ? 332 HOH A O   1 
HETATM 1484 O O   . HOH B 2 .   ? -5.985  16.135  -5.621  1.00 52.09  ? 333 HOH A O   1 
HETATM 1485 O O   . HOH B 2 .   ? 10.285  -14.433 22.798  1.00 68.20  ? 334 HOH A O   1 
HETATM 1486 O O   . HOH B 2 .   ? 6.808   14.373  -9.420  1.00 64.16  ? 335 HOH A O   1 
HETATM 1487 O O   . HOH B 2 .   ? 4.137   -19.849 -3.950  1.00 60.70  ? 336 HOH A O   1 
HETATM 1488 O O   . HOH B 2 .   ? -3.680  -12.928 25.372  1.00 61.36  ? 337 HOH A O   1 
HETATM 1489 O O   . HOH B 2 .   ? -4.706  19.189  6.516   1.00 67.12  ? 338 HOH A O   1 
HETATM 1490 O O   . HOH B 2 .   ? -33.654 -2.153  -4.386  1.00 72.41  ? 339 HOH A O   1 
HETATM 1491 O O   . HOH B 2 .   ? 7.629   -0.037  -6.157  1.00 34.66  ? 340 HOH A O   1 
HETATM 1492 O O   . HOH B 2 .   ? 24.288  7.408   13.196  1.00 60.61  ? 341 HOH A O   1 
HETATM 1493 O O   . HOH B 2 .   ? -5.624  -0.026  -13.490 1.00 68.88  ? 342 HOH A O   1 
HETATM 1494 O O   . HOH B 2 .   ? -12.204 -10.267 -10.827 1.00 67.48  ? 343 HOH A O   1 
HETATM 1495 O O   . HOH B 2 .   ? 1.714   14.848  -6.467  1.00 47.47  ? 344 HOH A O   1 
HETATM 1496 O O   . HOH B 2 .   ? -19.485 -6.050  -13.795 1.00 80.91  ? 345 HOH A O   1 
HETATM 1497 O O   . HOH B 2 .   ? -3.832  -10.492 -13.280 1.00 62.53  ? 346 HOH A O   1 
HETATM 1498 O O   . HOH B 2 .   ? -8.104  12.332  -8.820  1.00 60.83  ? 347 HOH A O   1 
HETATM 1499 O O   . HOH B 2 .   ? -2.734  -15.633 26.545  1.00 62.18  ? 348 HOH A O   1 
HETATM 1500 O O   . HOH B 2 .   ? -32.258 -3.251  -6.290  1.00 61.82  ? 349 HOH A O   1 
HETATM 1501 O O   . HOH B 2 .   ? -3.524  -8.459  -12.888 1.00 56.26  ? 350 HOH A O   1 
# 
loop_
_pdbx_poly_seq_scheme.asym_id 
_pdbx_poly_seq_scheme.entity_id 
_pdbx_poly_seq_scheme.seq_id 
_pdbx_poly_seq_scheme.mon_id 
_pdbx_poly_seq_scheme.ndb_seq_num 
_pdbx_poly_seq_scheme.pdb_seq_num 
_pdbx_poly_seq_scheme.auth_seq_num 
_pdbx_poly_seq_scheme.pdb_mon_id 
_pdbx_poly_seq_scheme.auth_mon_id 
_pdbx_poly_seq_scheme.pdb_strand_id 
_pdbx_poly_seq_scheme.pdb_ins_code 
_pdbx_poly_seq_scheme.hetero 
A 1 1   MET 1   66  ?   ?   ?   A . n 
A 1 2   GLY 2   67  ?   ?   ?   A . n 
A 1 3   SER 3   68  ?   ?   ?   A . n 
A 1 4   SER 4   69  ?   ?   ?   A . n 
A 1 5   HIS 5   70  ?   ?   ?   A . n 
A 1 6   HIS 6   71  ?   ?   ?   A . n 
A 1 7   HIS 7   72  ?   ?   ?   A . n 
A 1 8   HIS 8   73  ?   ?   ?   A . n 
A 1 9   HIS 9   74  ?   ?   ?   A . n 
A 1 10  HIS 10  75  ?   ?   ?   A . n 
A 1 11  SER 11  76  ?   ?   ?   A . n 
A 1 12  SER 12  77  ?   ?   ?   A . n 
A 1 13  GLY 13  78  ?   ?   ?   A . n 
A 1 14  LEU 14  79  ?   ?   ?   A . n 
A 1 15  VAL 15  80  ?   ?   ?   A . n 
A 1 16  PRO 16  81  ?   ?   ?   A . n 
A 1 17  ARG 17  82  ?   ?   ?   A . n 
A 1 18  GLY 18  83  ?   ?   ?   A . n 
A 1 19  SER 19  84  ?   ?   ?   A . n 
A 1 20  HIS 20  85  ?   ?   ?   A . n 
A 1 21  MET 21  86  ?   ?   ?   A . n 
A 1 22  ALA 22  87  ?   ?   ?   A . n 
A 1 23  ALA 23  88  ?   ?   ?   A . n 
A 1 24  LEU 24  89  ?   ?   ?   A . n 
A 1 25  ARG 25  90  ?   ?   ?   A . n 
A 1 26  GLU 26  91  91  GLU GLU A . n 
A 1 27  ARG 27  92  92  ARG ARG A . n 
A 1 28  ALA 28  93  93  ALA ALA A . n 
A 1 29  GLY 29  94  94  GLY GLY A . n 
A 1 30  PRO 30  95  95  PRO PRO A . n 
A 1 31  VAL 31  96  96  VAL VAL A . n 
A 1 32  THR 32  97  97  THR THR A . n 
A 1 33  TRP 33  98  98  TRP TRP A . n 
A 1 34  VAL 34  99  99  VAL VAL A . n 
A 1 35  MET 35  100 100 MET MET A . n 
A 1 36  MET 36  101 101 MET MET A . n 
A 1 37  ILE 37  102 102 ILE ILE A . n 
A 1 38  ALA 38  103 103 ALA ALA A . n 
A 1 39  CYS 39  104 104 CYS CYS A . n 
A 1 40  VAL 40  105 105 VAL VAL A . n 
A 1 41  VAL 41  106 106 VAL VAL A . n 
A 1 42  VAL 42  107 107 VAL VAL A . n 
A 1 43  PHE 43  108 108 PHE PHE A . n 
A 1 44  ILE 44  109 109 ILE ILE A . n 
A 1 45  ALA 45  110 110 ALA ALA A . n 
A 1 46  MET 46  111 111 MET MET A . n 
A 1 47  GLN 47  112 112 GLN GLN A . n 
A 1 48  ILE 48  113 113 ILE ILE A . n 
A 1 49  LEU 49  114 114 LEU LEU A . n 
A 1 50  GLY 50  115 115 GLY GLY A . n 
A 1 51  ASP 51  116 116 ASP ASP A . n 
A 1 52  GLN 52  117 117 GLN GLN A . n 
A 1 53  GLU 53  118 118 GLU GLU A . n 
A 1 54  VAL 54  119 119 VAL VAL A . n 
A 1 55  MET 55  120 120 MET MET A . n 
A 1 56  LEU 56  121 121 LEU LEU A . n 
A 1 57  TRP 57  122 122 TRP TRP A . n 
A 1 58  LEU 58  123 123 LEU LEU A . n 
A 1 59  ALA 59  124 124 ALA ALA A . n 
A 1 60  TRP 60  125 125 TRP TRP A . n 
A 1 61  PRO 61  126 126 PRO PRO A . n 
A 1 62  PHE 62  127 127 PHE PHE A . n 
A 1 63  ASP 63  128 128 ASP ASP A . n 
A 1 64  PRO 64  129 129 PRO PRO A . n 
A 1 65  THR 65  130 130 THR THR A . n 
A 1 66  LEU 66  131 131 LEU LEU A . n 
A 1 67  LYS 67  132 132 LYS LYS A . n 
A 1 68  PHE 68  133 133 PHE PHE A . n 
A 1 69  GLU 69  134 134 GLU GLU A . n 
A 1 70  PHE 70  135 135 PHE PHE A . n 
A 1 71  TRP 71  136 136 TRP TRP A . n 
A 1 72  ARG 72  137 137 ARG ARG A . n 
A 1 73  TYR 73  138 138 TYR TYR A . n 
A 1 74  PHE 74  139 139 PHE PHE A . n 
A 1 75  THR 75  140 140 THR THR A . n 
A 1 76  HIS 76  141 141 HIS HIS A . n 
A 1 77  ALA 77  142 142 ALA ALA A . n 
A 1 78  LEU 78  143 143 LEU LEU A . n 
A 1 79  MET 79  144 144 MET MET A . n 
A 1 80  HIS 80  145 145 HIS HIS A . n 
A 1 81  PHE 81  146 146 PHE PHE A . n 
A 1 82  SER 82  147 147 SER SER A . n 
A 1 83  LEU 83  148 148 LEU LEU A . n 
A 1 84  MET 84  149 149 MET MET A . n 
A 1 85  HIS 85  150 150 HIS HIS A . n 
A 1 86  ILE 86  151 151 ILE ILE A . n 
A 1 87  LEU 87  152 152 LEU LEU A . n 
A 1 88  PHE 88  153 153 PHE PHE A . n 
A 1 89  ASN 89  154 154 ASN ASN A . n 
A 1 90  LEU 90  155 155 LEU LEU A . n 
A 1 91  LEU 91  156 156 LEU LEU A . n 
A 1 92  TRP 92  157 157 TRP TRP A . n 
A 1 93  TRP 93  158 158 TRP TRP A . n 
A 1 94  TRP 94  159 159 TRP TRP A . n 
A 1 95  TYR 95  160 160 TYR TYR A . n 
A 1 96  LEU 96  161 161 LEU LEU A . n 
A 1 97  GLY 97  162 162 GLY GLY A . n 
A 1 98  GLY 98  163 163 GLY GLY A . n 
A 1 99  ALA 99  164 164 ALA ALA A . n 
A 1 100 VAL 100 165 165 VAL VAL A . n 
A 1 101 GLU 101 166 166 GLU GLU A . n 
A 1 102 LYS 102 167 167 LYS LYS A . n 
A 1 103 ARG 103 168 168 ARG ARG A . n 
A 1 104 LEU 104 169 169 LEU LEU A . n 
A 1 105 GLY 105 170 170 GLY GLY A . n 
A 1 106 SER 106 171 171 SER SER A . n 
A 1 107 GLY 107 172 172 GLY GLY A . n 
A 1 108 LYS 108 173 173 LYS LYS A . n 
A 1 109 LEU 109 174 174 LEU LEU A . n 
A 1 110 ILE 110 175 175 ILE ILE A . n 
A 1 111 VAL 111 176 176 VAL VAL A . n 
A 1 112 ILE 112 177 177 ILE ILE A . n 
A 1 113 THR 113 178 178 THR THR A . n 
A 1 114 LEU 114 179 179 LEU LEU A . n 
A 1 115 ILE 115 180 180 ILE ILE A . n 
A 1 116 SER 116 181 181 SER SER A . n 
A 1 117 ALA 117 182 182 ALA ALA A . n 
A 1 118 LEU 118 183 183 LEU LEU A . n 
A 1 119 LEU 119 184 184 LEU LEU A . n 
A 1 120 SER 120 185 185 SER SER A . n 
A 1 121 GLY 121 186 186 GLY GLY A . n 
A 1 122 TYR 122 187 187 TYR TYR A . n 
A 1 123 VAL 123 188 188 VAL VAL A . n 
A 1 124 GLN 124 189 189 GLN GLN A . n 
A 1 125 GLN 125 190 190 GLN GLN A . n 
A 1 126 LYS 126 191 191 LYS LYS A . n 
A 1 127 PHE 127 192 192 PHE PHE A . n 
A 1 128 SER 128 193 193 SER SER A . n 
A 1 129 GLY 129 194 194 GLY GLY A . n 
A 1 130 PRO 130 195 195 PRO PRO A . n 
A 1 131 TRP 131 196 196 TRP TRP A . n 
A 1 132 PHE 132 197 197 PHE PHE A . n 
A 1 133 GLY 133 198 198 GLY GLY A . n 
A 1 134 GLY 134 199 199 GLY GLY A . n 
A 1 135 LEU 135 200 200 LEU LEU A . n 
A 1 136 SER 136 201 201 SER SER A . n 
A 1 137 GLY 137 202 202 GLY GLY A . n 
A 1 138 VAL 138 203 203 VAL VAL A . n 
A 1 139 VAL 139 204 204 VAL VAL A . n 
A 1 140 TYR 140 205 205 TYR TYR A . n 
A 1 141 ALA 141 206 206 ALA ALA A . n 
A 1 142 LEU 142 207 207 LEU LEU A . n 
A 1 143 MET 143 208 208 MET MET A . n 
A 1 144 GLY 144 209 209 GLY GLY A . n 
A 1 145 TYR 145 210 210 TYR TYR A . n 
A 1 146 VAL 146 211 211 VAL VAL A . n 
A 1 147 TRP 147 212 212 TRP TRP A . n 
A 1 148 LEU 148 213 213 LEU LEU A . n 
A 1 149 ARG 149 214 214 ARG ARG A . n 
A 1 150 GLY 150 215 215 GLY GLY A . n 
A 1 151 GLU 151 216 216 GLU GLU A . n 
A 1 152 ARG 152 217 217 ARG ARG A . n 
A 1 153 ASP 153 218 218 ASP ASP A . n 
A 1 154 PRO 154 219 219 PRO PRO A . n 
A 1 155 GLN 155 220 220 GLN GLN A . n 
A 1 156 SER 156 221 221 SER SER A . n 
A 1 157 GLY 157 222 222 GLY GLY A . n 
A 1 158 ILE 158 223 223 ILE ILE A . n 
A 1 159 TYR 159 224 224 TYR TYR A . n 
A 1 160 LEU 160 225 225 LEU LEU A . n 
A 1 161 GLN 161 226 226 GLN GLN A . n 
A 1 162 ARG 162 227 227 ARG ARG A . n 
A 1 163 GLY 163 228 228 GLY GLY A . n 
A 1 164 LEU 164 229 229 LEU LEU A . n 
A 1 165 ILE 165 230 230 ILE ILE A . n 
A 1 166 ILE 166 231 231 ILE ILE A . n 
A 1 167 PHE 167 232 232 PHE PHE A . n 
A 1 168 ALA 168 233 233 ALA ALA A . n 
A 1 169 LEU 169 234 234 LEU LEU A . n 
A 1 170 ILE 170 235 235 ILE ILE A . n 
A 1 171 TRP 171 236 236 TRP TRP A . n 
A 1 172 ILE 172 237 237 ILE ILE A . n 
A 1 173 VAL 173 238 238 VAL VAL A . n 
A 1 174 ALA 174 239 239 ALA ALA A . n 
A 1 175 GLY 175 240 240 GLY GLY A . n 
A 1 176 TRP 176 241 241 TRP TRP A . n 
A 1 177 PHE 177 242 242 PHE PHE A . n 
A 1 178 ASP 178 243 243 ASP ASP A . n 
A 1 179 LEU 179 244 244 LEU LEU A . n 
A 1 180 PHE 180 245 245 PHE PHE A . n 
A 1 181 GLY 181 246 246 GLY GLY A . n 
A 1 182 MET 182 247 247 MET MET A . n 
A 1 183 SER 183 248 248 SER SER A . n 
A 1 184 MET 184 249 249 MET MET A . n 
A 1 185 ALA 185 250 250 ALA ALA A . n 
A 1 186 ASN 186 251 251 ASN ASN A . n 
A 1 187 GLY 187 252 252 GLY GLY A . n 
A 1 188 ALA 188 253 253 ALA ALA A . n 
A 1 189 HIS 189 254 254 HIS HIS A . n 
A 1 190 ILE 190 255 255 ILE ILE A . n 
A 1 191 ALA 191 256 256 ALA ALA A . n 
A 1 192 GLY 192 257 257 GLY GLY A . n 
A 1 193 LEU 193 258 258 LEU LEU A . n 
A 1 194 ALA 194 259 259 ALA ALA A . n 
A 1 195 VAL 195 260 260 VAL VAL A . n 
A 1 196 GLY 196 261 261 GLY GLY A . n 
A 1 197 LEU 197 262 262 LEU LEU A . n 
A 1 198 ALA 198 263 263 ALA ALA A . n 
A 1 199 MET 199 264 264 MET MET A . n 
A 1 200 ALA 200 265 265 ALA ALA A . n 
A 1 201 PHE 201 266 266 PHE PHE A . n 
A 1 202 VAL 202 267 267 VAL VAL A . n 
A 1 203 ASP 203 268 268 ASP ASP A . n 
A 1 204 SER 204 269 269 SER SER A . n 
A 1 205 LEU 205 270 270 LEU LEU A . n 
A 1 206 ASN 206 271 271 ASN ASN A . n 
A 1 207 ALA 207 272 272 ALA ALA A . n 
A 1 208 ARG 208 273 ?   ?   ?   A . n 
A 1 209 LYS 209 274 ?   ?   ?   A . n 
A 1 210 ARG 210 275 ?   ?   ?   A . n 
A 1 211 LYS 211 276 ?   ?   ?   A . n 
# 
loop_
_pdbx_nonpoly_scheme.asym_id 
_pdbx_nonpoly_scheme.entity_id 
_pdbx_nonpoly_scheme.mon_id 
_pdbx_nonpoly_scheme.ndb_seq_num 
_pdbx_nonpoly_scheme.pdb_seq_num 
_pdbx_nonpoly_scheme.auth_seq_num 
_pdbx_nonpoly_scheme.pdb_mon_id 
_pdbx_nonpoly_scheme.auth_mon_id 
_pdbx_nonpoly_scheme.pdb_strand_id 
_pdbx_nonpoly_scheme.pdb_ins_code 
B 2 HOH 1  301 1  HOH HOH A . 
B 2 HOH 2  302 2  HOH HOH A . 
B 2 HOH 3  303 3  HOH HOH A . 
B 2 HOH 4  304 4  HOH HOH A . 
B 2 HOH 5  305 5  HOH HOH A . 
B 2 HOH 6  306 6  HOH HOH A . 
B 2 HOH 7  307 7  HOH HOH A . 
B 2 HOH 8  308 8  HOH HOH A . 
B 2 HOH 9  309 9  HOH HOH A . 
B 2 HOH 10 310 10 HOH HOH A . 
B 2 HOH 11 311 11 HOH HOH A . 
B 2 HOH 12 312 12 HOH HOH A . 
B 2 HOH 13 313 13 HOH HOH A . 
B 2 HOH 14 314 14 HOH HOH A . 
B 2 HOH 15 315 15 HOH HOH A . 
B 2 HOH 16 316 16 HOH HOH A . 
B 2 HOH 17 317 17 HOH HOH A . 
B 2 HOH 18 318 18 HOH HOH A . 
B 2 HOH 19 319 19 HOH HOH A . 
B 2 HOH 20 320 20 HOH HOH A . 
B 2 HOH 21 321 21 HOH HOH A . 
B 2 HOH 22 322 22 HOH HOH A . 
B 2 HOH 23 323 23 HOH HOH A . 
B 2 HOH 24 324 24 HOH HOH A . 
B 2 HOH 25 325 25 HOH HOH A . 
B 2 HOH 26 326 26 HOH HOH A . 
B 2 HOH 27 327 27 HOH HOH A . 
B 2 HOH 28 328 28 HOH HOH A . 
B 2 HOH 29 329 29 HOH HOH A . 
B 2 HOH 30 330 30 HOH HOH A . 
B 2 HOH 31 331 31 HOH HOH A . 
B 2 HOH 32 332 32 HOH HOH A . 
B 2 HOH 33 333 33 HOH HOH A . 
B 2 HOH 34 334 34 HOH HOH A . 
B 2 HOH 35 335 35 HOH HOH A . 
B 2 HOH 36 336 36 HOH HOH A . 
B 2 HOH 37 337 37 HOH HOH A . 
B 2 HOH 38 338 38 HOH HOH A . 
B 2 HOH 39 339 39 HOH HOH A . 
B 2 HOH 40 340 40 HOH HOH A . 
B 2 HOH 41 341 41 HOH HOH A . 
B 2 HOH 42 342 42 HOH HOH A . 
B 2 HOH 43 343 43 HOH HOH A . 
B 2 HOH 44 344 44 HOH HOH A . 
B 2 HOH 45 345 45 HOH HOH A . 
B 2 HOH 46 346 46 HOH HOH A . 
B 2 HOH 47 347 47 HOH HOH A . 
B 2 HOH 48 348 48 HOH HOH A . 
B 2 HOH 49 349 49 HOH HOH A . 
B 2 HOH 50 350 50 HOH HOH A . 
# 
loop_
_pdbx_struct_assembly.id 
_pdbx_struct_assembly.details 
_pdbx_struct_assembly.method_details 
_pdbx_struct_assembly.oligomeric_details 
_pdbx_struct_assembly.oligomeric_count 
1 author_defined_assembly   ?    monomeric 1 
2 software_defined_assembly PISA dimeric   2 
3 software_defined_assembly PISA trimeric  3 
4 software_defined_assembly PISA hexameric 6 
# 
loop_
_pdbx_struct_assembly_gen.assembly_id 
_pdbx_struct_assembly_gen.oper_expression 
_pdbx_struct_assembly_gen.asym_id_list 
1 1           A,B 
2 1,2         A,B 
3 1,3,4       A,B 
4 1,3,4,5,6,7 A,B 
# 
loop_
_pdbx_struct_assembly_prop.biol_id 
_pdbx_struct_assembly_prop.type 
_pdbx_struct_assembly_prop.value 
_pdbx_struct_assembly_prop.details 
2 'ABSA (A^2)' 2330  ? 
2 MORE         -23   ? 
2 'SSA (A^2)'  16530 ? 
3 'ABSA (A^2)' 4480  ? 
3 MORE         -51   ? 
3 'SSA (A^2)'  23820 ? 
4 'ABSA (A^2)' 10740 ? 
4 MORE         -115  ? 
4 'SSA (A^2)'  45860 ? 
# 
loop_
_pdbx_struct_oper_list.id 
_pdbx_struct_oper_list.type 
_pdbx_struct_oper_list.name 
_pdbx_struct_oper_list.symmetry_operation 
_pdbx_struct_oper_list.matrix[1][1] 
_pdbx_struct_oper_list.matrix[1][2] 
_pdbx_struct_oper_list.matrix[1][3] 
_pdbx_struct_oper_list.vector[1] 
_pdbx_struct_oper_list.matrix[2][1] 
_pdbx_struct_oper_list.matrix[2][2] 
_pdbx_struct_oper_list.matrix[2][3] 
_pdbx_struct_oper_list.vector[2] 
_pdbx_struct_oper_list.matrix[3][1] 
_pdbx_struct_oper_list.matrix[3][2] 
_pdbx_struct_oper_list.matrix[3][3] 
_pdbx_struct_oper_list.vector[3] 
1 'identity operation'         1_555  x,y,z                 1.0000000000  0.0000000000  0.0000000000  0.0000000000   0.0000000000  1.0000000000  0.0000000000  0.0000000000   0.0000000000  0.0000000000  1.0000000000  0.0000000000   
2 'crystal symmetry operation' 17_555 x-y+1/3,-y+2/3,-z+2/3 -0.7107374983 0.2939154675  0.6391133753  -18.1404133478 0.2939154675  -0.7013567209 0.6493939083  -11.2096360077 0.6391133753  0.6493939083  0.4120942192  13.3654326206  
3 'crystal symmetry operation' 2_555  -y,x-y,z              0.1830337582  -0.7753483168 -0.6044283506 9.6320874220   -0.7171089274 0.3152703286  -0.6215781577 7.3706634813   0.6724979031  0.5472107524  -0.4983040868 -31.6981903910 
4 'crystal symmetry operation' 3_555  -x+y,-x,z             0.1830337582  -0.7171089274 0.6724979031  24.8395379921  -0.7753483168 0.3152703286  0.5472107524  22.4900618851  -0.6044283506 -0.6215781577 -0.4983040868 -5.3919876733  
5 'crystal symmetry operation' 4_556  y,x,-z+1              -0.7442740616 0.2050801168  -0.6356085799 36.4934057639  0.2050801168  -0.8355354386 -0.5097280417 -19.1765734123 -0.6356085799 -0.5097280417 0.5798095003  8.4951284318   
6 'crystal symmetry operation' 5_556  x-y,-y,-z+1           -0.7107374983 0.2939154675  0.6391133753  50.9837112444  0.2939154675  -0.7013567209 0.6493939083  -7.2022178296  0.6391133753  0.6493939083  0.4120942192  -19.7630547685 
7 'crystal symmetry operation' 6_556  -x,-x+y,-z+1          0.0889440437  0.9934616600  -0.0715743478 26.0454400789  0.9934616600  -0.0936484977 -0.0652984612 -30.1252744644 -0.0715743478 -0.0652984612 -0.9952955459 -21.8832359196 
# 
_pdbx_struct_special_symmetry.id              1 
_pdbx_struct_special_symmetry.PDB_model_num   1 
_pdbx_struct_special_symmetry.auth_asym_id    A 
_pdbx_struct_special_symmetry.auth_comp_id    HOH 
_pdbx_struct_special_symmetry.auth_seq_id     332 
_pdbx_struct_special_symmetry.PDB_ins_code    ? 
_pdbx_struct_special_symmetry.label_asym_id   B 
_pdbx_struct_special_symmetry.label_comp_id   HOH 
_pdbx_struct_special_symmetry.label_seq_id    . 
# 
loop_
_pdbx_audit_revision_history.ordinal 
_pdbx_audit_revision_history.data_content_type 
_pdbx_audit_revision_history.major_revision 
_pdbx_audit_revision_history.minor_revision 
_pdbx_audit_revision_history.revision_date 
1 'Structure model' 1 0 2013-12-25 
2 'Structure model' 1 1 2014-01-01 
3 'Structure model' 1 2 2023-09-20 
# 
_pdbx_audit_revision_details.ordinal             1 
_pdbx_audit_revision_details.revision_ordinal    1 
_pdbx_audit_revision_details.data_content_type   'Structure model' 
_pdbx_audit_revision_details.provider            repository 
_pdbx_audit_revision_details.type                'Initial release' 
_pdbx_audit_revision_details.description         ? 
_pdbx_audit_revision_details.details             ? 
# 
loop_
_pdbx_audit_revision_group.ordinal 
_pdbx_audit_revision_group.revision_ordinal 
_pdbx_audit_revision_group.data_content_type 
_pdbx_audit_revision_group.group 
1 2 'Structure model' 'Database references'    
2 3 'Structure model' 'Data collection'        
3 3 'Structure model' 'Database references'    
4 3 'Structure model' 'Refinement description' 
# 
loop_
_pdbx_audit_revision_category.ordinal 
_pdbx_audit_revision_category.revision_ordinal 
_pdbx_audit_revision_category.data_content_type 
_pdbx_audit_revision_category.category 
1 3 'Structure model' chem_comp_atom                
2 3 'Structure model' chem_comp_bond                
3 3 'Structure model' database_2                    
4 3 'Structure model' pdbx_initial_refinement_model 
5 3 'Structure model' struct_ref_seq_dif            
# 
loop_
_pdbx_audit_revision_item.ordinal 
_pdbx_audit_revision_item.revision_ordinal 
_pdbx_audit_revision_item.data_content_type 
_pdbx_audit_revision_item.item 
1 3 'Structure model' '_database_2.pdbx_DOI'                
2 3 'Structure model' '_database_2.pdbx_database_accession' 
3 3 'Structure model' '_struct_ref_seq_dif.details'         
# 
loop_
_software.name 
_software.classification 
_software.version 
_software.citation_id 
_software.pdbx_ordinal 
ADSC     'data collection' Quantum  ? 1 
MOLREP   phasing           .        ? 2 
REFMAC   refinement        5.7.0029 ? 3 
HKL-2000 'data reduction'  .        ? 4 
HKL-2000 'data scaling'    .        ? 5 
# 
_pdbx_validate_close_contact.id               1 
_pdbx_validate_close_contact.PDB_model_num    1 
_pdbx_validate_close_contact.auth_atom_id_1   O 
_pdbx_validate_close_contact.auth_asym_id_1   A 
_pdbx_validate_close_contact.auth_comp_id_1   HOH 
_pdbx_validate_close_contact.auth_seq_id_1    346 
_pdbx_validate_close_contact.PDB_ins_code_1   ? 
_pdbx_validate_close_contact.label_alt_id_1   ? 
_pdbx_validate_close_contact.auth_atom_id_2   O 
_pdbx_validate_close_contact.auth_asym_id_2   A 
_pdbx_validate_close_contact.auth_comp_id_2   HOH 
_pdbx_validate_close_contact.auth_seq_id_2    350 
_pdbx_validate_close_contact.PDB_ins_code_2   ? 
_pdbx_validate_close_contact.label_alt_id_2   ? 
_pdbx_validate_close_contact.dist             2.09 
# 
loop_
_pdbx_validate_torsion.id 
_pdbx_validate_torsion.PDB_model_num 
_pdbx_validate_torsion.auth_comp_id 
_pdbx_validate_torsion.auth_asym_id 
_pdbx_validate_torsion.auth_seq_id 
_pdbx_validate_torsion.PDB_ins_code 
_pdbx_validate_torsion.label_alt_id 
_pdbx_validate_torsion.phi 
_pdbx_validate_torsion.psi 
1 1 ARG A 92  ? ? -138.79 -156.83 
2 1 ASP A 218 ? ? -170.47 59.85   
3 1 SER A 248 ? ? 56.95   -54.19  
4 1 LEU A 270 ? ? -49.59  -13.48  
5 1 ASN A 271 ? ? -68.41  -73.52  
# 
loop_
_pdbx_unobs_or_zero_occ_residues.id 
_pdbx_unobs_or_zero_occ_residues.PDB_model_num 
_pdbx_unobs_or_zero_occ_residues.polymer_flag 
_pdbx_unobs_or_zero_occ_residues.occupancy_flag 
_pdbx_unobs_or_zero_occ_residues.auth_asym_id 
_pdbx_unobs_or_zero_occ_residues.auth_comp_id 
_pdbx_unobs_or_zero_occ_residues.auth_seq_id 
_pdbx_unobs_or_zero_occ_residues.PDB_ins_code 
_pdbx_unobs_or_zero_occ_residues.label_asym_id 
_pdbx_unobs_or_zero_occ_residues.label_comp_id 
_pdbx_unobs_or_zero_occ_residues.label_seq_id 
1  1 Y 1 A MET 66  ? A MET 1   
2  1 Y 1 A GLY 67  ? A GLY 2   
3  1 Y 1 A SER 68  ? A SER 3   
4  1 Y 1 A SER 69  ? A SER 4   
5  1 Y 1 A HIS 70  ? A HIS 5   
6  1 Y 1 A HIS 71  ? A HIS 6   
7  1 Y 1 A HIS 72  ? A HIS 7   
8  1 Y 1 A HIS 73  ? A HIS 8   
9  1 Y 1 A HIS 74  ? A HIS 9   
10 1 Y 1 A HIS 75  ? A HIS 10  
11 1 Y 1 A SER 76  ? A SER 11  
12 1 Y 1 A SER 77  ? A SER 12  
13 1 Y 1 A GLY 78  ? A GLY 13  
14 1 Y 1 A LEU 79  ? A LEU 14  
15 1 Y 1 A VAL 80  ? A VAL 15  
16 1 Y 1 A PRO 81  ? A PRO 16  
17 1 Y 1 A ARG 82  ? A ARG 17  
18 1 Y 1 A GLY 83  ? A GLY 18  
19 1 Y 1 A SER 84  ? A SER 19  
20 1 Y 1 A HIS 85  ? A HIS 20  
21 1 Y 1 A MET 86  ? A MET 21  
22 1 Y 1 A ALA 87  ? A ALA 22  
23 1 Y 1 A ALA 88  ? A ALA 23  
24 1 Y 1 A LEU 89  ? A LEU 24  
25 1 Y 1 A ARG 90  ? A ARG 25  
26 1 Y 1 A ARG 273 ? A ARG 208 
27 1 Y 1 A LYS 274 ? A LYS 209 
28 1 Y 1 A ARG 275 ? A ARG 210 
29 1 Y 1 A LYS 276 ? A LYS 211 
# 
loop_
_chem_comp_atom.comp_id 
_chem_comp_atom.atom_id 
_chem_comp_atom.type_symbol 
_chem_comp_atom.pdbx_aromatic_flag 
_chem_comp_atom.pdbx_stereo_config 
_chem_comp_atom.pdbx_ordinal 
ALA N    N N N 1   
ALA CA   C N S 2   
ALA C    C N N 3   
ALA O    O N N 4   
ALA CB   C N N 5   
ALA OXT  O N N 6   
ALA H    H N N 7   
ALA H2   H N N 8   
ALA HA   H N N 9   
ALA HB1  H N N 10  
ALA HB2  H N N 11  
ALA HB3  H N N 12  
ALA HXT  H N N 13  
ARG N    N N N 14  
ARG CA   C N S 15  
ARG C    C N N 16  
ARG O    O N N 17  
ARG CB   C N N 18  
ARG CG   C N N 19  
ARG CD   C N N 20  
ARG NE   N N N 21  
ARG CZ   C N N 22  
ARG NH1  N N N 23  
ARG NH2  N N N 24  
ARG OXT  O N N 25  
ARG H    H N N 26  
ARG H2   H N N 27  
ARG HA   H N N 28  
ARG HB2  H N N 29  
ARG HB3  H N N 30  
ARG HG2  H N N 31  
ARG HG3  H N N 32  
ARG HD2  H N N 33  
ARG HD3  H N N 34  
ARG HE   H N N 35  
ARG HH11 H N N 36  
ARG HH12 H N N 37  
ARG HH21 H N N 38  
ARG HH22 H N N 39  
ARG HXT  H N N 40  
ASN N    N N N 41  
ASN CA   C N S 42  
ASN C    C N N 43  
ASN O    O N N 44  
ASN CB   C N N 45  
ASN CG   C N N 46  
ASN OD1  O N N 47  
ASN ND2  N N N 48  
ASN OXT  O N N 49  
ASN H    H N N 50  
ASN H2   H N N 51  
ASN HA   H N N 52  
ASN HB2  H N N 53  
ASN HB3  H N N 54  
ASN HD21 H N N 55  
ASN HD22 H N N 56  
ASN HXT  H N N 57  
ASP N    N N N 58  
ASP CA   C N S 59  
ASP C    C N N 60  
ASP O    O N N 61  
ASP CB   C N N 62  
ASP CG   C N N 63  
ASP OD1  O N N 64  
ASP OD2  O N N 65  
ASP OXT  O N N 66  
ASP H    H N N 67  
ASP H2   H N N 68  
ASP HA   H N N 69  
ASP HB2  H N N 70  
ASP HB3  H N N 71  
ASP HD2  H N N 72  
ASP HXT  H N N 73  
CYS N    N N N 74  
CYS CA   C N R 75  
CYS C    C N N 76  
CYS O    O N N 77  
CYS CB   C N N 78  
CYS SG   S N N 79  
CYS OXT  O N N 80  
CYS H    H N N 81  
CYS H2   H N N 82  
CYS HA   H N N 83  
CYS HB2  H N N 84  
CYS HB3  H N N 85  
CYS HG   H N N 86  
CYS HXT  H N N 87  
GLN N    N N N 88  
GLN CA   C N S 89  
GLN C    C N N 90  
GLN O    O N N 91  
GLN CB   C N N 92  
GLN CG   C N N 93  
GLN CD   C N N 94  
GLN OE1  O N N 95  
GLN NE2  N N N 96  
GLN OXT  O N N 97  
GLN H    H N N 98  
GLN H2   H N N 99  
GLN HA   H N N 100 
GLN HB2  H N N 101 
GLN HB3  H N N 102 
GLN HG2  H N N 103 
GLN HG3  H N N 104 
GLN HE21 H N N 105 
GLN HE22 H N N 106 
GLN HXT  H N N 107 
GLU N    N N N 108 
GLU CA   C N S 109 
GLU C    C N N 110 
GLU O    O N N 111 
GLU CB   C N N 112 
GLU CG   C N N 113 
GLU CD   C N N 114 
GLU OE1  O N N 115 
GLU OE2  O N N 116 
GLU OXT  O N N 117 
GLU H    H N N 118 
GLU H2   H N N 119 
GLU HA   H N N 120 
GLU HB2  H N N 121 
GLU HB3  H N N 122 
GLU HG2  H N N 123 
GLU HG3  H N N 124 
GLU HE2  H N N 125 
GLU HXT  H N N 126 
GLY N    N N N 127 
GLY CA   C N N 128 
GLY C    C N N 129 
GLY O    O N N 130 
GLY OXT  O N N 131 
GLY H    H N N 132 
GLY H2   H N N 133 
GLY HA2  H N N 134 
GLY HA3  H N N 135 
GLY HXT  H N N 136 
HIS N    N N N 137 
HIS CA   C N S 138 
HIS C    C N N 139 
HIS O    O N N 140 
HIS CB   C N N 141 
HIS CG   C Y N 142 
HIS ND1  N Y N 143 
HIS CD2  C Y N 144 
HIS CE1  C Y N 145 
HIS NE2  N Y N 146 
HIS OXT  O N N 147 
HIS H    H N N 148 
HIS H2   H N N 149 
HIS HA   H N N 150 
HIS HB2  H N N 151 
HIS HB3  H N N 152 
HIS HD1  H N N 153 
HIS HD2  H N N 154 
HIS HE1  H N N 155 
HIS HE2  H N N 156 
HIS HXT  H N N 157 
HOH O    O N N 158 
HOH H1   H N N 159 
HOH H2   H N N 160 
ILE N    N N N 161 
ILE CA   C N S 162 
ILE C    C N N 163 
ILE O    O N N 164 
ILE CB   C N S 165 
ILE CG1  C N N 166 
ILE CG2  C N N 167 
ILE CD1  C N N 168 
ILE OXT  O N N 169 
ILE H    H N N 170 
ILE H2   H N N 171 
ILE HA   H N N 172 
ILE HB   H N N 173 
ILE HG12 H N N 174 
ILE HG13 H N N 175 
ILE HG21 H N N 176 
ILE HG22 H N N 177 
ILE HG23 H N N 178 
ILE HD11 H N N 179 
ILE HD12 H N N 180 
ILE HD13 H N N 181 
ILE HXT  H N N 182 
LEU N    N N N 183 
LEU CA   C N S 184 
LEU C    C N N 185 
LEU O    O N N 186 
LEU CB   C N N 187 
LEU CG   C N N 188 
LEU CD1  C N N 189 
LEU CD2  C N N 190 
LEU OXT  O N N 191 
LEU H    H N N 192 
LEU H2   H N N 193 
LEU HA   H N N 194 
LEU HB2  H N N 195 
LEU HB3  H N N 196 
LEU HG   H N N 197 
LEU HD11 H N N 198 
LEU HD12 H N N 199 
LEU HD13 H N N 200 
LEU HD21 H N N 201 
LEU HD22 H N N 202 
LEU HD23 H N N 203 
LEU HXT  H N N 204 
LYS N    N N N 205 
LYS CA   C N S 206 
LYS C    C N N 207 
LYS O    O N N 208 
LYS CB   C N N 209 
LYS CG   C N N 210 
LYS CD   C N N 211 
LYS CE   C N N 212 
LYS NZ   N N N 213 
LYS OXT  O N N 214 
LYS H    H N N 215 
LYS H2   H N N 216 
LYS HA   H N N 217 
LYS HB2  H N N 218 
LYS HB3  H N N 219 
LYS HG2  H N N 220 
LYS HG3  H N N 221 
LYS HD2  H N N 222 
LYS HD3  H N N 223 
LYS HE2  H N N 224 
LYS HE3  H N N 225 
LYS HZ1  H N N 226 
LYS HZ2  H N N 227 
LYS HZ3  H N N 228 
LYS HXT  H N N 229 
MET N    N N N 230 
MET CA   C N S 231 
MET C    C N N 232 
MET O    O N N 233 
MET CB   C N N 234 
MET CG   C N N 235 
MET SD   S N N 236 
MET CE   C N N 237 
MET OXT  O N N 238 
MET H    H N N 239 
MET H2   H N N 240 
MET HA   H N N 241 
MET HB2  H N N 242 
MET HB3  H N N 243 
MET HG2  H N N 244 
MET HG3  H N N 245 
MET HE1  H N N 246 
MET HE2  H N N 247 
MET HE3  H N N 248 
MET HXT  H N N 249 
PHE N    N N N 250 
PHE CA   C N S 251 
PHE C    C N N 252 
PHE O    O N N 253 
PHE CB   C N N 254 
PHE CG   C Y N 255 
PHE CD1  C Y N 256 
PHE CD2  C Y N 257 
PHE CE1  C Y N 258 
PHE CE2  C Y N 259 
PHE CZ   C Y N 260 
PHE OXT  O N N 261 
PHE H    H N N 262 
PHE H2   H N N 263 
PHE HA   H N N 264 
PHE HB2  H N N 265 
PHE HB3  H N N 266 
PHE HD1  H N N 267 
PHE HD2  H N N 268 
PHE HE1  H N N 269 
PHE HE2  H N N 270 
PHE HZ   H N N 271 
PHE HXT  H N N 272 
PRO N    N N N 273 
PRO CA   C N S 274 
PRO C    C N N 275 
PRO O    O N N 276 
PRO CB   C N N 277 
PRO CG   C N N 278 
PRO CD   C N N 279 
PRO OXT  O N N 280 
PRO H    H N N 281 
PRO HA   H N N 282 
PRO HB2  H N N 283 
PRO HB3  H N N 284 
PRO HG2  H N N 285 
PRO HG3  H N N 286 
PRO HD2  H N N 287 
PRO HD3  H N N 288 
PRO HXT  H N N 289 
SER N    N N N 290 
SER CA   C N S 291 
SER C    C N N 292 
SER O    O N N 293 
SER CB   C N N 294 
SER OG   O N N 295 
SER OXT  O N N 296 
SER H    H N N 297 
SER H2   H N N 298 
SER HA   H N N 299 
SER HB2  H N N 300 
SER HB3  H N N 301 
SER HG   H N N 302 
SER HXT  H N N 303 
THR N    N N N 304 
THR CA   C N S 305 
THR C    C N N 306 
THR O    O N N 307 
THR CB   C N R 308 
THR OG1  O N N 309 
THR CG2  C N N 310 
THR OXT  O N N 311 
THR H    H N N 312 
THR H2   H N N 313 
THR HA   H N N 314 
THR HB   H N N 315 
THR HG1  H N N 316 
THR HG21 H N N 317 
THR HG22 H N N 318 
THR HG23 H N N 319 
THR HXT  H N N 320 
TRP N    N N N 321 
TRP CA   C N S 322 
TRP C    C N N 323 
TRP O    O N N 324 
TRP CB   C N N 325 
TRP CG   C Y N 326 
TRP CD1  C Y N 327 
TRP CD2  C Y N 328 
TRP NE1  N Y N 329 
TRP CE2  C Y N 330 
TRP CE3  C Y N 331 
TRP CZ2  C Y N 332 
TRP CZ3  C Y N 333 
TRP CH2  C Y N 334 
TRP OXT  O N N 335 
TRP H    H N N 336 
TRP H2   H N N 337 
TRP HA   H N N 338 
TRP HB2  H N N 339 
TRP HB3  H N N 340 
TRP HD1  H N N 341 
TRP HE1  H N N 342 
TRP HE3  H N N 343 
TRP HZ2  H N N 344 
TRP HZ3  H N N 345 
TRP HH2  H N N 346 
TRP HXT  H N N 347 
TYR N    N N N 348 
TYR CA   C N S 349 
TYR C    C N N 350 
TYR O    O N N 351 
TYR CB   C N N 352 
TYR CG   C Y N 353 
TYR CD1  C Y N 354 
TYR CD2  C Y N 355 
TYR CE1  C Y N 356 
TYR CE2  C Y N 357 
TYR CZ   C Y N 358 
TYR OH   O N N 359 
TYR OXT  O N N 360 
TYR H    H N N 361 
TYR H2   H N N 362 
TYR HA   H N N 363 
TYR HB2  H N N 364 
TYR HB3  H N N 365 
TYR HD1  H N N 366 
TYR HD2  H N N 367 
TYR HE1  H N N 368 
TYR HE2  H N N 369 
TYR HH   H N N 370 
TYR HXT  H N N 371 
VAL N    N N N 372 
VAL CA   C N S 373 
VAL C    C N N 374 
VAL O    O N N 375 
VAL CB   C N N 376 
VAL CG1  C N N 377 
VAL CG2  C N N 378 
VAL OXT  O N N 379 
VAL H    H N N 380 
VAL H2   H N N 381 
VAL HA   H N N 382 
VAL HB   H N N 383 
VAL HG11 H N N 384 
VAL HG12 H N N 385 
VAL HG13 H N N 386 
VAL HG21 H N N 387 
VAL HG22 H N N 388 
VAL HG23 H N N 389 
VAL HXT  H N N 390 
# 
loop_
_chem_comp_bond.comp_id 
_chem_comp_bond.atom_id_1 
_chem_comp_bond.atom_id_2 
_chem_comp_bond.value_order 
_chem_comp_bond.pdbx_aromatic_flag 
_chem_comp_bond.pdbx_stereo_config 
_chem_comp_bond.pdbx_ordinal 
ALA N   CA   sing N N 1   
ALA N   H    sing N N 2   
ALA N   H2   sing N N 3   
ALA CA  C    sing N N 4   
ALA CA  CB   sing N N 5   
ALA CA  HA   sing N N 6   
ALA C   O    doub N N 7   
ALA C   OXT  sing N N 8   
ALA CB  HB1  sing N N 9   
ALA CB  HB2  sing N N 10  
ALA CB  HB3  sing N N 11  
ALA OXT HXT  sing N N 12  
ARG N   CA   sing N N 13  
ARG N   H    sing N N 14  
ARG N   H2   sing N N 15  
ARG CA  C    sing N N 16  
ARG CA  CB   sing N N 17  
ARG CA  HA   sing N N 18  
ARG C   O    doub N N 19  
ARG C   OXT  sing N N 20  
ARG CB  CG   sing N N 21  
ARG CB  HB2  sing N N 22  
ARG CB  HB3  sing N N 23  
ARG CG  CD   sing N N 24  
ARG CG  HG2  sing N N 25  
ARG CG  HG3  sing N N 26  
ARG CD  NE   sing N N 27  
ARG CD  HD2  sing N N 28  
ARG CD  HD3  sing N N 29  
ARG NE  CZ   sing N N 30  
ARG NE  HE   sing N N 31  
ARG CZ  NH1  sing N N 32  
ARG CZ  NH2  doub N N 33  
ARG NH1 HH11 sing N N 34  
ARG NH1 HH12 sing N N 35  
ARG NH2 HH21 sing N N 36  
ARG NH2 HH22 sing N N 37  
ARG OXT HXT  sing N N 38  
ASN N   CA   sing N N 39  
ASN N   H    sing N N 40  
ASN N   H2   sing N N 41  
ASN CA  C    sing N N 42  
ASN CA  CB   sing N N 43  
ASN CA  HA   sing N N 44  
ASN C   O    doub N N 45  
ASN C   OXT  sing N N 46  
ASN CB  CG   sing N N 47  
ASN CB  HB2  sing N N 48  
ASN CB  HB3  sing N N 49  
ASN CG  OD1  doub N N 50  
ASN CG  ND2  sing N N 51  
ASN ND2 HD21 sing N N 52  
ASN ND2 HD22 sing N N 53  
ASN OXT HXT  sing N N 54  
ASP N   CA   sing N N 55  
ASP N   H    sing N N 56  
ASP N   H2   sing N N 57  
ASP CA  C    sing N N 58  
ASP CA  CB   sing N N 59  
ASP CA  HA   sing N N 60  
ASP C   O    doub N N 61  
ASP C   OXT  sing N N 62  
ASP CB  CG   sing N N 63  
ASP CB  HB2  sing N N 64  
ASP CB  HB3  sing N N 65  
ASP CG  OD1  doub N N 66  
ASP CG  OD2  sing N N 67  
ASP OD2 HD2  sing N N 68  
ASP OXT HXT  sing N N 69  
CYS N   CA   sing N N 70  
CYS N   H    sing N N 71  
CYS N   H2   sing N N 72  
CYS CA  C    sing N N 73  
CYS CA  CB   sing N N 74  
CYS CA  HA   sing N N 75  
CYS C   O    doub N N 76  
CYS C   OXT  sing N N 77  
CYS CB  SG   sing N N 78  
CYS CB  HB2  sing N N 79  
CYS CB  HB3  sing N N 80  
CYS SG  HG   sing N N 81  
CYS OXT HXT  sing N N 82  
GLN N   CA   sing N N 83  
GLN N   H    sing N N 84  
GLN N   H2   sing N N 85  
GLN CA  C    sing N N 86  
GLN CA  CB   sing N N 87  
GLN CA  HA   sing N N 88  
GLN C   O    doub N N 89  
GLN C   OXT  sing N N 90  
GLN CB  CG   sing N N 91  
GLN CB  HB2  sing N N 92  
GLN CB  HB3  sing N N 93  
GLN CG  CD   sing N N 94  
GLN CG  HG2  sing N N 95  
GLN CG  HG3  sing N N 96  
GLN CD  OE1  doub N N 97  
GLN CD  NE2  sing N N 98  
GLN NE2 HE21 sing N N 99  
GLN NE2 HE22 sing N N 100 
GLN OXT HXT  sing N N 101 
GLU N   CA   sing N N 102 
GLU N   H    sing N N 103 
GLU N   H2   sing N N 104 
GLU CA  C    sing N N 105 
GLU CA  CB   sing N N 106 
GLU CA  HA   sing N N 107 
GLU C   O    doub N N 108 
GLU C   OXT  sing N N 109 
GLU CB  CG   sing N N 110 
GLU CB  HB2  sing N N 111 
GLU CB  HB3  sing N N 112 
GLU CG  CD   sing N N 113 
GLU CG  HG2  sing N N 114 
GLU CG  HG3  sing N N 115 
GLU CD  OE1  doub N N 116 
GLU CD  OE2  sing N N 117 
GLU OE2 HE2  sing N N 118 
GLU OXT HXT  sing N N 119 
GLY N   CA   sing N N 120 
GLY N   H    sing N N 121 
GLY N   H2   sing N N 122 
GLY CA  C    sing N N 123 
GLY CA  HA2  sing N N 124 
GLY CA  HA3  sing N N 125 
GLY C   O    doub N N 126 
GLY C   OXT  sing N N 127 
GLY OXT HXT  sing N N 128 
HIS N   CA   sing N N 129 
HIS N   H    sing N N 130 
HIS N   H2   sing N N 131 
HIS CA  C    sing N N 132 
HIS CA  CB   sing N N 133 
HIS CA  HA   sing N N 134 
HIS C   O    doub N N 135 
HIS C   OXT  sing N N 136 
HIS CB  CG   sing N N 137 
HIS CB  HB2  sing N N 138 
HIS CB  HB3  sing N N 139 
HIS CG  ND1  sing Y N 140 
HIS CG  CD2  doub Y N 141 
HIS ND1 CE1  doub Y N 142 
HIS ND1 HD1  sing N N 143 
HIS CD2 NE2  sing Y N 144 
HIS CD2 HD2  sing N N 145 
HIS CE1 NE2  sing Y N 146 
HIS CE1 HE1  sing N N 147 
HIS NE2 HE2  sing N N 148 
HIS OXT HXT  sing N N 149 
HOH O   H1   sing N N 150 
HOH O   H2   sing N N 151 
ILE N   CA   sing N N 152 
ILE N   H    sing N N 153 
ILE N   H2   sing N N 154 
ILE CA  C    sing N N 155 
ILE CA  CB   sing N N 156 
ILE CA  HA   sing N N 157 
ILE C   O    doub N N 158 
ILE C   OXT  sing N N 159 
ILE CB  CG1  sing N N 160 
ILE CB  CG2  sing N N 161 
ILE CB  HB   sing N N 162 
ILE CG1 CD1  sing N N 163 
ILE CG1 HG12 sing N N 164 
ILE CG1 HG13 sing N N 165 
ILE CG2 HG21 sing N N 166 
ILE CG2 HG22 sing N N 167 
ILE CG2 HG23 sing N N 168 
ILE CD1 HD11 sing N N 169 
ILE CD1 HD12 sing N N 170 
ILE CD1 HD13 sing N N 171 
ILE OXT HXT  sing N N 172 
LEU N   CA   sing N N 173 
LEU N   H    sing N N 174 
LEU N   H2   sing N N 175 
LEU CA  C    sing N N 176 
LEU CA  CB   sing N N 177 
LEU CA  HA   sing N N 178 
LEU C   O    doub N N 179 
LEU C   OXT  sing N N 180 
LEU CB  CG   sing N N 181 
LEU CB  HB2  sing N N 182 
LEU CB  HB3  sing N N 183 
LEU CG  CD1  sing N N 184 
LEU CG  CD2  sing N N 185 
LEU CG  HG   sing N N 186 
LEU CD1 HD11 sing N N 187 
LEU CD1 HD12 sing N N 188 
LEU CD1 HD13 sing N N 189 
LEU CD2 HD21 sing N N 190 
LEU CD2 HD22 sing N N 191 
LEU CD2 HD23 sing N N 192 
LEU OXT HXT  sing N N 193 
LYS N   CA   sing N N 194 
LYS N   H    sing N N 195 
LYS N   H2   sing N N 196 
LYS CA  C    sing N N 197 
LYS CA  CB   sing N N 198 
LYS CA  HA   sing N N 199 
LYS C   O    doub N N 200 
LYS C   OXT  sing N N 201 
LYS CB  CG   sing N N 202 
LYS CB  HB2  sing N N 203 
LYS CB  HB3  sing N N 204 
LYS CG  CD   sing N N 205 
LYS CG  HG2  sing N N 206 
LYS CG  HG3  sing N N 207 
LYS CD  CE   sing N N 208 
LYS CD  HD2  sing N N 209 
LYS CD  HD3  sing N N 210 
LYS CE  NZ   sing N N 211 
LYS CE  HE2  sing N N 212 
LYS CE  HE3  sing N N 213 
LYS NZ  HZ1  sing N N 214 
LYS NZ  HZ2  sing N N 215 
LYS NZ  HZ3  sing N N 216 
LYS OXT HXT  sing N N 217 
MET N   CA   sing N N 218 
MET N   H    sing N N 219 
MET N   H2   sing N N 220 
MET CA  C    sing N N 221 
MET CA  CB   sing N N 222 
MET CA  HA   sing N N 223 
MET C   O    doub N N 224 
MET C   OXT  sing N N 225 
MET CB  CG   sing N N 226 
MET CB  HB2  sing N N 227 
MET CB  HB3  sing N N 228 
MET CG  SD   sing N N 229 
MET CG  HG2  sing N N 230 
MET CG  HG3  sing N N 231 
MET SD  CE   sing N N 232 
MET CE  HE1  sing N N 233 
MET CE  HE2  sing N N 234 
MET CE  HE3  sing N N 235 
MET OXT HXT  sing N N 236 
PHE N   CA   sing N N 237 
PHE N   H    sing N N 238 
PHE N   H2   sing N N 239 
PHE CA  C    sing N N 240 
PHE CA  CB   sing N N 241 
PHE CA  HA   sing N N 242 
PHE C   O    doub N N 243 
PHE C   OXT  sing N N 244 
PHE CB  CG   sing N N 245 
PHE CB  HB2  sing N N 246 
PHE CB  HB3  sing N N 247 
PHE CG  CD1  doub Y N 248 
PHE CG  CD2  sing Y N 249 
PHE CD1 CE1  sing Y N 250 
PHE CD1 HD1  sing N N 251 
PHE CD2 CE2  doub Y N 252 
PHE CD2 HD2  sing N N 253 
PHE CE1 CZ   doub Y N 254 
PHE CE1 HE1  sing N N 255 
PHE CE2 CZ   sing Y N 256 
PHE CE2 HE2  sing N N 257 
PHE CZ  HZ   sing N N 258 
PHE OXT HXT  sing N N 259 
PRO N   CA   sing N N 260 
PRO N   CD   sing N N 261 
PRO N   H    sing N N 262 
PRO CA  C    sing N N 263 
PRO CA  CB   sing N N 264 
PRO CA  HA   sing N N 265 
PRO C   O    doub N N 266 
PRO C   OXT  sing N N 267 
PRO CB  CG   sing N N 268 
PRO CB  HB2  sing N N 269 
PRO CB  HB3  sing N N 270 
PRO CG  CD   sing N N 271 
PRO CG  HG2  sing N N 272 
PRO CG  HG3  sing N N 273 
PRO CD  HD2  sing N N 274 
PRO CD  HD3  sing N N 275 
PRO OXT HXT  sing N N 276 
SER N   CA   sing N N 277 
SER N   H    sing N N 278 
SER N   H2   sing N N 279 
SER CA  C    sing N N 280 
SER CA  CB   sing N N 281 
SER CA  HA   sing N N 282 
SER C   O    doub N N 283 
SER C   OXT  sing N N 284 
SER CB  OG   sing N N 285 
SER CB  HB2  sing N N 286 
SER CB  HB3  sing N N 287 
SER OG  HG   sing N N 288 
SER OXT HXT  sing N N 289 
THR N   CA   sing N N 290 
THR N   H    sing N N 291 
THR N   H2   sing N N 292 
THR CA  C    sing N N 293 
THR CA  CB   sing N N 294 
THR CA  HA   sing N N 295 
THR C   O    doub N N 296 
THR C   OXT  sing N N 297 
THR CB  OG1  sing N N 298 
THR CB  CG2  sing N N 299 
THR CB  HB   sing N N 300 
THR OG1 HG1  sing N N 301 
THR CG2 HG21 sing N N 302 
THR CG2 HG22 sing N N 303 
THR CG2 HG23 sing N N 304 
THR OXT HXT  sing N N 305 
TRP N   CA   sing N N 306 
TRP N   H    sing N N 307 
TRP N   H2   sing N N 308 
TRP CA  C    sing N N 309 
TRP CA  CB   sing N N 310 
TRP CA  HA   sing N N 311 
TRP C   O    doub N N 312 
TRP C   OXT  sing N N 313 
TRP CB  CG   sing N N 314 
TRP CB  HB2  sing N N 315 
TRP CB  HB3  sing N N 316 
TRP CG  CD1  doub Y N 317 
TRP CG  CD2  sing Y N 318 
TRP CD1 NE1  sing Y N 319 
TRP CD1 HD1  sing N N 320 
TRP CD2 CE2  doub Y N 321 
TRP CD2 CE3  sing Y N 322 
TRP NE1 CE2  sing Y N 323 
TRP NE1 HE1  sing N N 324 
TRP CE2 CZ2  sing Y N 325 
TRP CE3 CZ3  doub Y N 326 
TRP CE3 HE3  sing N N 327 
TRP CZ2 CH2  doub Y N 328 
TRP CZ2 HZ2  sing N N 329 
TRP CZ3 CH2  sing Y N 330 
TRP CZ3 HZ3  sing N N 331 
TRP CH2 HH2  sing N N 332 
TRP OXT HXT  sing N N 333 
TYR N   CA   sing N N 334 
TYR N   H    sing N N 335 
TYR N   H2   sing N N 336 
TYR CA  C    sing N N 337 
TYR CA  CB   sing N N 338 
TYR CA  HA   sing N N 339 
TYR C   O    doub N N 340 
TYR C   OXT  sing N N 341 
TYR CB  CG   sing N N 342 
TYR CB  HB2  sing N N 343 
TYR CB  HB3  sing N N 344 
TYR CG  CD1  doub Y N 345 
TYR CG  CD2  sing Y N 346 
TYR CD1 CE1  sing Y N 347 
TYR CD1 HD1  sing N N 348 
TYR CD2 CE2  doub Y N 349 
TYR CD2 HD2  sing N N 350 
TYR CE1 CZ   doub Y N 351 
TYR CE1 HE1  sing N N 352 
TYR CE2 CZ   sing Y N 353 
TYR CE2 HE2  sing N N 354 
TYR CZ  OH   sing N N 355 
TYR OH  HH   sing N N 356 
TYR OXT HXT  sing N N 357 
VAL N   CA   sing N N 358 
VAL N   H    sing N N 359 
VAL N   H2   sing N N 360 
VAL CA  C    sing N N 361 
VAL CA  CB   sing N N 362 
VAL CA  HA   sing N N 363 
VAL C   O    doub N N 364 
VAL C   OXT  sing N N 365 
VAL CB  CG1  sing N N 366 
VAL CB  CG2  sing N N 367 
VAL CB  HB   sing N N 368 
VAL CG1 HG11 sing N N 369 
VAL CG1 HG12 sing N N 370 
VAL CG1 HG13 sing N N 371 
VAL CG2 HG21 sing N N 372 
VAL CG2 HG22 sing N N 373 
VAL CG2 HG23 sing N N 374 
VAL OXT HXT  sing N N 375 
# 
_pdbx_entity_nonpoly.entity_id   2 
_pdbx_entity_nonpoly.name        water 
_pdbx_entity_nonpoly.comp_id     HOH 
# 
_pdbx_initial_refinement_model.id               1 
_pdbx_initial_refinement_model.entity_id_list   ? 
_pdbx_initial_refinement_model.type             'experimental model' 
_pdbx_initial_refinement_model.source_name      PDB 
_pdbx_initial_refinement_model.accession_code   2IC8 
_pdbx_initial_refinement_model.details          'PDB ENTRY 2IC8' 
# 
